data_1KH3
#
_entry.id   1KH3
#
_cell.length_a   229.100
_cell.length_b   229.100
_cell.length_c   160.600
_cell.angle_alpha   90.00
_cell.angle_beta   90.00
_cell.angle_gamma   120.00
#
_symmetry.space_group_name_H-M   'H 3'
#
loop_
_entity.id
_entity.type
_entity.pdbx_description
1 polymer 'Argininosuccinate Synthetase'
2 non-polymer 'SULFATE ION'
3 non-polymer 'MAGNESIUM ION'
4 non-polymer 'PHOSPHOAMINOPHOSPHONIC ACID-ADENYLATE ESTER'
5 non-polymer ARGININE
6 non-polymer 'ASPARTIC ACID'
7 water water
#
_entity_poly.entity_id   1
_entity_poly.type   'polypeptide(L)'
_entity_poly.pdbx_seq_one_letter_code
;MKIVLAYSGGLDTSIILKWLKETYRAEVIAFTADIGQGEEVEEAREKALRTGASKAIALDLKEEFVRDFVFPMMRAGAVY
EGYYLLGTSIARPLIAKHLVRIAEEEGAEAIAHGATGKGNDQVRFELTAYALKPDIKVIAPWREWSFQGRKEMIAYAEAH
GIPVPVTQEKPYSMDANLLHISYEGGVLEDPWAEPPKGMFRMTQDPEEAPDAPEYVEVEFFEGDPVAVNGERLSPAALLQ
RLNEIGGRHGVGRVDIVENRFVGMKSRGVYETPGGTILYHARRAVESLTLDREVLHQRDMLSPKYAELVYYGFWYAPERE
ALQAYFDHVARSVTGVARLKLYKGNVYVVGRKAPKSLYRQDLVSFDEAGGYDQKDAEGFIKIQALRLRVRALVEREGHGA
;
_entity_poly.pdbx_strand_id   A,B,C,D
#
# COMPACT_ATOMS: atom_id res chain seq x y z
N MET A 1 -39.21 -20.47 -21.28
CA MET A 1 -37.92 -20.19 -20.60
C MET A 1 -36.73 -20.65 -21.44
N LYS A 2 -35.76 -19.75 -21.62
CA LYS A 2 -34.56 -20.06 -22.37
C LYS A 2 -33.36 -19.90 -21.45
N ILE A 3 -32.37 -20.78 -21.60
CA ILE A 3 -31.17 -20.73 -20.79
C ILE A 3 -29.96 -20.78 -21.70
N VAL A 4 -29.09 -19.78 -21.58
CA VAL A 4 -27.87 -19.76 -22.38
C VAL A 4 -26.80 -20.47 -21.56
N LEU A 5 -26.35 -21.61 -22.08
CA LEU A 5 -25.36 -22.43 -21.41
C LEU A 5 -23.95 -22.32 -21.99
N ALA A 6 -22.97 -22.12 -21.10
CA ALA A 6 -21.58 -22.05 -21.53
C ALA A 6 -21.27 -23.51 -21.77
N TYR A 7 -21.26 -23.90 -23.04
CA TYR A 7 -21.04 -25.29 -23.44
C TYR A 7 -19.65 -25.51 -24.02
N SER A 8 -18.84 -26.31 -23.35
CA SER A 8 -17.49 -26.58 -23.81
C SER A 8 -17.39 -27.82 -24.68
N GLY A 9 -18.49 -28.60 -24.74
CA GLY A 9 -18.52 -29.79 -25.57
C GLY A 9 -18.13 -31.11 -24.95
N GLY A 10 -17.71 -31.11 -23.69
CA GLY A 10 -17.31 -32.34 -23.03
C GLY A 10 -18.47 -33.09 -22.41
N LEU A 11 -18.15 -34.08 -21.58
CA LEU A 11 -19.17 -34.89 -20.91
C LEU A 11 -20.00 -34.08 -19.91
N ASP A 12 -19.33 -33.33 -19.04
CA ASP A 12 -20.04 -32.55 -18.03
C ASP A 12 -21.06 -31.56 -18.57
N THR A 13 -20.66 -30.71 -19.51
CA THR A 13 -21.62 -29.74 -20.03
C THR A 13 -22.67 -30.42 -20.92
N SER A 14 -22.37 -31.60 -21.46
CA SER A 14 -23.32 -32.33 -22.29
C SER A 14 -24.40 -32.84 -21.34
N ILE A 15 -23.97 -33.38 -20.21
CA ILE A 15 -24.88 -33.87 -19.20
C ILE A 15 -25.69 -32.69 -18.69
N ILE A 16 -25.01 -31.57 -18.47
CA ILE A 16 -25.64 -30.36 -17.99
C ILE A 16 -26.71 -29.87 -18.95
N LEU A 17 -26.44 -29.99 -20.25
CA LEU A 17 -27.40 -29.55 -21.25
C LEU A 17 -28.67 -30.39 -21.09
N LYS A 18 -28.51 -31.70 -20.94
CA LYS A 18 -29.68 -32.60 -20.77
C LYS A 18 -30.41 -32.28 -19.47
N TRP A 19 -29.63 -32.19 -18.40
CA TRP A 19 -30.17 -31.89 -17.07
C TRP A 19 -31.00 -30.61 -17.05
N LEU A 20 -30.50 -29.57 -17.73
CA LEU A 20 -31.22 -28.29 -17.77
C LEU A 20 -32.55 -28.36 -18.53
N LYS A 21 -32.57 -29.11 -19.64
CA LYS A 21 -33.80 -29.22 -20.42
C LYS A 21 -34.90 -29.83 -19.56
N GLU A 22 -34.56 -30.93 -18.90
CA GLU A 22 -35.54 -31.63 -18.07
C GLU A 22 -35.88 -30.97 -16.75
N THR A 23 -34.86 -30.49 -16.04
CA THR A 23 -35.07 -29.86 -14.75
C THR A 23 -35.79 -28.53 -14.84
N TYR A 24 -35.41 -27.71 -15.80
CA TYR A 24 -36.04 -26.40 -15.95
C TYR A 24 -37.05 -26.38 -17.07
N ARG A 25 -37.16 -27.51 -17.76
CA ARG A 25 -38.11 -27.64 -18.85
C ARG A 25 -37.95 -26.43 -19.73
N ALA A 26 -36.70 -26.07 -19.98
CA ALA A 26 -36.41 -24.91 -20.80
C ALA A 26 -35.66 -25.22 -22.06
N GLU A 27 -35.69 -24.26 -22.95
CA GLU A 27 -35.00 -24.34 -24.22
C GLU A 27 -33.56 -23.91 -23.91
N VAL A 28 -32.58 -24.71 -24.33
CA VAL A 28 -31.17 -24.40 -24.06
C VAL A 28 -30.38 -23.95 -25.30
N ILE A 29 -29.83 -22.74 -25.23
CA ILE A 29 -29.02 -22.19 -26.31
C ILE A 29 -27.56 -22.36 -25.89
N ALA A 30 -26.84 -23.19 -26.64
CA ALA A 30 -25.44 -23.47 -26.32
C ALA A 30 -24.47 -22.43 -26.88
N PHE A 31 -23.46 -22.10 -26.08
CA PHE A 31 -22.43 -21.15 -26.49
C PHE A 31 -21.06 -21.75 -26.22
N THR A 32 -20.26 -21.83 -27.27
CA THR A 32 -18.92 -22.35 -27.14
C THR A 32 -18.00 -21.28 -27.68
N ALA A 33 -16.93 -21.00 -26.94
CA ALA A 33 -16.00 -19.99 -27.37
C ALA A 33 -14.66 -20.60 -27.72
N ASP A 34 -14.05 -20.06 -28.76
CA ASP A 34 -12.73 -20.52 -29.13
C ASP A 34 -11.78 -19.50 -28.52
N ILE A 35 -11.06 -19.91 -27.48
CA ILE A 35 -10.10 -19.04 -26.83
C ILE A 35 -8.74 -19.72 -26.86
N GLY A 36 -8.56 -20.60 -27.83
CA GLY A 36 -7.31 -21.31 -27.98
C GLY A 36 -7.16 -22.59 -27.18
N GLN A 37 -8.26 -23.30 -26.94
CA GLN A 37 -8.21 -24.56 -26.19
C GLN A 37 -7.58 -25.64 -27.05
N GLY A 38 -7.49 -25.39 -28.35
CA GLY A 38 -6.92 -26.38 -29.23
C GLY A 38 -7.97 -27.46 -29.50
N GLU A 39 -9.22 -27.03 -29.65
CA GLU A 39 -10.32 -27.95 -29.93
C GLU A 39 -11.16 -27.35 -31.04
N GLU A 40 -11.81 -28.20 -31.84
CA GLU A 40 -12.63 -27.68 -32.91
C GLU A 40 -13.95 -27.27 -32.30
N VAL A 41 -14.17 -25.98 -32.18
CA VAL A 41 -15.40 -25.49 -31.59
C VAL A 41 -16.62 -25.87 -32.42
N GLU A 42 -16.49 -25.89 -33.74
CA GLU A 42 -17.63 -26.27 -34.57
C GLU A 42 -18.12 -27.66 -34.19
N GLU A 43 -17.20 -28.56 -33.88
CA GLU A 43 -17.59 -29.90 -33.48
C GLU A 43 -18.45 -29.81 -32.22
N ALA A 44 -18.09 -28.88 -31.34
CA ALA A 44 -18.83 -28.69 -30.11
C ALA A 44 -20.21 -28.15 -30.41
N ARG A 45 -20.27 -27.19 -31.33
CA ARG A 45 -21.55 -26.59 -31.69
C ARG A 45 -22.51 -27.63 -32.27
N GLU A 46 -21.96 -28.58 -33.01
CA GLU A 46 -22.77 -29.63 -33.62
C GLU A 46 -23.21 -30.64 -32.56
N LYS A 47 -22.27 -31.04 -31.72
CA LYS A 47 -22.60 -31.98 -30.66
C LYS A 47 -23.71 -31.41 -29.78
N ALA A 48 -23.70 -30.10 -29.57
CA ALA A 48 -24.72 -29.46 -28.74
C ALA A 48 -26.10 -29.62 -29.36
N LEU A 49 -26.17 -29.44 -30.68
CA LEU A 49 -27.45 -29.59 -31.37
C LEU A 49 -27.93 -31.02 -31.24
N ARG A 50 -27.00 -31.97 -31.29
CA ARG A 50 -27.34 -33.37 -31.17
C ARG A 50 -27.75 -33.71 -29.75
N THR A 51 -27.15 -33.01 -28.79
CA THR A 51 -27.46 -33.25 -27.40
C THR A 51 -28.81 -32.66 -27.01
N GLY A 52 -29.38 -31.82 -27.88
CA GLY A 52 -30.67 -31.25 -27.57
C GLY A 52 -30.81 -29.74 -27.53
N ALA A 53 -29.72 -29.01 -27.77
CA ALA A 53 -29.80 -27.55 -27.74
C ALA A 53 -30.75 -27.06 -28.82
N SER A 54 -31.53 -26.02 -28.51
CA SER A 54 -32.46 -25.47 -29.49
C SER A 54 -31.69 -24.60 -30.47
N LYS A 55 -30.49 -24.21 -30.06
CA LYS A 55 -29.63 -23.37 -30.88
C LYS A 55 -28.23 -23.49 -30.32
N ALA A 56 -27.24 -23.49 -31.21
CA ALA A 56 -25.87 -23.61 -30.76
C ALA A 56 -25.05 -22.51 -31.42
N ILE A 57 -24.26 -21.79 -30.62
CA ILE A 57 -23.43 -20.71 -31.12
C ILE A 57 -21.96 -20.96 -30.81
N ALA A 58 -21.11 -20.67 -31.77
CA ALA A 58 -19.67 -20.84 -31.61
C ALA A 58 -19.00 -19.59 -32.17
N LEU A 59 -18.10 -19.00 -31.39
CA LEU A 59 -17.43 -17.79 -31.83
C LEU A 59 -15.91 -17.86 -31.62
N ASP A 60 -15.19 -17.32 -32.58
CA ASP A 60 -13.73 -17.29 -32.49
C ASP A 60 -13.46 -16.04 -31.67
N LEU A 61 -13.07 -16.21 -30.42
CA LEU A 61 -12.84 -15.05 -29.56
C LEU A 61 -11.37 -14.85 -29.16
N LYS A 62 -10.45 -15.44 -29.92
CA LYS A 62 -9.04 -15.33 -29.59
C LYS A 62 -8.49 -13.90 -29.64
N GLU A 63 -8.88 -13.12 -30.64
CA GLU A 63 -8.40 -11.75 -30.75
C GLU A 63 -8.99 -10.89 -29.64
N GLU A 64 -10.27 -11.05 -29.35
CA GLU A 64 -10.90 -10.26 -28.29
C GLU A 64 -10.26 -10.63 -26.96
N PHE A 65 -9.99 -11.91 -26.77
CA PHE A 65 -9.37 -12.43 -25.56
C PHE A 65 -8.04 -11.74 -25.25
N VAL A 66 -7.09 -11.85 -26.16
CA VAL A 66 -5.77 -11.25 -25.97
C VAL A 66 -5.80 -9.72 -25.93
N ARG A 67 -6.53 -9.12 -26.84
CA ARG A 67 -6.60 -7.67 -26.92
C ARG A 67 -7.32 -6.96 -25.77
N ASP A 68 -8.49 -7.47 -25.35
CA ASP A 68 -9.27 -6.83 -24.29
C ASP A 68 -9.16 -7.40 -22.88
N PHE A 69 -8.45 -8.50 -22.70
CA PHE A 69 -8.33 -9.07 -21.37
C PHE A 69 -6.88 -9.38 -21.02
N VAL A 70 -6.20 -10.16 -21.86
CA VAL A 70 -4.82 -10.51 -21.59
C VAL A 70 -3.89 -9.29 -21.63
N PHE A 71 -4.02 -8.43 -22.64
CA PHE A 71 -3.16 -7.25 -22.76
C PHE A 71 -3.31 -6.24 -21.61
N PRO A 72 -4.55 -5.89 -21.25
CA PRO A 72 -4.75 -4.93 -20.16
C PRO A 72 -4.18 -5.48 -18.86
N MET A 73 -4.35 -6.79 -18.66
CA MET A 73 -3.85 -7.44 -17.46
C MET A 73 -2.33 -7.46 -17.42
N MET A 74 -1.70 -7.69 -18.57
CA MET A 74 -0.25 -7.73 -18.65
C MET A 74 0.35 -6.33 -18.44
N ARG A 75 -0.34 -5.31 -18.92
CA ARG A 75 0.14 -3.94 -18.76
C ARG A 75 0.30 -3.66 -17.28
N ALA A 76 -0.51 -4.35 -16.47
CA ALA A 76 -0.49 -4.18 -15.02
C ALA A 76 0.59 -5.01 -14.30
N GLY A 77 1.32 -5.83 -15.05
CA GLY A 77 2.35 -6.66 -14.45
C GLY A 77 1.74 -7.64 -13.46
N ALA A 78 0.48 -8.00 -13.69
CA ALA A 78 -0.24 -8.89 -12.79
C ALA A 78 0.34 -10.29 -12.60
N VAL A 79 0.61 -10.63 -11.34
CA VAL A 79 1.13 -11.94 -11.00
C VAL A 79 0.51 -12.30 -9.66
N TYR A 80 -0.23 -13.40 -9.61
CA TYR A 80 -0.87 -13.83 -8.37
C TYR A 80 0.07 -14.70 -7.55
N GLU A 81 0.17 -14.35 -6.27
CA GLU A 81 1.01 -15.05 -5.31
C GLU A 81 2.39 -15.44 -5.81
N GLY A 82 3.06 -14.47 -6.43
CA GLY A 82 4.42 -14.65 -6.91
C GLY A 82 4.69 -15.45 -8.18
N TYR A 83 3.72 -16.22 -8.68
CA TYR A 83 3.99 -17.00 -9.87
C TYR A 83 2.87 -17.14 -10.90
N TYR A 84 1.63 -17.25 -10.44
CA TYR A 84 0.52 -17.45 -11.36
C TYR A 84 0.21 -16.30 -12.29
N LEU A 85 0.46 -16.51 -13.58
CA LEU A 85 0.20 -15.49 -14.58
C LEU A 85 -1.27 -15.37 -14.96
N LEU A 86 -2.12 -16.06 -14.19
CA LEU A 86 -3.56 -15.97 -14.33
C LEU A 86 -4.21 -16.40 -15.66
N GLY A 87 -3.66 -17.44 -16.29
CA GLY A 87 -4.19 -17.92 -17.56
C GLY A 87 -5.69 -18.19 -17.61
N THR A 88 -6.20 -18.97 -16.65
CA THR A 88 -7.63 -19.28 -16.63
C THR A 88 -8.46 -18.09 -16.11
N SER A 89 -7.92 -17.40 -15.13
CA SER A 89 -8.59 -16.26 -14.50
C SER A 89 -9.14 -15.19 -15.45
N ILE A 90 -8.30 -14.61 -16.31
CA ILE A 90 -8.75 -13.56 -17.24
C ILE A 90 -9.64 -14.05 -18.37
N ALA A 91 -9.71 -15.36 -18.56
CA ALA A 91 -10.53 -15.91 -19.64
C ALA A 91 -12.01 -15.96 -19.29
N ARG A 92 -12.32 -16.35 -18.06
CA ARG A 92 -13.71 -16.49 -17.62
C ARG A 92 -14.62 -15.27 -17.82
N PRO A 93 -14.13 -14.05 -17.52
CA PRO A 93 -14.94 -12.84 -17.69
C PRO A 93 -15.42 -12.70 -19.14
N LEU A 94 -14.54 -13.07 -20.07
CA LEU A 94 -14.84 -13.00 -21.49
C LEU A 94 -16.04 -13.91 -21.84
N ILE A 95 -15.95 -15.18 -21.43
CA ILE A 95 -17.03 -16.12 -21.69
C ILE A 95 -18.35 -15.60 -21.13
N ALA A 96 -18.37 -15.26 -19.85
CA ALA A 96 -19.59 -14.78 -19.22
C ALA A 96 -20.14 -13.53 -19.89
N LYS A 97 -19.25 -12.66 -20.36
CA LYS A 97 -19.68 -11.44 -21.03
C LYS A 97 -20.54 -11.82 -22.23
N HIS A 98 -20.09 -12.82 -22.97
CA HIS A 98 -20.84 -13.28 -24.13
C HIS A 98 -22.12 -14.00 -23.73
N LEU A 99 -22.08 -14.76 -22.64
CA LEU A 99 -23.27 -15.48 -22.20
C LEU A 99 -24.40 -14.51 -21.95
N VAL A 100 -24.10 -13.44 -21.22
CA VAL A 100 -25.10 -12.42 -20.91
C VAL A 100 -25.58 -11.67 -22.16
N ARG A 101 -24.68 -11.41 -23.09
CA ARG A 101 -25.03 -10.72 -24.31
C ARG A 101 -25.99 -11.60 -25.15
N ILE A 102 -25.65 -12.87 -25.28
CA ILE A 102 -26.47 -13.81 -26.04
C ILE A 102 -27.84 -13.93 -25.37
N ALA A 103 -27.84 -14.03 -24.05
CA ALA A 103 -29.09 -14.13 -23.31
C ALA A 103 -29.94 -12.90 -23.63
N GLU A 104 -29.29 -11.74 -23.77
CA GLU A 104 -30.00 -10.51 -24.08
C GLU A 104 -30.65 -10.60 -25.46
N GLU A 105 -29.87 -11.08 -26.44
CA GLU A 105 -30.34 -11.19 -27.81
C GLU A 105 -31.38 -12.27 -28.06
N GLU A 106 -31.27 -13.38 -27.33
CA GLU A 106 -32.19 -14.51 -27.49
C GLU A 106 -33.41 -14.41 -26.58
N GLY A 107 -33.43 -13.39 -25.72
CA GLY A 107 -34.55 -13.25 -24.81
C GLY A 107 -34.51 -14.32 -23.72
N ALA A 108 -33.30 -14.73 -23.34
CA ALA A 108 -33.14 -15.74 -22.29
C ALA A 108 -33.09 -15.11 -20.91
N GLU A 109 -33.82 -15.70 -19.97
CA GLU A 109 -33.86 -15.18 -18.60
C GLU A 109 -32.69 -15.67 -17.76
N ALA A 110 -32.11 -16.82 -18.14
CA ALA A 110 -31.01 -17.37 -17.38
C ALA A 110 -29.79 -17.78 -18.21
N ILE A 111 -28.69 -18.06 -17.51
CA ILE A 111 -27.47 -18.52 -18.14
C ILE A 111 -26.97 -19.63 -17.23
N ALA A 112 -26.13 -20.50 -17.76
CA ALA A 112 -25.60 -21.60 -16.96
C ALA A 112 -24.16 -21.92 -17.29
N HIS A 113 -23.46 -22.52 -16.34
CA HIS A 113 -22.08 -22.91 -16.52
C HIS A 113 -21.83 -24.16 -15.71
N GLY A 114 -20.78 -24.89 -16.07
CA GLY A 114 -20.47 -26.10 -15.34
C GLY A 114 -19.28 -26.00 -14.42
N ALA A 115 -19.05 -24.82 -13.84
CA ALA A 115 -17.95 -24.66 -12.89
C ALA A 115 -18.46 -25.26 -11.59
N THR A 116 -17.62 -25.97 -10.85
CA THR A 116 -18.07 -26.60 -9.60
C THR A 116 -18.22 -25.58 -8.46
N GLY A 117 -18.83 -26.04 -7.37
CA GLY A 117 -19.04 -25.19 -6.22
C GLY A 117 -17.85 -25.03 -5.29
N LYS A 118 -16.71 -25.62 -5.63
CA LYS A 118 -15.53 -25.50 -4.79
C LYS A 118 -14.35 -24.79 -5.45
N GLY A 119 -14.59 -24.19 -6.61
CA GLY A 119 -13.51 -23.50 -7.29
C GLY A 119 -13.75 -22.02 -7.47
N ASN A 120 -12.81 -21.36 -8.14
CA ASN A 120 -12.85 -19.93 -8.40
C ASN A 120 -13.67 -19.54 -9.64
N ASP A 121 -13.76 -20.43 -10.62
CA ASP A 121 -14.47 -20.09 -11.84
C ASP A 121 -15.94 -19.73 -11.68
N GLN A 122 -16.63 -20.38 -10.74
CA GLN A 122 -18.02 -20.08 -10.50
C GLN A 122 -18.16 -18.60 -10.08
N VAL A 123 -17.21 -18.12 -9.28
CA VAL A 123 -17.24 -16.73 -8.81
C VAL A 123 -16.98 -15.79 -9.97
N ARG A 124 -15.96 -16.11 -10.76
CA ARG A 124 -15.59 -15.31 -11.92
C ARG A 124 -16.78 -15.21 -12.88
N PHE A 125 -17.37 -16.35 -13.22
CA PHE A 125 -18.51 -16.34 -14.14
C PHE A 125 -19.68 -15.49 -13.64
N GLU A 126 -20.06 -15.72 -12.39
CA GLU A 126 -21.20 -15.04 -11.81
C GLU A 126 -21.00 -13.58 -11.44
N LEU A 127 -19.83 -13.24 -10.89
CA LEU A 127 -19.58 -11.85 -10.57
C LEU A 127 -19.68 -11.06 -11.87
N THR A 128 -19.08 -11.56 -12.94
CA THR A 128 -19.15 -10.83 -14.20
C THR A 128 -20.57 -10.77 -14.71
N ALA A 129 -21.29 -11.89 -14.62
CA ALA A 129 -22.68 -11.96 -15.07
C ALA A 129 -23.55 -10.94 -14.33
N TYR A 130 -23.50 -10.96 -13.01
CA TYR A 130 -24.28 -10.04 -12.20
C TYR A 130 -23.90 -8.59 -12.45
N ALA A 131 -22.60 -8.36 -12.63
CA ALA A 131 -22.08 -7.01 -12.86
C ALA A 131 -22.57 -6.41 -14.16
N LEU A 132 -22.62 -7.21 -15.23
CA LEU A 132 -23.05 -6.75 -16.54
C LEU A 132 -24.56 -6.69 -16.70
N LYS A 133 -25.27 -7.61 -16.05
CA LYS A 133 -26.73 -7.66 -16.12
C LYS A 133 -27.21 -8.10 -14.73
N PRO A 134 -27.50 -7.13 -13.85
CA PRO A 134 -27.97 -7.36 -12.47
C PRO A 134 -29.13 -8.32 -12.23
N ASP A 135 -30.12 -8.32 -13.10
CA ASP A 135 -31.27 -9.21 -12.90
C ASP A 135 -31.21 -10.56 -13.62
N ILE A 136 -30.06 -10.88 -14.22
CA ILE A 136 -29.92 -12.15 -14.93
C ILE A 136 -30.05 -13.26 -13.90
N LYS A 137 -30.52 -14.42 -14.32
CA LYS A 137 -30.68 -15.55 -13.42
C LYS A 137 -29.55 -16.50 -13.75
N VAL A 138 -28.91 -17.05 -12.72
CA VAL A 138 -27.80 -17.97 -12.94
C VAL A 138 -28.09 -19.36 -12.40
N ILE A 139 -27.66 -20.38 -13.13
CA ILE A 139 -27.86 -21.75 -12.72
C ILE A 139 -26.54 -22.50 -12.79
N ALA A 140 -26.10 -23.02 -11.65
CA ALA A 140 -24.86 -23.78 -11.56
C ALA A 140 -25.25 -25.18 -11.09
N PRO A 141 -25.51 -26.09 -12.05
CA PRO A 141 -25.90 -27.47 -11.76
C PRO A 141 -25.08 -28.18 -10.68
N TRP A 142 -23.78 -27.96 -10.67
CA TRP A 142 -22.95 -28.62 -9.67
C TRP A 142 -23.39 -28.24 -8.26
N ARG A 143 -24.06 -27.10 -8.13
CA ARG A 143 -24.55 -26.65 -6.84
C ARG A 143 -26.03 -27.04 -6.62
N GLU A 144 -26.71 -27.49 -7.67
CA GLU A 144 -28.14 -27.82 -7.56
C GLU A 144 -28.55 -29.29 -7.64
N TRP A 145 -27.80 -30.10 -8.38
CA TRP A 145 -28.15 -31.50 -8.50
C TRP A 145 -27.59 -32.30 -7.33
N SER A 146 -27.77 -33.61 -7.36
CA SER A 146 -27.25 -34.43 -6.27
C SER A 146 -26.50 -35.69 -6.71
N PHE A 147 -25.89 -35.63 -7.89
CA PHE A 147 -25.13 -36.78 -8.38
C PHE A 147 -24.19 -37.17 -7.27
N GLN A 148 -24.15 -38.46 -6.95
CA GLN A 148 -23.31 -38.93 -5.85
C GLN A 148 -21.93 -39.45 -6.26
N GLY A 149 -21.51 -39.12 -7.47
CA GLY A 149 -20.21 -39.59 -7.92
C GLY A 149 -20.14 -39.67 -9.44
N ARG A 150 -18.97 -40.03 -9.95
CA ARG A 150 -18.76 -40.14 -11.39
C ARG A 150 -19.66 -41.26 -11.93
N LYS A 151 -19.54 -42.43 -11.31
CA LYS A 151 -20.31 -43.60 -11.69
C LYS A 151 -21.74 -43.19 -12.05
N GLU A 152 -22.40 -42.50 -11.12
CA GLU A 152 -23.77 -42.06 -11.33
C GLU A 152 -23.92 -41.05 -12.47
N MET A 153 -22.88 -40.27 -12.73
CA MET A 153 -22.95 -39.29 -13.81
C MET A 153 -22.78 -40.00 -15.16
N ILE A 154 -21.87 -40.96 -15.22
CA ILE A 154 -21.65 -41.73 -16.45
C ILE A 154 -22.96 -42.42 -16.79
N ALA A 155 -23.56 -43.03 -15.78
CA ALA A 155 -24.83 -43.73 -15.96
C ALA A 155 -25.86 -42.80 -16.57
N TYR A 156 -25.97 -41.59 -16.01
CA TYR A 156 -26.93 -40.61 -16.49
C TYR A 156 -26.71 -40.25 -17.95
N ALA A 157 -25.46 -40.06 -18.32
CA ALA A 157 -25.12 -39.70 -19.69
C ALA A 157 -25.46 -40.86 -20.64
N GLU A 158 -25.03 -42.07 -20.28
CA GLU A 158 -25.31 -43.23 -21.11
C GLU A 158 -26.81 -43.31 -21.38
N ALA A 159 -27.60 -43.09 -20.31
CA ALA A 159 -29.04 -43.12 -20.43
C ALA A 159 -29.55 -42.21 -21.55
N HIS A 160 -28.94 -41.04 -21.71
CA HIS A 160 -29.37 -40.11 -22.75
C HIS A 160 -28.56 -40.25 -24.02
N GLY A 161 -27.82 -41.35 -24.13
CA GLY A 161 -27.03 -41.58 -25.32
C GLY A 161 -25.89 -40.60 -25.49
N ILE A 162 -25.43 -40.01 -24.38
CA ILE A 162 -24.32 -39.08 -24.44
C ILE A 162 -23.04 -39.89 -24.40
N PRO A 163 -22.25 -39.87 -25.48
CA PRO A 163 -21.01 -40.66 -25.46
C PRO A 163 -20.14 -40.39 -24.23
N VAL A 164 -19.71 -41.47 -23.58
CA VAL A 164 -18.90 -41.41 -22.37
C VAL A 164 -17.52 -42.03 -22.62
N PRO A 165 -16.48 -41.19 -22.78
CA PRO A 165 -15.12 -41.67 -23.03
C PRO A 165 -14.58 -42.57 -21.92
N PRO A 171 -6.00 -38.38 -14.80
CA PRO A 171 -5.39 -38.45 -13.45
C PRO A 171 -5.19 -37.05 -12.85
N TYR A 172 -5.74 -36.06 -13.55
CA TYR A 172 -5.68 -34.66 -13.11
C TYR A 172 -6.59 -33.85 -14.01
N SER A 173 -6.99 -32.68 -13.52
CA SER A 173 -7.86 -31.77 -14.24
C SER A 173 -7.03 -30.77 -15.04
N MET A 174 -7.55 -30.32 -16.18
CA MET A 174 -6.84 -29.38 -17.02
C MET A 174 -7.71 -28.29 -17.60
N ASP A 175 -7.10 -27.15 -17.89
CA ASP A 175 -7.75 -26.04 -18.57
C ASP A 175 -6.71 -25.46 -19.50
N ALA A 176 -7.11 -25.21 -20.75
CA ALA A 176 -6.17 -24.69 -21.72
C ALA A 176 -6.78 -23.64 -22.62
N ASN A 177 -6.01 -22.60 -22.90
CA ASN A 177 -6.41 -21.51 -23.76
C ASN A 177 -5.15 -20.88 -24.34
N LEU A 178 -5.32 -19.82 -25.12
CA LEU A 178 -4.20 -19.15 -25.77
C LEU A 178 -3.11 -18.66 -24.82
N LEU A 179 -3.47 -18.40 -23.56
CA LEU A 179 -2.49 -17.90 -22.59
C LEU A 179 -1.70 -19.01 -21.90
N HIS A 180 -2.36 -20.08 -21.51
CA HIS A 180 -1.64 -21.16 -20.84
C HIS A 180 -2.39 -22.48 -20.81
N ILE A 181 -1.76 -23.47 -20.21
CA ILE A 181 -2.41 -24.74 -20.00
C ILE A 181 -2.14 -24.99 -18.53
N SER A 182 -3.22 -25.33 -17.84
CA SER A 182 -3.20 -25.54 -16.40
C SER A 182 -3.50 -26.97 -15.99
N TYR A 183 -2.93 -27.40 -14.87
CA TYR A 183 -3.14 -28.75 -14.34
C TYR A 183 -3.26 -28.76 -12.81
N GLU A 184 -4.29 -29.42 -12.31
CA GLU A 184 -4.51 -29.54 -10.87
C GLU A 184 -5.47 -30.68 -10.55
N GLY A 185 -5.42 -31.14 -9.30
CA GLY A 185 -6.29 -32.23 -8.88
C GLY A 185 -5.63 -33.58 -9.07
N GLY A 186 -6.38 -34.62 -8.74
CA GLY A 186 -5.87 -35.97 -8.88
C GLY A 186 -4.51 -36.22 -8.29
N VAL A 187 -3.61 -36.76 -9.11
CA VAL A 187 -2.26 -37.08 -8.70
C VAL A 187 -1.47 -35.84 -8.24
N LEU A 188 -1.97 -34.67 -8.59
CA LEU A 188 -1.32 -33.41 -8.24
C LEU A 188 -1.65 -32.89 -6.84
N GLU A 189 -2.71 -33.44 -6.24
CA GLU A 189 -3.15 -33.01 -4.92
C GLU A 189 -2.14 -33.16 -3.77
N ASP A 190 -1.14 -34.02 -3.94
CA ASP A 190 -0.10 -34.20 -2.92
C ASP A 190 1.04 -33.24 -3.29
N PRO A 191 1.10 -32.08 -2.61
CA PRO A 191 2.13 -31.07 -2.86
C PRO A 191 3.57 -31.53 -2.73
N TRP A 192 3.79 -32.70 -2.15
CA TRP A 192 5.15 -33.21 -2.01
C TRP A 192 5.54 -34.04 -3.22
N ALA A 193 4.56 -34.33 -4.08
CA ALA A 193 4.82 -35.14 -5.27
C ALA A 193 5.04 -34.33 -6.54
N GLU A 194 6.13 -34.61 -7.24
CA GLU A 194 6.43 -33.91 -8.48
C GLU A 194 5.41 -34.34 -9.55
N PRO A 195 5.05 -33.46 -10.50
CA PRO A 195 4.09 -33.90 -11.50
C PRO A 195 4.64 -35.11 -12.26
N PRO A 196 3.76 -35.91 -12.88
CA PRO A 196 4.27 -37.07 -13.62
C PRO A 196 4.88 -36.64 -14.94
N LYS A 197 5.84 -37.42 -15.42
CA LYS A 197 6.49 -37.07 -16.69
C LYS A 197 5.49 -37.16 -17.84
N GLY A 198 5.67 -36.28 -18.82
CA GLY A 198 4.79 -36.29 -19.97
C GLY A 198 3.49 -35.52 -19.79
N MET A 199 3.22 -35.06 -18.58
CA MET A 199 1.99 -34.31 -18.32
C MET A 199 1.87 -33.04 -19.16
N PHE A 200 2.98 -32.32 -19.34
CA PHE A 200 2.97 -31.08 -20.10
C PHE A 200 2.62 -31.23 -21.56
N ARG A 201 1.85 -30.27 -22.06
CA ARG A 201 1.40 -30.30 -23.45
C ARG A 201 1.88 -29.15 -24.30
N MET A 202 1.68 -27.93 -23.83
CA MET A 202 2.05 -26.74 -24.56
C MET A 202 3.55 -26.48 -24.63
N THR A 203 4.30 -27.04 -23.69
CA THR A 203 5.74 -26.81 -23.70
C THR A 203 6.55 -28.09 -23.73
N GLN A 204 7.64 -28.03 -24.48
CA GLN A 204 8.57 -29.15 -24.60
C GLN A 204 9.28 -29.31 -23.26
N ASP A 205 9.59 -30.54 -22.90
CA ASP A 205 10.31 -30.79 -21.66
C ASP A 205 11.72 -30.19 -21.81
N PRO A 206 12.13 -29.35 -20.86
CA PRO A 206 13.45 -28.69 -20.87
C PRO A 206 14.59 -29.65 -21.20
N GLU A 207 14.49 -30.89 -20.76
CA GLU A 207 15.53 -31.87 -21.02
C GLU A 207 15.54 -32.29 -22.48
N GLU A 208 14.45 -31.97 -23.20
CA GLU A 208 14.31 -32.28 -24.62
C GLU A 208 14.34 -31.02 -25.50
N ALA A 209 14.64 -29.88 -24.89
CA ALA A 209 14.71 -28.63 -25.63
C ALA A 209 15.95 -28.59 -26.51
N PRO A 210 15.97 -27.70 -27.51
CA PRO A 210 17.10 -27.57 -28.43
C PRO A 210 18.45 -27.35 -27.72
N ASP A 211 19.51 -27.89 -28.32
CA ASP A 211 20.85 -27.76 -27.75
C ASP A 211 21.45 -26.38 -27.97
N ALA A 212 20.82 -25.59 -28.83
CA ALA A 212 21.31 -24.25 -29.09
C ALA A 212 20.30 -23.24 -28.56
N PRO A 213 20.79 -22.13 -27.99
CA PRO A 213 19.84 -21.15 -27.48
C PRO A 213 19.23 -20.39 -28.65
N GLU A 214 18.06 -19.78 -28.43
CA GLU A 214 17.41 -19.01 -29.48
C GLU A 214 17.12 -17.61 -28.98
N TYR A 215 17.44 -16.61 -29.80
CA TYR A 215 17.20 -15.22 -29.48
C TYR A 215 15.89 -14.78 -30.09
N VAL A 216 15.16 -13.95 -29.36
CA VAL A 216 13.89 -13.42 -29.81
C VAL A 216 13.83 -11.95 -29.42
N GLU A 217 13.16 -11.16 -30.24
CA GLU A 217 12.99 -9.74 -29.97
C GLU A 217 11.50 -9.44 -29.98
N VAL A 218 11.04 -8.71 -28.98
CA VAL A 218 9.64 -8.35 -28.89
C VAL A 218 9.57 -6.83 -28.77
N GLU A 219 8.74 -6.24 -29.63
CA GLU A 219 8.54 -4.80 -29.64
C GLU A 219 7.24 -4.44 -28.94
N PHE A 220 7.28 -3.39 -28.13
CA PHE A 220 6.09 -2.90 -27.44
C PHE A 220 5.85 -1.50 -27.95
N PHE A 221 4.60 -1.13 -28.16
CA PHE A 221 4.37 0.22 -28.63
C PHE A 221 4.00 1.08 -27.45
N GLU A 222 2.74 1.12 -27.07
CA GLU A 222 2.39 1.95 -25.92
C GLU A 222 1.85 1.07 -24.84
N GLY A 223 2.69 0.15 -24.37
CA GLY A 223 2.28 -0.77 -23.33
C GLY A 223 1.89 -2.15 -23.84
N ASP A 224 1.71 -2.30 -25.16
CA ASP A 224 1.34 -3.59 -25.74
C ASP A 224 2.33 -4.12 -26.75
N PRO A 225 2.58 -5.45 -26.73
CA PRO A 225 3.53 -6.04 -27.69
C PRO A 225 2.90 -6.00 -29.08
N VAL A 226 3.61 -5.40 -30.04
CA VAL A 226 3.09 -5.26 -31.40
C VAL A 226 3.86 -6.01 -32.48
N ALA A 227 5.00 -6.60 -32.12
CA ALA A 227 5.80 -7.33 -33.08
C ALA A 227 6.75 -8.33 -32.44
N VAL A 228 7.14 -9.35 -33.22
CA VAL A 228 8.07 -10.38 -32.78
C VAL A 228 9.08 -10.58 -33.90
N ASN A 229 10.35 -10.43 -33.55
CA ASN A 229 11.44 -10.57 -34.51
C ASN A 229 11.23 -9.68 -35.73
N GLY A 230 10.70 -8.49 -35.50
CA GLY A 230 10.50 -7.56 -36.60
C GLY A 230 9.20 -7.74 -37.36
N GLU A 231 8.44 -8.79 -37.06
CA GLU A 231 7.19 -8.99 -37.78
C GLU A 231 5.99 -8.48 -36.97
N ARG A 232 5.29 -7.51 -37.52
CA ARG A 232 4.12 -7.00 -36.82
C ARG A 232 3.06 -8.10 -36.80
N LEU A 233 2.48 -8.34 -35.63
CA LEU A 233 1.47 -9.36 -35.45
C LEU A 233 0.31 -8.89 -34.58
N SER A 234 -0.90 -9.30 -34.92
CA SER A 234 -2.08 -8.94 -34.16
C SER A 234 -1.95 -9.60 -32.79
N PRO A 235 -2.69 -9.08 -31.79
CA PRO A 235 -2.66 -9.62 -30.43
C PRO A 235 -2.66 -11.13 -30.34
N ALA A 236 -3.69 -11.77 -30.89
CA ALA A 236 -3.78 -13.22 -30.83
C ALA A 236 -2.64 -13.91 -31.58
N ALA A 237 -2.32 -13.40 -32.76
CA ALA A 237 -1.25 -14.00 -33.55
C ALA A 237 0.10 -13.86 -32.84
N LEU A 238 0.28 -12.76 -32.12
CA LEU A 238 1.53 -12.54 -31.42
C LEU A 238 1.69 -13.49 -30.22
N LEU A 239 0.61 -13.74 -29.50
CA LEU A 239 0.67 -14.63 -28.34
C LEU A 239 0.98 -16.04 -28.85
N GLN A 240 0.34 -16.40 -29.96
CA GLN A 240 0.53 -17.71 -30.57
C GLN A 240 1.99 -17.90 -30.99
N ARG A 241 2.55 -16.88 -31.62
CA ARG A 241 3.94 -16.96 -32.07
C ARG A 241 4.92 -17.14 -30.90
N LEU A 242 4.70 -16.40 -29.82
CA LEU A 242 5.58 -16.51 -28.66
C LEU A 242 5.36 -17.84 -27.93
N ASN A 243 4.17 -18.41 -28.05
CA ASN A 243 3.91 -19.71 -27.43
C ASN A 243 4.72 -20.77 -28.17
N GLU A 244 4.81 -20.63 -29.49
CA GLU A 244 5.55 -21.57 -30.31
C GLU A 244 7.03 -21.46 -30.00
N ILE A 245 7.54 -20.23 -30.02
CA ILE A 245 8.94 -19.98 -29.75
C ILE A 245 9.30 -20.37 -28.32
N GLY A 246 8.51 -19.93 -27.35
CA GLY A 246 8.78 -20.27 -25.97
C GLY A 246 8.52 -21.74 -25.66
N GLY A 247 7.44 -22.27 -26.21
CA GLY A 247 7.10 -23.66 -25.98
C GLY A 247 8.18 -24.63 -26.42
N ARG A 248 8.75 -24.41 -27.61
CA ARG A 248 9.80 -25.28 -28.12
C ARG A 248 10.95 -25.37 -27.14
N HIS A 249 11.18 -24.30 -26.37
CA HIS A 249 12.28 -24.31 -25.41
C HIS A 249 11.89 -24.69 -23.99
N GLY A 250 10.63 -25.04 -23.77
CA GLY A 250 10.19 -25.44 -22.45
C GLY A 250 10.08 -24.31 -21.42
N VAL A 251 9.83 -23.11 -21.92
CA VAL A 251 9.71 -21.92 -21.09
C VAL A 251 8.34 -21.72 -20.44
N GLY A 252 8.34 -21.11 -19.25
CA GLY A 252 7.10 -20.79 -18.57
C GLY A 252 6.42 -21.82 -17.68
N ARG A 253 7.18 -22.72 -17.09
CA ARG A 253 6.61 -23.75 -16.21
C ARG A 253 6.68 -23.37 -14.73
N VAL A 254 5.54 -23.46 -14.05
CA VAL A 254 5.45 -23.13 -12.63
C VAL A 254 4.65 -24.19 -11.84
N ASP A 255 5.08 -24.46 -10.61
CA ASP A 255 4.45 -25.45 -9.73
C ASP A 255 4.16 -24.73 -8.40
N ILE A 256 2.90 -24.44 -8.12
CA ILE A 256 2.56 -23.73 -6.89
C ILE A 256 1.39 -24.27 -6.08
N VAL A 257 1.32 -23.86 -4.83
CA VAL A 257 0.20 -24.21 -3.96
C VAL A 257 -0.42 -22.83 -3.75
N GLU A 258 -1.59 -22.61 -4.36
CA GLU A 258 -2.27 -21.33 -4.31
C GLU A 258 -3.45 -21.27 -3.35
N ASN A 259 -3.85 -20.06 -2.99
CA ASN A 259 -4.99 -19.86 -2.11
C ASN A 259 -6.19 -19.50 -2.97
N ARG A 260 -7.22 -20.35 -2.95
CA ARG A 260 -8.43 -20.07 -3.74
C ARG A 260 -9.23 -19.01 -3.03
N PHE A 261 -10.08 -18.31 -3.79
CA PHE A 261 -10.91 -17.28 -3.26
C PHE A 261 -11.97 -17.86 -2.33
N VAL A 262 -12.36 -19.11 -2.58
CA VAL A 262 -13.39 -19.70 -1.73
C VAL A 262 -12.88 -20.35 -0.46
N GLY A 263 -11.65 -20.03 -0.05
CA GLY A 263 -11.15 -20.55 1.21
C GLY A 263 -10.05 -21.58 1.39
N MET A 264 -9.80 -22.46 0.42
CA MET A 264 -8.75 -23.47 0.62
C MET A 264 -7.59 -23.38 -0.32
N LYS A 265 -6.51 -24.06 0.03
CA LYS A 265 -5.31 -24.09 -0.78
C LYS A 265 -5.47 -25.18 -1.85
N SER A 266 -4.79 -24.98 -2.96
CA SER A 266 -4.87 -25.92 -4.08
C SER A 266 -3.50 -25.96 -4.80
N ARG A 267 -3.04 -27.16 -5.11
CA ARG A 267 -1.76 -27.33 -5.80
C ARG A 267 -1.99 -27.28 -7.30
N GLY A 268 -1.37 -26.30 -7.96
CA GLY A 268 -1.53 -26.15 -9.40
C GLY A 268 -0.21 -26.08 -10.16
N VAL A 269 -0.24 -26.50 -11.41
CA VAL A 269 0.91 -26.50 -12.29
C VAL A 269 0.51 -25.75 -13.55
N TYR A 270 1.33 -24.79 -13.95
CA TYR A 270 1.00 -23.97 -15.11
C TYR A 270 2.14 -23.76 -16.09
N GLU A 271 1.81 -23.82 -17.39
CA GLU A 271 2.80 -23.57 -18.43
C GLU A 271 2.29 -22.38 -19.23
N THR A 272 3.08 -21.31 -19.25
CA THR A 272 2.72 -20.07 -19.94
C THR A 272 3.93 -19.59 -20.73
N PRO A 273 4.33 -20.34 -21.78
CA PRO A 273 5.48 -19.98 -22.60
C PRO A 273 5.48 -18.56 -23.15
N GLY A 274 4.43 -18.20 -23.88
CA GLY A 274 4.37 -16.86 -24.47
C GLY A 274 4.23 -15.75 -23.44
N GLY A 275 3.34 -15.94 -22.48
CA GLY A 275 3.13 -14.93 -21.45
C GLY A 275 4.36 -14.70 -20.58
N THR A 276 5.15 -15.75 -20.39
CA THR A 276 6.34 -15.66 -19.56
C THR A 276 7.40 -14.83 -20.30
N ILE A 277 7.50 -15.05 -21.60
CA ILE A 277 8.44 -14.28 -22.41
C ILE A 277 8.01 -12.82 -22.38
N LEU A 278 6.70 -12.58 -22.52
CA LEU A 278 6.18 -11.22 -22.52
C LEU A 278 6.39 -10.53 -21.17
N TYR A 279 6.25 -11.28 -20.08
CA TYR A 279 6.45 -10.70 -18.74
C TYR A 279 7.85 -10.10 -18.59
N HIS A 280 8.88 -10.87 -18.92
CA HIS A 280 10.25 -10.39 -18.81
C HIS A 280 10.59 -9.38 -19.88
N ALA A 281 9.98 -9.53 -21.06
CA ALA A 281 10.24 -8.62 -22.17
C ALA A 281 9.68 -7.24 -21.80
N ARG A 282 8.50 -7.23 -21.19
CA ARG A 282 7.86 -5.99 -20.77
C ARG A 282 8.72 -5.26 -19.73
N ARG A 283 9.13 -5.96 -18.67
CA ARG A 283 9.93 -5.33 -17.64
C ARG A 283 11.25 -4.81 -18.22
N ALA A 284 11.79 -5.52 -19.21
CA ALA A 284 13.03 -5.11 -19.85
C ALA A 284 12.85 -3.74 -20.51
N VAL A 285 11.75 -3.55 -21.23
CA VAL A 285 11.49 -2.25 -21.87
C VAL A 285 11.15 -1.20 -20.80
N GLU A 286 10.41 -1.61 -19.77
CA GLU A 286 10.05 -0.68 -18.71
C GLU A 286 11.30 -0.16 -18.00
N SER A 287 12.34 -0.99 -17.94
CA SER A 287 13.57 -0.61 -17.25
C SER A 287 14.29 0.59 -17.89
N LEU A 288 13.94 0.93 -19.12
CA LEU A 288 14.55 2.07 -19.79
C LEU A 288 13.55 3.20 -19.92
N THR A 289 12.28 2.85 -20.00
CA THR A 289 11.24 3.86 -20.19
C THR A 289 10.45 4.34 -18.98
N LEU A 290 10.46 3.58 -17.89
CA LEU A 290 9.72 4.01 -16.71
C LEU A 290 10.56 4.76 -15.69
N ASP A 291 9.96 5.72 -15.02
CA ASP A 291 10.65 6.47 -14.00
C ASP A 291 10.76 5.61 -12.75
N ARG A 292 11.85 5.78 -12.01
CA ARG A 292 12.09 5.00 -10.80
C ARG A 292 10.93 4.98 -9.80
N GLU A 293 10.44 6.15 -9.41
CA GLU A 293 9.35 6.19 -8.44
C GLU A 293 8.04 5.65 -8.99
N VAL A 294 7.78 5.86 -10.27
CA VAL A 294 6.58 5.35 -10.90
C VAL A 294 6.64 3.81 -10.87
N LEU A 295 7.80 3.27 -11.22
CA LEU A 295 7.97 1.81 -11.22
C LEU A 295 7.72 1.21 -9.85
N HIS A 296 8.32 1.79 -8.82
CA HIS A 296 8.17 1.27 -7.46
C HIS A 296 6.71 1.29 -6.97
N GLN A 297 5.97 2.34 -7.32
CA GLN A 297 4.58 2.44 -6.91
C GLN A 297 3.75 1.38 -7.66
N ARG A 298 4.01 1.28 -8.97
CA ARG A 298 3.34 0.33 -9.82
C ARG A 298 3.48 -1.10 -9.27
N ASP A 299 4.72 -1.52 -9.03
CA ASP A 299 4.96 -2.86 -8.52
C ASP A 299 4.29 -3.16 -7.18
N MET A 300 4.00 -2.13 -6.40
CA MET A 300 3.35 -2.36 -5.13
C MET A 300 1.84 -2.50 -5.28
N LEU A 301 1.32 -2.10 -6.44
CA LEU A 301 -0.10 -2.21 -6.71
C LEU A 301 -0.43 -3.44 -7.55
N SER A 302 0.53 -3.91 -8.32
CA SER A 302 0.34 -5.08 -9.17
C SER A 302 -0.33 -6.24 -8.45
N PRO A 303 0.20 -6.66 -7.28
CA PRO A 303 -0.38 -7.79 -6.53
C PRO A 303 -1.86 -7.66 -6.19
N LYS A 304 -2.32 -6.43 -5.95
CA LYS A 304 -3.72 -6.20 -5.61
C LYS A 304 -4.55 -6.48 -6.85
N TYR A 305 -4.07 -5.97 -7.98
CA TYR A 305 -4.73 -6.14 -9.26
C TYR A 305 -4.82 -7.65 -9.56
N ALA A 306 -3.71 -8.35 -9.36
CA ALA A 306 -3.66 -9.78 -9.60
C ALA A 306 -4.73 -10.53 -8.84
N GLU A 307 -4.88 -10.22 -7.56
CA GLU A 307 -5.87 -10.90 -6.75
C GLU A 307 -7.28 -10.54 -7.20
N LEU A 308 -7.45 -9.35 -7.77
CA LEU A 308 -8.76 -8.94 -8.26
C LEU A 308 -9.13 -9.85 -9.43
N VAL A 309 -8.18 -10.04 -10.34
CA VAL A 309 -8.39 -10.90 -11.50
C VAL A 309 -8.67 -12.34 -11.04
N TYR A 310 -7.80 -12.85 -10.17
CA TYR A 310 -7.92 -14.20 -9.65
C TYR A 310 -9.27 -14.44 -8.98
N TYR A 311 -9.73 -13.45 -8.20
CA TYR A 311 -11.00 -13.53 -7.49
C TYR A 311 -12.21 -13.42 -8.42
N GLY A 312 -12.05 -12.76 -9.55
CA GLY A 312 -13.14 -12.62 -10.49
C GLY A 312 -13.71 -11.22 -10.59
N PHE A 313 -13.06 -10.24 -9.96
CA PHE A 313 -13.55 -8.87 -10.02
C PHE A 313 -12.94 -8.18 -11.24
N TRP A 314 -13.35 -8.59 -12.44
CA TRP A 314 -12.82 -7.97 -13.65
C TRP A 314 -13.69 -6.80 -14.03
N TYR A 315 -14.99 -7.02 -14.11
CA TYR A 315 -15.91 -5.94 -14.43
C TYR A 315 -16.36 -5.38 -13.08
N ALA A 316 -15.39 -4.82 -12.36
CA ALA A 316 -15.60 -4.23 -11.05
C ALA A 316 -14.92 -2.85 -11.03
N PRO A 317 -15.53 -1.87 -10.36
CA PRO A 317 -14.96 -0.53 -10.29
C PRO A 317 -13.51 -0.44 -9.77
N GLU A 318 -13.15 -1.26 -8.79
CA GLU A 318 -11.78 -1.24 -8.26
C GLU A 318 -10.75 -1.58 -9.33
N ARG A 319 -11.02 -2.66 -10.06
CA ARG A 319 -10.11 -3.09 -11.10
C ARG A 319 -10.05 -2.04 -12.21
N GLU A 320 -11.20 -1.49 -12.55
CA GLU A 320 -11.26 -0.46 -13.58
C GLU A 320 -10.47 0.79 -13.15
N ALA A 321 -10.50 1.11 -11.86
CA ALA A 321 -9.78 2.26 -11.34
C ALA A 321 -8.27 2.03 -11.41
N LEU A 322 -7.81 0.88 -10.94
CA LEU A 322 -6.40 0.56 -11.01
C LEU A 322 -5.93 0.52 -12.47
N GLN A 323 -6.81 0.05 -13.35
CA GLN A 323 -6.45 -0.03 -14.77
C GLN A 323 -6.11 1.35 -15.30
N ALA A 324 -6.80 2.37 -14.81
CA ALA A 324 -6.55 3.74 -15.24
C ALA A 324 -5.10 4.10 -14.88
N TYR A 325 -4.67 3.69 -13.69
CA TYR A 325 -3.29 3.96 -13.25
C TYR A 325 -2.32 3.17 -14.12
N PHE A 326 -2.52 1.86 -14.19
CA PHE A 326 -1.64 1.00 -14.97
C PHE A 326 -1.53 1.41 -16.44
N ASP A 327 -2.67 1.75 -17.06
CA ASP A 327 -2.66 2.15 -18.46
C ASP A 327 -1.87 3.45 -18.64
N HIS A 328 -2.08 4.40 -17.72
CA HIS A 328 -1.36 5.67 -17.77
C HIS A 328 0.14 5.37 -17.80
N VAL A 329 0.59 4.54 -16.87
CA VAL A 329 2.00 4.16 -16.77
C VAL A 329 2.50 3.40 -17.99
N ALA A 330 1.74 2.40 -18.40
CA ALA A 330 2.11 1.55 -19.55
C ALA A 330 2.27 2.29 -20.87
N ARG A 331 1.62 3.45 -21.00
CA ARG A 331 1.70 4.22 -22.23
C ARG A 331 3.13 4.65 -22.59
N SER A 332 4.03 4.63 -21.61
CA SER A 332 5.41 5.02 -21.83
C SER A 332 6.25 3.83 -22.28
N VAL A 333 5.71 2.63 -22.12
CA VAL A 333 6.45 1.42 -22.47
C VAL A 333 6.51 1.21 -23.99
N THR A 334 7.52 1.83 -24.60
CA THR A 334 7.76 1.76 -26.03
C THR A 334 9.22 1.43 -26.29
N GLY A 335 9.45 0.28 -26.92
CA GLY A 335 10.80 -0.13 -27.21
C GLY A 335 10.87 -1.59 -27.58
N VAL A 336 12.08 -2.14 -27.55
CA VAL A 336 12.30 -3.54 -27.89
C VAL A 336 13.09 -4.29 -26.85
N ALA A 337 12.62 -5.49 -26.53
CA ALA A 337 13.30 -6.36 -25.58
C ALA A 337 13.92 -7.49 -26.39
N ARG A 338 15.16 -7.85 -26.07
CA ARG A 338 15.84 -8.94 -26.75
C ARG A 338 16.13 -10.00 -25.69
N LEU A 339 15.56 -11.20 -25.89
CA LEU A 339 15.73 -12.28 -24.95
C LEU A 339 16.42 -13.52 -25.54
N LYS A 340 17.00 -14.31 -24.66
CA LYS A 340 17.71 -15.53 -25.03
C LYS A 340 17.00 -16.69 -24.36
N LEU A 341 16.49 -17.62 -25.17
CA LEU A 341 15.77 -18.77 -24.65
C LEU A 341 16.66 -20.00 -24.67
N TYR A 342 16.66 -20.75 -23.57
CA TYR A 342 17.49 -21.94 -23.50
C TYR A 342 16.96 -22.90 -22.44
N LYS A 343 16.75 -24.14 -22.86
CA LYS A 343 16.26 -25.22 -22.02
C LYS A 343 15.51 -24.84 -20.73
N GLY A 344 14.29 -24.34 -20.91
CA GLY A 344 13.44 -23.97 -19.78
C GLY A 344 13.52 -22.53 -19.30
N ASN A 345 14.61 -21.85 -19.64
CA ASN A 345 14.82 -20.49 -19.18
C ASN A 345 14.70 -19.37 -20.20
N VAL A 346 14.37 -18.18 -19.70
CA VAL A 346 14.26 -16.98 -20.51
C VAL A 346 15.21 -15.95 -19.93
N TYR A 347 16.22 -15.54 -20.69
CA TYR A 347 17.18 -14.55 -20.21
C TYR A 347 17.11 -13.23 -20.96
N VAL A 348 16.89 -12.14 -20.23
CA VAL A 348 16.88 -10.84 -20.88
C VAL A 348 18.34 -10.66 -21.26
N VAL A 349 18.59 -10.19 -22.46
CA VAL A 349 19.96 -10.06 -22.92
C VAL A 349 20.24 -8.69 -23.52
N GLY A 350 19.17 -7.95 -23.79
CA GLY A 350 19.27 -6.62 -24.34
C GLY A 350 17.93 -5.90 -24.34
N ARG A 351 17.97 -4.58 -24.43
CA ARG A 351 16.76 -3.77 -24.48
C ARG A 351 17.14 -2.40 -25.04
N LYS A 352 16.18 -1.75 -25.69
CA LYS A 352 16.40 -0.43 -26.26
C LYS A 352 15.07 0.27 -26.40
N ALA A 353 15.09 1.59 -26.52
CA ALA A 353 13.87 2.37 -26.64
C ALA A 353 14.12 3.76 -27.17
N PRO A 354 13.19 4.27 -28.01
CA PRO A 354 13.25 5.60 -28.62
C PRO A 354 13.40 6.69 -27.56
N LYS A 355 12.70 6.53 -26.44
CA LYS A 355 12.75 7.49 -25.33
C LYS A 355 13.35 6.91 -24.07
N SER A 356 14.43 6.16 -24.20
CA SER A 356 15.11 5.58 -23.04
C SER A 356 15.55 6.68 -22.08
N LEU A 357 15.45 6.41 -20.78
CA LEU A 357 15.86 7.38 -19.77
C LEU A 357 17.25 7.05 -19.25
N TYR A 358 17.87 6.06 -19.89
CA TYR A 358 19.21 5.63 -19.52
C TYR A 358 20.26 6.59 -20.10
N ARG A 359 20.96 7.31 -19.22
CA ARG A 359 21.98 8.30 -19.59
C ARG A 359 21.46 9.29 -20.63
N GLY A 370 22.75 16.23 -14.89
CA GLY A 370 24.04 15.66 -14.36
C GLY A 370 24.54 16.39 -13.13
N TYR A 371 25.32 15.70 -12.30
CA TYR A 371 25.85 16.34 -11.10
C TYR A 371 27.33 16.01 -10.86
N ASP A 372 27.82 16.42 -9.70
CA ASP A 372 29.19 16.17 -9.34
C ASP A 372 29.17 15.48 -7.98
N GLN A 373 30.20 14.70 -7.71
CA GLN A 373 30.33 13.98 -6.45
C GLN A 373 29.89 14.83 -5.26
N LYS A 374 30.24 16.11 -5.26
CA LYS A 374 29.90 17.00 -4.15
C LYS A 374 28.40 17.03 -3.80
N ASP A 375 27.55 17.04 -4.81
CA ASP A 375 26.11 17.07 -4.57
C ASP A 375 25.68 15.85 -3.75
N ALA A 376 26.38 14.73 -3.95
CA ALA A 376 26.07 13.50 -3.24
C ALA A 376 26.24 13.66 -1.73
N GLU A 377 27.24 14.42 -1.31
CA GLU A 377 27.45 14.60 0.13
C GLU A 377 26.26 15.28 0.76
N GLY A 378 25.75 16.32 0.10
CA GLY A 378 24.61 17.04 0.61
C GLY A 378 23.38 16.15 0.69
N PHE A 379 23.16 15.37 -0.36
CA PHE A 379 22.05 14.43 -0.42
C PHE A 379 22.13 13.53 0.81
N ILE A 380 23.32 12.99 1.04
CA ILE A 380 23.53 12.10 2.19
C ILE A 380 23.31 12.79 3.52
N LYS A 381 23.89 13.98 3.70
CA LYS A 381 23.75 14.70 4.97
C LYS A 381 22.28 14.94 5.30
N ILE A 382 21.51 15.41 4.32
CA ILE A 382 20.10 15.68 4.52
C ILE A 382 19.33 14.39 4.82
N GLN A 383 19.63 13.33 4.07
CA GLN A 383 18.93 12.06 4.27
C GLN A 383 19.23 11.53 5.68
N ALA A 384 20.46 11.77 6.14
CA ALA A 384 20.89 11.29 7.44
C ALA A 384 20.36 12.06 8.65
N LEU A 385 20.02 13.32 8.45
CA LEU A 385 19.56 14.16 9.55
C LEU A 385 18.61 13.48 10.55
N ARG A 386 17.43 13.03 10.10
CA ARG A 386 16.50 12.41 11.04
C ARG A 386 17.09 11.18 11.73
N LEU A 387 18.02 10.50 11.07
CA LEU A 387 18.65 9.32 11.66
C LEU A 387 19.64 9.73 12.77
N ARG A 388 20.37 10.82 12.54
CA ARG A 388 21.31 11.30 13.54
C ARG A 388 20.53 11.81 14.77
N VAL A 389 19.46 12.57 14.53
CA VAL A 389 18.65 13.09 15.61
C VAL A 389 18.11 11.92 16.44
N ARG A 390 17.61 10.89 15.77
CA ARG A 390 17.09 9.71 16.45
C ARG A 390 18.20 9.11 17.33
N ALA A 391 19.41 9.06 16.79
CA ALA A 391 20.56 8.50 17.53
C ALA A 391 20.95 9.37 18.72
N LEU A 392 21.02 10.67 18.51
CA LEU A 392 21.36 11.60 19.59
C LEU A 392 20.33 11.47 20.71
N VAL A 393 19.05 11.40 20.35
CA VAL A 393 18.01 11.28 21.35
C VAL A 393 18.17 9.97 22.12
N GLU A 394 18.46 8.88 21.41
CA GLU A 394 18.66 7.60 22.08
C GLU A 394 19.84 7.81 23.03
N ARG A 395 20.59 8.87 22.76
CA ARG A 395 21.77 9.24 23.53
C ARG A 395 22.75 8.11 23.42
N MET B 1 45.02 12.71 15.13
CA MET B 1 43.77 12.27 14.46
C MET B 1 43.89 10.84 13.96
N LYS B 2 42.88 10.02 14.25
CA LYS B 2 42.85 8.63 13.82
C LYS B 2 41.67 8.43 12.87
N ILE B 3 41.90 7.68 11.80
CA ILE B 3 40.87 7.41 10.79
C ILE B 3 40.77 5.91 10.52
N VAL B 4 39.58 5.35 10.67
CA VAL B 4 39.39 3.92 10.40
C VAL B 4 38.96 3.78 8.95
N LEU B 5 39.81 3.14 8.15
CA LEU B 5 39.54 2.98 6.73
C LEU B 5 38.99 1.59 6.37
N ALA B 6 37.89 1.58 5.62
CA ALA B 6 37.32 0.33 5.16
C ALA B 6 38.32 -0.02 4.05
N TYR B 7 39.23 -0.92 4.37
CA TYR B 7 40.29 -1.29 3.46
C TYR B 7 40.06 -2.64 2.80
N SER B 8 39.88 -2.64 1.50
CA SER B 8 39.64 -3.90 0.78
C SER B 8 40.93 -4.54 0.30
N GLY B 9 41.99 -3.76 0.16
CA GLY B 9 43.26 -4.32 -0.28
C GLY B 9 43.68 -3.98 -1.70
N GLY B 10 42.76 -3.45 -2.50
CA GLY B 10 43.08 -3.10 -3.87
C GLY B 10 43.90 -1.82 -4.01
N LEU B 11 44.04 -1.36 -5.25
CA LEU B 11 44.80 -0.15 -5.57
C LEU B 11 44.16 1.10 -4.97
N ASP B 12 42.86 1.24 -5.19
CA ASP B 12 42.14 2.41 -4.70
C ASP B 12 42.27 2.65 -3.18
N THR B 13 42.02 1.65 -2.36
CA THR B 13 42.11 1.85 -0.92
C THR B 13 43.54 1.99 -0.39
N SER B 14 44.51 1.49 -1.15
CA SER B 14 45.92 1.62 -0.76
C SER B 14 46.32 3.07 -1.01
N ILE B 15 45.87 3.61 -2.15
CA ILE B 15 46.12 4.99 -2.52
C ILE B 15 45.46 5.87 -1.46
N ILE B 16 44.23 5.50 -1.11
CA ILE B 16 43.47 6.25 -0.11
C ILE B 16 44.15 6.25 1.26
N LEU B 17 44.73 5.13 1.64
CA LEU B 17 45.40 5.04 2.95
C LEU B 17 46.52 6.10 3.00
N LYS B 18 47.36 6.13 1.98
CA LYS B 18 48.44 7.12 1.91
C LYS B 18 47.88 8.54 1.82
N TRP B 19 46.83 8.70 1.02
CA TRP B 19 46.18 9.99 0.82
C TRP B 19 45.64 10.54 2.13
N LEU B 20 45.05 9.67 2.94
CA LEU B 20 44.50 10.08 4.22
C LEU B 20 45.56 10.56 5.21
N LYS B 21 46.66 9.81 5.30
CA LYS B 21 47.73 10.16 6.22
C LYS B 21 48.25 11.57 5.96
N GLU B 22 48.63 11.85 4.71
CA GLU B 22 49.15 13.16 4.41
C GLU B 22 48.10 14.27 4.36
N THR B 23 46.89 13.96 3.88
CA THR B 23 45.86 14.98 3.79
C THR B 23 45.31 15.41 5.15
N TYR B 24 45.09 14.44 6.01
CA TYR B 24 44.55 14.74 7.32
C TYR B 24 45.58 14.69 8.44
N ARG B 25 46.84 14.46 8.05
CA ARG B 25 47.93 14.39 9.01
C ARG B 25 47.47 13.48 10.14
N ALA B 26 47.01 12.28 9.79
CA ALA B 26 46.50 11.35 10.77
C ALA B 26 47.05 9.95 10.59
N GLU B 27 46.76 9.08 11.56
CA GLU B 27 47.19 7.70 11.46
C GLU B 27 45.95 6.94 11.01
N VAL B 28 46.15 5.96 10.13
CA VAL B 28 45.05 5.19 9.60
C VAL B 28 44.99 3.76 10.14
N ILE B 29 43.81 3.38 10.61
CA ILE B 29 43.58 2.04 11.11
C ILE B 29 42.79 1.36 9.99
N ALA B 30 43.40 0.34 9.40
CA ALA B 30 42.77 -0.40 8.30
C ALA B 30 41.88 -1.54 8.78
N PHE B 31 40.69 -1.65 8.17
CA PHE B 31 39.78 -2.73 8.50
C PHE B 31 39.36 -3.46 7.23
N THR B 32 39.64 -4.75 7.19
CA THR B 32 39.28 -5.59 6.05
C THR B 32 38.34 -6.67 6.56
N ALA B 33 37.16 -6.75 5.95
CA ALA B 33 36.18 -7.75 6.35
C ALA B 33 36.11 -8.91 5.36
N ASP B 34 36.06 -10.12 5.89
CA ASP B 34 35.92 -11.28 5.02
C ASP B 34 34.43 -11.56 4.93
N ILE B 35 33.80 -11.22 3.81
CA ILE B 35 32.38 -11.48 3.64
C ILE B 35 32.16 -12.43 2.46
N GLY B 36 33.16 -13.26 2.20
CA GLY B 36 33.08 -14.23 1.12
C GLY B 36 33.42 -13.69 -0.25
N GLN B 37 34.33 -12.72 -0.31
CA GLN B 37 34.73 -12.12 -1.59
C GLN B 37 35.71 -13.05 -2.29
N GLY B 38 36.14 -14.08 -1.59
CA GLY B 38 37.09 -15.01 -2.16
C GLY B 38 38.52 -14.51 -2.18
N GLU B 39 38.93 -13.77 -1.16
CA GLU B 39 40.31 -13.29 -1.07
C GLU B 39 40.89 -13.61 0.28
N GLU B 40 42.20 -13.48 0.40
CA GLU B 40 42.83 -13.75 1.68
C GLU B 40 42.88 -12.42 2.41
N VAL B 41 42.01 -12.28 3.39
CA VAL B 41 41.93 -11.06 4.16
C VAL B 41 43.21 -10.74 4.92
N GLU B 42 43.96 -11.78 5.32
CA GLU B 42 45.19 -11.55 6.05
C GLU B 42 46.24 -10.90 5.17
N GLU B 43 46.16 -11.19 3.87
CA GLU B 43 47.11 -10.57 2.96
C GLU B 43 46.80 -9.09 2.83
N ALA B 44 45.52 -8.73 2.84
CA ALA B 44 45.13 -7.33 2.75
C ALA B 44 45.56 -6.66 4.04
N ARG B 45 45.32 -7.34 5.15
CA ARG B 45 45.69 -6.83 6.48
C ARG B 45 47.17 -6.49 6.51
N GLU B 46 48.00 -7.39 6.01
CA GLU B 46 49.44 -7.20 5.98
C GLU B 46 49.84 -6.13 4.98
N LYS B 47 49.15 -6.08 3.84
CA LYS B 47 49.47 -5.08 2.84
C LYS B 47 49.18 -3.68 3.37
N ALA B 48 48.18 -3.58 4.26
CA ALA B 48 47.80 -2.30 4.84
C ALA B 48 48.93 -1.76 5.71
N LEU B 49 49.55 -2.65 6.46
CA LEU B 49 50.65 -2.27 7.33
C LEU B 49 51.80 -1.79 6.46
N ARG B 50 52.06 -2.52 5.37
CA ARG B 50 53.13 -2.15 4.45
C ARG B 50 52.85 -0.80 3.81
N THR B 51 51.56 -0.49 3.67
CA THR B 51 51.17 0.76 3.04
C THR B 51 51.21 1.91 4.04
N GLY B 52 51.41 1.58 5.32
CA GLY B 52 51.50 2.63 6.32
C GLY B 52 50.43 2.71 7.39
N ALA B 53 49.54 1.72 7.46
CA ALA B 53 48.51 1.76 8.49
C ALA B 53 49.17 1.59 9.85
N SER B 54 48.68 2.31 10.85
CA SER B 54 49.25 2.22 12.19
C SER B 54 48.77 0.93 12.84
N LYS B 55 47.65 0.42 12.32
CA LYS B 55 47.06 -0.82 12.81
C LYS B 55 46.16 -1.38 11.71
N ALA B 56 46.15 -2.69 11.55
CA ALA B 56 45.31 -3.31 10.53
C ALA B 56 44.53 -4.49 11.11
N ILE B 57 43.20 -4.38 11.05
CA ILE B 57 42.29 -5.39 11.56
C ILE B 57 41.64 -6.15 10.40
N ALA B 58 41.48 -7.46 10.57
CA ALA B 58 40.87 -8.31 9.55
C ALA B 58 39.99 -9.31 10.28
N LEU B 59 38.71 -9.29 9.95
CA LEU B 59 37.75 -10.17 10.62
C LEU B 59 36.93 -11.04 9.67
N ASP B 60 36.64 -12.26 10.12
CA ASP B 60 35.83 -13.17 9.34
C ASP B 60 34.39 -12.89 9.75
N LEU B 61 33.67 -12.17 8.91
CA LEU B 61 32.29 -11.80 9.24
C LEU B 61 31.25 -12.57 8.42
N LYS B 62 31.65 -13.69 7.84
CA LYS B 62 30.73 -14.48 7.02
C LYS B 62 29.46 -14.89 7.76
N GLU B 63 29.61 -15.48 8.93
CA GLU B 63 28.46 -15.91 9.72
C GLU B 63 27.57 -14.75 10.12
N GLU B 64 28.17 -13.64 10.55
CA GLU B 64 27.37 -12.48 10.96
C GLU B 64 26.62 -11.92 9.75
N PHE B 65 27.31 -11.90 8.62
CA PHE B 65 26.73 -11.39 7.37
C PHE B 65 25.42 -12.11 7.02
N VAL B 66 25.45 -13.44 7.01
CA VAL B 66 24.28 -14.24 6.67
C VAL B 66 23.23 -14.28 7.78
N ARG B 67 23.66 -14.52 9.00
CA ARG B 67 22.75 -14.59 10.14
C ARG B 67 22.05 -13.28 10.47
N ASP B 68 22.80 -12.19 10.53
CA ASP B 68 22.22 -10.89 10.91
C ASP B 68 21.79 -9.94 9.79
N PHE B 69 22.17 -10.23 8.55
CA PHE B 69 21.80 -9.32 7.46
C PHE B 69 21.05 -10.01 6.31
N VAL B 70 21.65 -11.06 5.76
CA VAL B 70 21.03 -11.78 4.65
C VAL B 70 19.72 -12.46 5.05
N PHE B 71 19.73 -13.26 6.11
CA PHE B 71 18.52 -13.96 6.54
C PHE B 71 17.35 -13.02 6.86
N PRO B 72 17.59 -11.97 7.66
CA PRO B 72 16.49 -11.04 7.98
C PRO B 72 15.87 -10.48 6.69
N MET B 73 16.73 -10.11 5.74
CA MET B 73 16.29 -9.57 4.46
C MET B 73 15.46 -10.60 3.66
N MET B 74 15.96 -11.83 3.56
CA MET B 74 15.26 -12.88 2.82
C MET B 74 13.92 -13.19 3.48
N ARG B 75 13.89 -13.12 4.80
CA ARG B 75 12.70 -13.37 5.58
C ARG B 75 11.60 -12.41 5.09
N ALA B 76 12.03 -11.29 4.50
CA ALA B 76 11.09 -10.29 4.01
C ALA B 76 10.74 -10.46 2.52
N GLY B 77 11.37 -11.43 1.85
CA GLY B 77 11.11 -11.66 0.44
C GLY B 77 11.51 -10.46 -0.38
N ALA B 78 12.58 -9.82 0.05
CA ALA B 78 13.07 -8.60 -0.58
C ALA B 78 13.62 -8.78 -1.99
N VAL B 79 13.03 -8.07 -2.94
CA VAL B 79 13.49 -8.10 -4.31
C VAL B 79 13.36 -6.69 -4.88
N TYR B 80 14.47 -6.14 -5.36
CA TYR B 80 14.46 -4.79 -5.91
C TYR B 80 14.14 -4.76 -7.39
N GLU B 81 13.13 -3.96 -7.72
CA GLU B 81 12.68 -3.79 -9.09
C GLU B 81 12.60 -5.11 -9.87
N GLY B 82 11.86 -6.06 -9.30
CA GLY B 82 11.66 -7.33 -9.95
C GLY B 82 12.73 -8.41 -9.94
N TYR B 83 14.01 -8.06 -9.88
CA TYR B 83 15.01 -9.12 -9.93
C TYR B 83 16.22 -9.05 -9.03
N TYR B 84 16.63 -7.85 -8.63
CA TYR B 84 17.83 -7.74 -7.81
C TYR B 84 17.67 -8.28 -6.41
N LEU B 85 18.42 -9.34 -6.10
CA LEU B 85 18.36 -9.94 -4.78
C LEU B 85 19.19 -9.17 -3.73
N LEU B 86 19.65 -7.98 -4.11
CA LEU B 86 20.38 -7.09 -3.21
C LEU B 86 21.69 -7.63 -2.63
N GLY B 87 22.43 -8.40 -3.44
CA GLY B 87 23.68 -8.95 -2.99
C GLY B 87 24.67 -7.95 -2.40
N THR B 88 24.92 -6.84 -3.09
CA THR B 88 25.85 -5.85 -2.56
C THR B 88 25.22 -5.01 -1.46
N SER B 89 23.98 -4.60 -1.68
CA SER B 89 23.23 -3.77 -0.73
C SER B 89 23.28 -4.18 0.75
N ILE B 90 22.95 -5.44 1.09
CA ILE B 90 22.97 -5.85 2.50
C ILE B 90 24.31 -6.09 3.14
N ALA B 91 25.38 -6.07 2.35
CA ALA B 91 26.71 -6.28 2.92
C ALA B 91 27.31 -4.98 3.42
N ARG B 92 26.96 -3.88 2.78
CA ARG B 92 27.50 -2.58 3.17
C ARG B 92 27.22 -2.17 4.62
N PRO B 93 25.97 -2.33 5.09
CA PRO B 93 25.66 -1.95 6.47
C PRO B 93 26.58 -2.66 7.47
N LEU B 94 26.83 -3.93 7.19
CA LEU B 94 27.69 -4.76 8.03
C LEU B 94 29.12 -4.19 8.09
N ILE B 95 29.67 -3.78 6.95
CA ILE B 95 31.01 -3.21 6.92
C ILE B 95 31.06 -1.95 7.80
N ALA B 96 30.18 -1.01 7.52
CA ALA B 96 30.12 0.26 8.25
C ALA B 96 29.88 0.09 9.75
N LYS B 97 29.11 -0.93 10.13
CA LYS B 97 28.84 -1.17 11.55
C LYS B 97 30.17 -1.40 12.25
N HIS B 98 31.04 -2.19 11.64
CA HIS B 98 32.34 -2.47 12.23
C HIS B 98 33.29 -1.26 12.21
N LEU B 99 33.21 -0.45 11.16
CA LEU B 99 34.07 0.74 11.07
C LEU B 99 33.80 1.63 12.27
N VAL B 100 32.52 1.87 12.54
CA VAL B 100 32.12 2.71 13.66
C VAL B 100 32.47 2.08 15.00
N ARG B 101 32.42 0.75 15.07
CA ARG B 101 32.75 0.03 16.29
C ARG B 101 34.23 0.20 16.57
N ILE B 102 35.04 -0.04 15.54
CA ILE B 102 36.47 0.07 15.65
C ILE B 102 36.90 1.52 15.95
N ALA B 103 36.20 2.50 15.40
CA ALA B 103 36.53 3.90 15.63
C ALA B 103 36.35 4.22 17.11
N GLU B 104 35.28 3.71 17.72
CA GLU B 104 35.01 3.96 19.13
C GLU B 104 36.04 3.26 20.03
N GLU B 105 36.49 2.07 19.64
CA GLU B 105 37.47 1.35 20.43
C GLU B 105 38.85 1.97 20.31
N GLU B 106 39.15 2.51 19.13
CA GLU B 106 40.46 3.11 18.87
C GLU B 106 40.54 4.60 19.18
N GLY B 107 39.40 5.20 19.51
CA GLY B 107 39.40 6.62 19.79
C GLY B 107 39.57 7.42 18.51
N ALA B 108 39.12 6.86 17.38
CA ALA B 108 39.23 7.56 16.11
C ALA B 108 38.01 8.45 15.92
N GLU B 109 38.23 9.66 15.44
CA GLU B 109 37.13 10.60 15.25
C GLU B 109 36.44 10.43 13.91
N ALA B 110 37.12 9.78 12.97
CA ALA B 110 36.56 9.60 11.64
C ALA B 110 36.75 8.22 11.00
N ILE B 111 35.99 7.99 9.93
CA ILE B 111 36.07 6.76 9.17
C ILE B 111 36.15 7.14 7.70
N ALA B 112 36.68 6.23 6.88
CA ALA B 112 36.81 6.48 5.46
C ALA B 112 36.49 5.22 4.65
N HIS B 113 36.05 5.42 3.40
CA HIS B 113 35.72 4.34 2.49
C HIS B 113 36.03 4.79 1.07
N GLY B 114 36.24 3.84 0.17
CA GLY B 114 36.55 4.19 -1.21
C GLY B 114 35.41 4.08 -2.20
N ALA B 115 34.17 4.27 -1.75
CA ALA B 115 33.02 4.23 -2.65
C ALA B 115 33.03 5.55 -3.41
N THR B 116 32.71 5.55 -4.69
CA THR B 116 32.71 6.80 -5.46
C THR B 116 31.50 7.67 -5.16
N GLY B 117 31.58 8.93 -5.58
CA GLY B 117 30.49 9.87 -5.35
C GLY B 117 29.29 9.67 -6.25
N LYS B 118 29.40 8.77 -7.21
CA LYS B 118 28.30 8.54 -8.13
C LYS B 118 27.55 7.20 -7.96
N GLY B 119 27.85 6.51 -6.86
CA GLY B 119 27.20 5.23 -6.61
C GLY B 119 26.25 5.20 -5.44
N ASN B 120 25.79 4.00 -5.10
CA ASN B 120 24.86 3.76 -4.00
C ASN B 120 25.58 3.40 -2.71
N ASP B 121 26.76 2.79 -2.82
CA ASP B 121 27.50 2.35 -1.64
C ASP B 121 27.89 3.49 -0.68
N GLN B 122 28.18 4.68 -1.22
CA GLN B 122 28.52 5.81 -0.37
C GLN B 122 27.35 6.07 0.59
N VAL B 123 26.14 6.08 0.03
CA VAL B 123 24.94 6.31 0.83
C VAL B 123 24.76 5.23 1.88
N ARG B 124 24.99 3.99 1.49
CA ARG B 124 24.84 2.86 2.41
C ARG B 124 25.87 2.94 3.54
N PHE B 125 27.12 3.21 3.21
CA PHE B 125 28.17 3.31 4.21
C PHE B 125 27.90 4.45 5.20
N GLU B 126 27.62 5.63 4.65
CA GLU B 126 27.40 6.81 5.46
C GLU B 126 26.09 6.87 6.25
N LEU B 127 25.00 6.40 5.67
CA LEU B 127 23.76 6.40 6.42
C LEU B 127 23.88 5.46 7.62
N THR B 128 24.54 4.31 7.48
CA THR B 128 24.64 3.46 8.66
C THR B 128 25.60 4.05 9.70
N ALA B 129 26.68 4.69 9.24
CA ALA B 129 27.64 5.30 10.17
C ALA B 129 26.96 6.37 11.02
N TYR B 130 26.33 7.32 10.35
CA TYR B 130 25.62 8.41 11.03
C TYR B 130 24.51 7.92 11.95
N ALA B 131 23.84 6.84 11.53
CA ALA B 131 22.74 6.29 12.31
C ALA B 131 23.24 5.64 13.59
N LEU B 132 24.42 5.04 13.53
CA LEU B 132 25.02 4.37 14.68
C LEU B 132 25.86 5.27 15.59
N LYS B 133 26.52 6.25 14.98
CA LYS B 133 27.36 7.19 15.71
C LYS B 133 27.16 8.53 15.01
N PRO B 134 26.18 9.31 15.47
CA PRO B 134 25.82 10.63 14.93
C PRO B 134 26.91 11.68 14.82
N ASP B 135 27.94 11.62 15.67
CA ASP B 135 29.00 12.61 15.62
C ASP B 135 30.23 12.17 14.84
N ILE B 136 30.20 10.94 14.34
CA ILE B 136 31.33 10.43 13.58
C ILE B 136 31.61 11.33 12.38
N LYS B 137 32.88 11.42 11.99
CA LYS B 137 33.23 12.20 10.82
C LYS B 137 33.47 11.21 9.68
N VAL B 138 32.94 11.51 8.51
CA VAL B 138 33.09 10.63 7.36
C VAL B 138 33.94 11.27 6.28
N ILE B 139 34.95 10.54 5.82
CA ILE B 139 35.81 11.04 4.76
C ILE B 139 35.72 10.11 3.57
N ALA B 140 35.23 10.64 2.45
CA ALA B 140 35.10 9.88 1.23
C ALA B 140 36.02 10.58 0.23
N PRO B 141 37.25 10.07 0.08
CA PRO B 141 38.25 10.63 -0.84
C PRO B 141 37.75 10.94 -2.24
N TRP B 142 36.98 10.03 -2.84
CA TRP B 142 36.48 10.25 -4.19
C TRP B 142 35.71 11.56 -4.30
N ARG B 143 35.08 11.99 -3.22
CA ARG B 143 34.33 13.24 -3.24
C ARG B 143 35.20 14.42 -2.78
N GLU B 144 36.45 14.17 -2.37
CA GLU B 144 37.32 15.22 -1.87
C GLU B 144 38.64 15.50 -2.59
N TRP B 145 39.29 14.45 -3.09
CA TRP B 145 40.58 14.63 -3.72
C TRP B 145 40.56 15.29 -5.09
N SER B 146 41.74 15.63 -5.58
CA SER B 146 41.87 16.30 -6.86
C SER B 146 42.42 15.46 -8.00
N PHE B 147 42.52 14.16 -7.80
CA PHE B 147 43.01 13.27 -8.87
C PHE B 147 42.14 13.51 -10.08
N GLN B 148 42.77 13.77 -11.22
CA GLN B 148 42.04 14.02 -12.45
C GLN B 148 42.25 12.89 -13.47
N GLY B 149 41.97 11.66 -13.06
CA GLY B 149 42.14 10.55 -13.98
C GLY B 149 42.85 9.37 -13.36
N ARG B 150 42.83 8.25 -14.06
CA ARG B 150 43.45 7.02 -13.59
C ARG B 150 44.96 7.07 -13.75
N LYS B 151 45.39 7.76 -14.79
CA LYS B 151 46.80 7.88 -15.08
C LYS B 151 47.51 8.51 -13.87
N GLU B 152 46.97 9.62 -13.39
CA GLU B 152 47.55 10.31 -12.25
C GLU B 152 47.55 9.41 -11.02
N MET B 153 46.48 8.66 -10.83
CA MET B 153 46.37 7.76 -9.69
C MET B 153 47.43 6.65 -9.71
N ILE B 154 47.78 6.17 -10.89
CA ILE B 154 48.78 5.11 -10.96
C ILE B 154 50.15 5.69 -10.63
N ALA B 155 50.43 6.89 -11.13
CA ALA B 155 51.72 7.55 -10.88
C ALA B 155 51.90 7.84 -9.39
N TYR B 156 50.81 8.24 -8.75
CA TYR B 156 50.80 8.53 -7.32
C TYR B 156 51.11 7.25 -6.56
N ALA B 157 50.44 6.17 -6.94
CA ALA B 157 50.67 4.88 -6.29
C ALA B 157 52.12 4.47 -6.47
N GLU B 158 52.58 4.45 -7.72
CA GLU B 158 53.95 4.07 -7.99
C GLU B 158 54.93 4.96 -7.23
N ALA B 159 54.60 6.25 -7.10
CA ALA B 159 55.49 7.15 -6.37
C ALA B 159 55.56 6.76 -4.89
N HIS B 160 54.49 6.15 -4.38
CA HIS B 160 54.45 5.76 -2.96
C HIS B 160 54.75 4.29 -2.71
N GLY B 161 55.41 3.64 -3.65
CA GLY B 161 55.75 2.24 -3.48
C GLY B 161 54.57 1.29 -3.42
N ILE B 162 53.45 1.67 -4.03
CA ILE B 162 52.26 0.81 -4.03
C ILE B 162 52.20 0.03 -5.33
N PRO B 163 52.18 -1.32 -5.23
CA PRO B 163 52.13 -2.12 -6.46
C PRO B 163 50.91 -1.79 -7.32
N VAL B 164 51.12 -1.72 -8.63
CA VAL B 164 50.03 -1.43 -9.55
C VAL B 164 49.81 -2.60 -10.50
N PRO B 165 48.56 -2.84 -10.89
CA PRO B 165 48.24 -3.95 -11.81
C PRO B 165 49.16 -3.96 -13.02
N PRO B 171 37.28 -4.71 -17.97
CA PRO B 171 36.22 -4.56 -19.00
C PRO B 171 34.90 -4.20 -18.31
N TYR B 172 34.88 -4.33 -16.99
CA TYR B 172 33.71 -4.04 -16.17
C TYR B 172 34.13 -4.09 -14.70
N SER B 173 33.30 -3.55 -13.83
CA SER B 173 33.56 -3.52 -12.38
C SER B 173 32.80 -4.67 -11.70
N MET B 174 33.39 -5.27 -10.67
CA MET B 174 32.74 -6.38 -9.98
C MET B 174 32.72 -6.26 -8.47
N ASP B 175 31.73 -6.91 -7.85
CA ASP B 175 31.65 -6.96 -6.41
C ASP B 175 31.19 -8.37 -6.04
N ALA B 176 31.99 -9.07 -5.27
CA ALA B 176 31.66 -10.43 -4.88
C ALA B 176 31.65 -10.67 -3.40
N ASN B 177 30.67 -11.44 -2.94
CA ASN B 177 30.56 -11.83 -1.55
C ASN B 177 29.78 -13.13 -1.50
N LEU B 178 29.54 -13.65 -0.31
CA LEU B 178 28.83 -14.91 -0.13
C LEU B 178 27.44 -14.99 -0.77
N LEU B 179 26.79 -13.84 -0.97
CA LEU B 179 25.45 -13.82 -1.54
C LEU B 179 25.44 -13.76 -3.06
N HIS B 180 26.40 -13.05 -3.66
CA HIS B 180 26.44 -12.98 -5.12
C HIS B 180 27.71 -12.40 -5.68
N ILE B 181 27.73 -12.24 -6.99
CA ILE B 181 28.82 -11.61 -7.69
C ILE B 181 28.08 -10.75 -8.69
N SER B 182 28.46 -9.49 -8.76
CA SER B 182 27.80 -8.54 -9.64
C SER B 182 28.77 -7.93 -10.62
N TYR B 183 28.23 -7.50 -11.76
CA TYR B 183 29.04 -6.91 -12.81
C TYR B 183 28.31 -5.71 -13.37
N GLU B 184 29.03 -4.62 -13.60
CA GLU B 184 28.47 -3.41 -14.19
C GLU B 184 29.57 -2.52 -14.73
N GLY B 185 29.19 -1.55 -15.58
CA GLY B 185 30.18 -0.66 -16.16
C GLY B 185 30.91 -1.24 -17.36
N GLY B 186 31.78 -0.42 -17.95
CA GLY B 186 32.54 -0.86 -19.10
C GLY B 186 31.66 -1.31 -20.26
N VAL B 187 31.97 -2.47 -20.81
CA VAL B 187 31.22 -3.03 -21.93
C VAL B 187 29.76 -3.27 -21.60
N LEU B 188 29.48 -3.48 -20.32
CA LEU B 188 28.12 -3.74 -19.85
C LEU B 188 27.25 -2.49 -19.89
N GLU B 189 27.88 -1.32 -20.12
CA GLU B 189 27.14 -0.07 -20.14
C GLU B 189 26.18 0.10 -21.31
N ASP B 190 26.34 -0.73 -22.35
CA ASP B 190 25.44 -0.70 -23.49
C ASP B 190 24.34 -1.72 -23.20
N PRO B 191 23.15 -1.26 -22.82
CA PRO B 191 22.01 -2.13 -22.49
C PRO B 191 21.54 -3.08 -23.61
N TRP B 192 21.95 -2.82 -24.83
CA TRP B 192 21.55 -3.66 -25.95
C TRP B 192 22.54 -4.81 -26.17
N ALA B 193 23.75 -4.67 -25.63
CA ALA B 193 24.79 -5.69 -25.76
C ALA B 193 24.71 -6.77 -24.69
N GLU B 194 24.69 -8.03 -25.12
CA GLU B 194 24.64 -9.14 -24.17
C GLU B 194 26.00 -9.19 -23.46
N PRO B 195 26.03 -9.61 -22.18
CA PRO B 195 27.31 -9.68 -21.47
C PRO B 195 28.32 -10.56 -22.21
N PRO B 196 29.62 -10.24 -22.11
CA PRO B 196 30.66 -11.04 -22.78
C PRO B 196 30.75 -12.48 -22.28
N LYS B 197 31.16 -13.37 -23.18
CA LYS B 197 31.30 -14.79 -22.84
C LYS B 197 32.34 -14.94 -21.74
N GLY B 198 32.14 -15.92 -20.87
CA GLY B 198 33.09 -16.18 -19.82
C GLY B 198 33.13 -15.19 -18.66
N MET B 199 32.23 -14.21 -18.68
CA MET B 199 32.20 -13.22 -17.63
C MET B 199 31.86 -13.80 -16.25
N PHE B 200 30.82 -14.65 -16.21
CA PHE B 200 30.38 -15.23 -14.95
C PHE B 200 31.44 -16.01 -14.20
N ARG B 201 31.39 -15.95 -12.87
CA ARG B 201 32.37 -16.61 -12.03
C ARG B 201 31.80 -17.60 -11.03
N MET B 202 30.77 -17.19 -10.32
CA MET B 202 30.18 -18.06 -9.31
C MET B 202 29.30 -19.16 -9.89
N THR B 203 28.82 -18.96 -11.12
CA THR B 203 27.95 -19.94 -11.76
C THR B 203 28.44 -20.44 -13.11
N GLN B 204 28.24 -21.72 -13.38
CA GLN B 204 28.63 -22.31 -14.64
C GLN B 204 27.59 -21.93 -15.70
N ASP B 205 28.02 -21.70 -16.93
CA ASP B 205 27.04 -21.36 -17.98
C ASP B 205 26.09 -22.54 -18.14
N PRO B 206 24.80 -22.26 -18.39
CA PRO B 206 23.81 -23.33 -18.55
C PRO B 206 24.21 -24.30 -19.65
N GLU B 207 24.80 -23.78 -20.72
CA GLU B 207 25.22 -24.63 -21.83
C GLU B 207 26.23 -25.65 -21.36
N GLU B 208 26.92 -25.34 -20.26
CA GLU B 208 27.93 -26.25 -19.74
C GLU B 208 27.47 -26.99 -18.50
N ALA B 209 26.28 -26.63 -18.00
CA ALA B 209 25.74 -27.27 -16.82
C ALA B 209 25.42 -28.74 -17.12
N PRO B 210 25.40 -29.58 -16.08
CA PRO B 210 25.11 -31.02 -16.22
C PRO B 210 23.80 -31.33 -16.95
N ASP B 211 23.79 -32.43 -17.71
CA ASP B 211 22.59 -32.83 -18.44
C ASP B 211 21.58 -33.47 -17.52
N ALA B 212 22.04 -33.88 -16.34
CA ALA B 212 21.17 -34.50 -15.37
C ALA B 212 20.70 -33.49 -14.33
N PRO B 213 19.38 -33.30 -14.19
CA PRO B 213 18.92 -32.34 -13.18
C PRO B 213 19.26 -32.86 -11.78
N GLU B 214 19.32 -31.95 -10.81
CA GLU B 214 19.63 -32.33 -9.44
C GLU B 214 18.54 -31.84 -8.51
N TYR B 215 18.09 -32.73 -7.64
CA TYR B 215 17.07 -32.38 -6.67
C TYR B 215 17.77 -31.94 -5.39
N VAL B 216 17.22 -30.90 -4.76
CA VAL B 216 17.78 -30.38 -3.53
C VAL B 216 16.65 -30.03 -2.58
N GLU B 217 16.83 -30.39 -1.32
CA GLU B 217 15.82 -30.10 -0.33
C GLU B 217 16.37 -29.12 0.69
N VAL B 218 15.55 -28.14 1.03
CA VAL B 218 15.93 -27.12 1.99
C VAL B 218 14.90 -27.06 3.12
N GLU B 219 15.38 -27.27 4.33
CA GLU B 219 14.51 -27.20 5.49
C GLU B 219 14.54 -25.80 6.09
N PHE B 220 13.35 -25.26 6.38
CA PHE B 220 13.22 -23.95 7.00
C PHE B 220 12.69 -24.16 8.41
N PHE B 221 13.28 -23.50 9.41
CA PHE B 221 12.74 -23.68 10.76
C PHE B 221 11.76 -22.58 11.10
N GLU B 222 12.23 -21.38 11.41
CA GLU B 222 11.24 -20.36 11.71
C GLU B 222 11.51 -19.13 10.89
N GLY B 223 11.45 -19.33 9.57
CA GLY B 223 11.72 -18.25 8.65
C GLY B 223 13.11 -18.31 8.09
N ASP B 224 13.99 -19.11 8.69
CA ASP B 224 15.36 -19.24 8.20
C ASP B 224 15.72 -20.67 7.79
N PRO B 225 16.52 -20.79 6.73
CA PRO B 225 16.96 -22.10 6.23
C PRO B 225 17.97 -22.69 7.21
N VAL B 226 17.68 -23.90 7.71
CA VAL B 226 18.54 -24.55 8.69
C VAL B 226 19.20 -25.84 8.22
N ALA B 227 18.80 -26.37 7.07
CA ALA B 227 19.40 -27.60 6.57
C ALA B 227 19.25 -27.79 5.06
N VAL B 228 20.20 -28.50 4.46
CA VAL B 228 20.20 -28.79 3.03
C VAL B 228 20.36 -30.31 2.90
N ASN B 229 19.41 -30.95 2.24
CA ASN B 229 19.42 -32.41 2.05
C ASN B 229 19.64 -33.15 3.37
N GLY B 230 18.97 -32.69 4.44
CA GLY B 230 19.09 -33.33 5.74
C GLY B 230 20.31 -33.00 6.57
N GLU B 231 21.25 -32.23 6.02
CA GLU B 231 22.43 -31.87 6.78
C GLU B 231 22.25 -30.49 7.39
N ARG B 232 22.31 -30.42 8.73
CA ARG B 232 22.15 -29.15 9.43
C ARG B 232 23.37 -28.30 9.09
N LEU B 233 23.14 -27.05 8.70
CA LEU B 233 24.25 -26.18 8.36
C LEU B 233 24.08 -24.80 9.00
N SER B 234 25.19 -24.19 9.40
CA SER B 234 25.12 -22.86 9.99
C SER B 234 24.80 -21.92 8.82
N PRO B 235 24.27 -20.71 9.11
CA PRO B 235 23.91 -19.76 8.06
C PRO B 235 24.92 -19.62 6.90
N ALA B 236 26.16 -19.27 7.23
CA ALA B 236 27.18 -19.11 6.20
C ALA B 236 27.52 -20.42 5.48
N ALA B 237 27.58 -21.52 6.23
CA ALA B 237 27.89 -22.82 5.61
C ALA B 237 26.75 -23.22 4.68
N LEU B 238 25.54 -22.89 5.08
CA LEU B 238 24.36 -23.22 4.26
C LEU B 238 24.34 -22.42 2.96
N LEU B 239 24.56 -21.10 3.05
CA LEU B 239 24.55 -20.27 1.85
C LEU B 239 25.63 -20.79 0.92
N GLN B 240 26.78 -21.12 1.50
CA GLN B 240 27.92 -21.65 0.74
C GLN B 240 27.52 -22.91 0.00
N ARG B 241 26.90 -23.85 0.71
CA ARG B 241 26.48 -25.12 0.10
C ARG B 241 25.55 -24.91 -1.08
N LEU B 242 24.55 -24.04 -0.92
CA LEU B 242 23.61 -23.78 -1.99
C LEU B 242 24.23 -23.05 -3.17
N ASN B 243 25.31 -22.29 -2.93
CA ASN B 243 26.00 -21.61 -4.02
C ASN B 243 26.72 -22.68 -4.84
N GLU B 244 27.30 -23.65 -4.13
CA GLU B 244 28.01 -24.74 -4.79
C GLU B 244 27.05 -25.57 -5.64
N ILE B 245 25.98 -26.09 -5.02
CA ILE B 245 24.98 -26.89 -5.74
C ILE B 245 24.35 -26.11 -6.88
N GLY B 246 23.78 -24.94 -6.57
CA GLY B 246 23.14 -24.14 -7.59
C GLY B 246 24.12 -23.60 -8.62
N GLY B 247 25.32 -23.26 -8.18
CA GLY B 247 26.32 -22.74 -9.09
C GLY B 247 26.67 -23.72 -10.20
N ARG B 248 26.82 -25.00 -9.84
CA ARG B 248 27.16 -25.99 -10.85
C ARG B 248 26.11 -26.04 -11.95
N HIS B 249 24.87 -25.73 -11.60
CA HIS B 249 23.79 -25.74 -12.57
C HIS B 249 23.53 -24.38 -13.23
N GLY B 250 24.39 -23.41 -12.94
CA GLY B 250 24.25 -22.08 -13.51
C GLY B 250 22.97 -21.35 -13.15
N VAL B 251 22.47 -21.61 -11.95
CA VAL B 251 21.24 -20.96 -11.46
C VAL B 251 21.47 -19.56 -10.91
N GLY B 252 20.44 -18.72 -11.00
CA GLY B 252 20.49 -17.37 -10.45
C GLY B 252 21.09 -16.20 -11.22
N ARG B 253 21.00 -16.22 -12.54
CA ARG B 253 21.55 -15.12 -13.33
C ARG B 253 20.48 -14.11 -13.70
N VAL B 254 20.80 -12.83 -13.53
CA VAL B 254 19.90 -11.73 -13.84
C VAL B 254 20.63 -10.62 -14.60
N ASP B 255 19.93 -10.00 -15.54
CA ASP B 255 20.48 -8.91 -16.34
C ASP B 255 19.42 -7.82 -16.33
N ILE B 256 19.72 -6.70 -15.65
CA ILE B 256 18.76 -5.61 -15.51
C ILE B 256 19.38 -4.21 -15.60
N VAL B 257 18.51 -3.24 -15.90
CA VAL B 257 18.90 -1.85 -15.92
C VAL B 257 18.13 -1.35 -14.71
N GLU B 258 18.85 -1.04 -13.64
CA GLU B 258 18.27 -0.59 -12.38
C GLU B 258 18.33 0.92 -12.14
N ASN B 259 17.50 1.39 -11.22
CA ASN B 259 17.48 2.80 -10.86
C ASN B 259 18.30 3.00 -9.58
N ARG B 260 19.38 3.76 -9.67
CA ARG B 260 20.22 4.02 -8.51
C ARG B 260 19.54 5.05 -7.63
N PHE B 261 19.91 5.09 -6.36
CA PHE B 261 19.34 6.06 -5.42
C PHE B 261 19.82 7.47 -5.73
N VAL B 262 21.04 7.58 -6.24
CA VAL B 262 21.56 8.89 -6.58
C VAL B 262 20.95 9.47 -7.84
N GLY B 263 19.93 8.80 -8.39
CA GLY B 263 19.24 9.35 -9.54
C GLY B 263 19.37 8.81 -10.95
N MET B 264 20.41 8.04 -11.27
CA MET B 264 20.53 7.54 -12.63
C MET B 264 20.34 6.02 -12.79
N LYS B 265 20.11 5.59 -14.03
CA LYS B 265 19.93 4.17 -14.33
C LYS B 265 21.30 3.58 -14.68
N SER B 266 21.47 2.28 -14.44
CA SER B 266 22.72 1.61 -14.77
C SER B 266 22.47 0.13 -15.01
N ARG B 267 23.18 -0.41 -16.00
CA ARG B 267 23.04 -1.81 -16.38
C ARG B 267 23.86 -2.73 -15.47
N GLY B 268 23.16 -3.61 -14.75
CA GLY B 268 23.85 -4.54 -13.87
C GLY B 268 23.53 -6.00 -14.13
N VAL B 269 24.52 -6.86 -13.97
CA VAL B 269 24.36 -8.29 -14.17
C VAL B 269 24.68 -8.97 -12.84
N TYR B 270 23.78 -9.84 -12.37
CA TYR B 270 23.97 -10.50 -11.10
C TYR B 270 23.77 -12.00 -11.10
N GLU B 271 24.65 -12.71 -10.38
CA GLU B 271 24.55 -14.14 -10.25
C GLU B 271 24.42 -14.45 -8.77
N THR B 272 23.27 -15.02 -8.40
CA THR B 272 22.95 -15.34 -7.02
C THR B 272 22.40 -16.75 -6.89
N PRO B 273 23.24 -17.77 -7.16
CA PRO B 273 22.84 -19.18 -7.08
C PRO B 273 22.15 -19.62 -5.79
N GLY B 274 22.85 -19.51 -4.66
CA GLY B 274 22.27 -19.92 -3.38
C GLY B 274 21.05 -19.11 -3.01
N GLY B 275 21.16 -17.79 -3.13
CA GLY B 275 20.04 -16.92 -2.79
C GLY B 275 18.79 -17.18 -3.62
N THR B 276 18.98 -17.50 -4.90
CA THR B 276 17.86 -17.76 -5.79
C THR B 276 17.16 -19.07 -5.42
N ILE B 277 17.93 -20.08 -5.04
CA ILE B 277 17.34 -21.34 -4.62
C ILE B 277 16.53 -21.06 -3.35
N LEU B 278 17.16 -20.35 -2.41
CA LEU B 278 16.51 -20.01 -1.16
C LEU B 278 15.23 -19.20 -1.35
N TYR B 279 15.24 -18.30 -2.33
CA TYR B 279 14.07 -17.48 -2.61
C TYR B 279 12.85 -18.33 -2.92
N HIS B 280 12.98 -19.26 -3.87
CA HIS B 280 11.89 -20.13 -4.28
C HIS B 280 11.56 -21.18 -3.22
N ALA B 281 12.59 -21.62 -2.50
CA ALA B 281 12.41 -22.61 -1.44
C ALA B 281 11.55 -22.01 -0.34
N ARG B 282 11.83 -20.74 -0.01
CA ARG B 282 11.08 -20.04 1.01
C ARG B 282 9.61 -19.91 0.61
N ARG B 283 9.35 -19.46 -0.62
CA ARG B 283 7.97 -19.32 -1.06
C ARG B 283 7.25 -20.67 -1.11
N ALA B 284 8.00 -21.73 -1.42
CA ALA B 284 7.42 -23.06 -1.47
C ALA B 284 6.92 -23.44 -0.09
N VAL B 285 7.75 -23.18 0.92
CA VAL B 285 7.38 -23.50 2.29
C VAL B 285 6.26 -22.56 2.77
N GLU B 286 6.29 -21.31 2.32
CA GLU B 286 5.25 -20.36 2.73
C GLU B 286 3.89 -20.72 2.13
N SER B 287 3.90 -21.37 0.96
CA SER B 287 2.66 -21.74 0.29
C SER B 287 1.81 -22.67 1.15
N LEU B 288 2.44 -23.42 2.04
CA LEU B 288 1.70 -24.33 2.90
C LEU B 288 1.47 -23.74 4.28
N THR B 289 2.40 -22.92 4.75
CA THR B 289 2.34 -22.34 6.09
C THR B 289 1.76 -20.94 6.28
N LEU B 290 1.66 -20.15 5.22
CA LEU B 290 1.12 -18.81 5.37
C LEU B 290 -0.34 -18.67 4.98
N ASP B 291 -1.05 -17.85 5.74
CA ASP B 291 -2.45 -17.58 5.46
C ASP B 291 -2.53 -16.73 4.20
N ARG B 292 -3.61 -16.91 3.46
CA ARG B 292 -3.82 -16.17 2.21
C ARG B 292 -3.70 -14.65 2.38
N GLU B 293 -4.52 -14.10 3.26
CA GLU B 293 -4.51 -12.67 3.47
C GLU B 293 -3.17 -12.14 3.97
N VAL B 294 -2.49 -12.92 4.81
CA VAL B 294 -1.18 -12.50 5.32
C VAL B 294 -0.20 -12.41 4.15
N LEU B 295 -0.14 -13.48 3.35
CA LEU B 295 0.73 -13.53 2.18
C LEU B 295 0.54 -12.34 1.27
N HIS B 296 -0.71 -12.06 0.92
CA HIS B 296 -1.00 -10.95 0.02
C HIS B 296 -0.54 -9.61 0.60
N GLN B 297 -0.73 -9.39 1.90
CA GLN B 297 -0.30 -8.14 2.52
C GLN B 297 1.23 -8.09 2.49
N ARG B 298 1.85 -9.21 2.85
CA ARG B 298 3.30 -9.30 2.89
C ARG B 298 3.95 -8.98 1.53
N ASP B 299 3.44 -9.54 0.44
CA ASP B 299 4.01 -9.28 -0.88
C ASP B 299 3.86 -7.83 -1.32
N MET B 300 2.87 -7.13 -0.80
CA MET B 300 2.70 -5.73 -1.19
C MET B 300 3.66 -4.80 -0.43
N LEU B 301 4.26 -5.30 0.64
CA LEU B 301 5.20 -4.50 1.43
C LEU B 301 6.65 -4.85 1.08
N SER B 302 6.88 -6.07 0.62
CA SER B 302 8.22 -6.52 0.24
C SER B 302 9.00 -5.54 -0.63
N PRO B 303 8.37 -5.00 -1.68
CA PRO B 303 9.07 -4.05 -2.56
C PRO B 303 9.57 -2.82 -1.82
N LYS B 304 8.78 -2.34 -0.86
CA LYS B 304 9.16 -1.16 -0.10
C LYS B 304 10.41 -1.45 0.71
N TYR B 305 10.40 -2.60 1.38
CA TYR B 305 11.53 -3.03 2.18
C TYR B 305 12.75 -3.17 1.27
N ALA B 306 12.52 -3.63 0.05
CA ALA B 306 13.60 -3.81 -0.91
C ALA B 306 14.27 -2.48 -1.26
N GLU B 307 13.48 -1.42 -1.45
CA GLU B 307 14.09 -0.15 -1.79
C GLU B 307 14.85 0.42 -0.59
N LEU B 308 14.34 0.19 0.62
CA LEU B 308 15.03 0.64 1.83
C LEU B 308 16.44 0.05 1.89
N VAL B 309 16.52 -1.25 1.66
CA VAL B 309 17.80 -1.96 1.67
C VAL B 309 18.70 -1.43 0.53
N TYR B 310 18.10 -1.25 -0.64
CA TYR B 310 18.83 -0.77 -1.80
C TYR B 310 19.36 0.65 -1.61
N TYR B 311 18.55 1.52 -1.01
CA TYR B 311 18.94 2.90 -0.77
C TYR B 311 19.95 3.03 0.37
N GLY B 312 19.98 2.04 1.26
CA GLY B 312 20.92 2.05 2.37
C GLY B 312 20.29 2.33 3.71
N PHE B 313 18.97 2.23 3.79
CA PHE B 313 18.27 2.46 5.04
C PHE B 313 18.10 1.18 5.86
N TRP B 314 19.22 0.54 6.18
CA TRP B 314 19.18 -0.70 6.96
C TRP B 314 18.97 -0.39 8.43
N TYR B 315 19.89 0.33 9.04
CA TYR B 315 19.76 0.72 10.44
C TYR B 315 18.95 2.01 10.42
N ALA B 316 17.66 1.86 10.11
CA ALA B 316 16.72 2.98 10.03
C ALA B 316 15.40 2.50 10.61
N PRO B 317 14.66 3.39 11.27
CA PRO B 317 13.39 3.01 11.87
C PRO B 317 12.32 2.40 10.95
N GLU B 318 12.22 2.88 9.72
CA GLU B 318 11.22 2.34 8.78
C GLU B 318 11.47 0.85 8.57
N ARG B 319 12.73 0.53 8.27
CA ARG B 319 13.15 -0.82 7.99
C ARG B 319 12.94 -1.75 9.18
N GLU B 320 13.30 -1.30 10.38
CA GLU B 320 13.15 -2.12 11.56
C GLU B 320 11.67 -2.33 11.93
N ALA B 321 10.83 -1.37 11.60
CA ALA B 321 9.40 -1.49 11.85
C ALA B 321 8.84 -2.56 10.91
N LEU B 322 9.17 -2.44 9.62
CA LEU B 322 8.70 -3.42 8.64
C LEU B 322 9.28 -4.78 9.02
N GLN B 323 10.51 -4.80 9.54
CA GLN B 323 11.15 -6.05 9.94
C GLN B 323 10.35 -6.75 11.03
N ALA B 324 9.62 -5.98 11.83
CA ALA B 324 8.79 -6.55 12.88
C ALA B 324 7.64 -7.32 12.24
N TYR B 325 7.05 -6.75 11.19
CA TYR B 325 5.96 -7.40 10.47
C TYR B 325 6.47 -8.69 9.82
N PHE B 326 7.52 -8.58 9.02
CA PHE B 326 8.09 -9.72 8.32
C PHE B 326 8.53 -10.86 9.23
N ASP B 327 9.12 -10.52 10.38
CA ASP B 327 9.57 -11.54 11.30
C ASP B 327 8.38 -12.22 11.95
N HIS B 328 7.31 -11.47 12.18
CA HIS B 328 6.12 -12.06 12.76
C HIS B 328 5.60 -13.11 11.75
N VAL B 329 5.40 -12.67 10.51
CA VAL B 329 4.92 -13.56 9.45
C VAL B 329 5.84 -14.77 9.28
N ALA B 330 7.13 -14.50 9.13
CA ALA B 330 8.11 -15.54 8.91
C ALA B 330 8.23 -16.62 9.97
N ARG B 331 7.85 -16.31 11.20
CA ARG B 331 7.95 -17.29 12.28
C ARG B 331 7.20 -18.59 11.96
N SER B 332 6.12 -18.49 11.18
CA SER B 332 5.31 -19.65 10.79
C SER B 332 5.88 -20.46 9.63
N VAL B 333 6.93 -19.94 9.00
CA VAL B 333 7.54 -20.61 7.86
C VAL B 333 8.45 -21.75 8.26
N THR B 334 7.83 -22.90 8.52
CA THR B 334 8.55 -24.11 8.95
C THR B 334 8.13 -25.30 8.09
N GLY B 335 9.10 -25.90 7.42
CA GLY B 335 8.83 -27.04 6.57
C GLY B 335 10.02 -27.29 5.66
N VAL B 336 9.82 -28.11 4.65
CA VAL B 336 10.88 -28.44 3.70
C VAL B 336 10.41 -28.21 2.27
N ALA B 337 11.29 -27.67 1.45
CA ALA B 337 10.97 -27.43 0.05
C ALA B 337 11.84 -28.36 -0.79
N ARG B 338 11.27 -28.90 -1.85
CA ARG B 338 12.02 -29.78 -2.74
C ARG B 338 12.06 -29.11 -4.10
N LEU B 339 13.26 -28.84 -4.60
CA LEU B 339 13.40 -28.18 -5.89
C LEU B 339 14.24 -29.00 -6.84
N LYS B 340 14.04 -28.74 -8.13
CA LYS B 340 14.75 -29.43 -9.18
C LYS B 340 15.58 -28.40 -9.92
N LEU B 341 16.90 -28.58 -9.92
CA LEU B 341 17.82 -27.67 -10.58
C LEU B 341 18.23 -28.23 -11.94
N TYR B 342 18.07 -27.43 -12.99
CA TYR B 342 18.43 -27.86 -14.33
C TYR B 342 18.76 -26.72 -15.27
N LYS B 343 19.99 -26.73 -15.77
CA LYS B 343 20.48 -25.73 -16.72
C LYS B 343 19.92 -24.32 -16.57
N GLY B 344 20.34 -23.65 -15.49
CA GLY B 344 19.94 -22.28 -15.25
C GLY B 344 18.66 -22.08 -14.48
N ASN B 345 17.84 -23.11 -14.40
CA ASN B 345 16.57 -23.02 -13.70
C ASN B 345 16.44 -23.69 -12.36
N VAL B 346 15.49 -23.17 -11.59
CA VAL B 346 15.18 -23.70 -10.28
C VAL B 346 13.70 -24.01 -10.33
N TYR B 347 13.34 -25.28 -10.20
CA TYR B 347 11.93 -25.65 -10.25
C TYR B 347 11.47 -26.23 -8.93
N VAL B 348 10.41 -25.67 -8.38
CA VAL B 348 9.86 -26.22 -7.16
C VAL B 348 9.06 -27.45 -7.61
N VAL B 349 9.33 -28.59 -6.98
CA VAL B 349 8.63 -29.82 -7.34
C VAL B 349 7.89 -30.44 -6.16
N GLY B 350 8.13 -29.91 -4.97
CA GLY B 350 7.47 -30.41 -3.78
C GLY B 350 7.69 -29.55 -2.55
N ARG B 351 6.79 -29.68 -1.58
CA ARG B 351 6.88 -28.96 -0.32
C ARG B 351 6.03 -29.67 0.72
N LYS B 352 6.48 -29.64 1.97
CA LYS B 352 5.76 -30.27 3.07
C LYS B 352 6.00 -29.42 4.32
N ALA B 353 5.08 -29.49 5.27
CA ALA B 353 5.22 -28.72 6.51
C ALA B 353 4.45 -29.39 7.64
N PRO B 354 5.00 -29.35 8.86
CA PRO B 354 4.35 -29.96 10.03
C PRO B 354 3.01 -29.31 10.33
N LYS B 355 2.94 -28.00 10.14
CA LYS B 355 1.69 -27.28 10.38
C LYS B 355 1.15 -26.71 9.07
N SER B 356 1.23 -27.51 8.03
CA SER B 356 0.72 -27.11 6.71
C SER B 356 -0.76 -26.77 6.83
N LEU B 357 -1.19 -25.74 6.13
CA LEU B 357 -2.59 -25.32 6.13
C LEU B 357 -3.33 -25.94 4.95
N TYR B 358 -2.65 -26.83 4.22
CA TYR B 358 -3.26 -27.49 3.06
C TYR B 358 -3.98 -28.80 3.40
N ARG B 359 -5.21 -28.95 2.93
CA ARG B 359 -6.00 -30.18 3.13
C ARG B 359 -6.65 -30.58 1.80
N GLN B 360 -6.26 -31.72 1.24
CA GLN B 360 -6.88 -32.11 -0.02
C GLN B 360 -8.29 -32.52 0.34
N ASP B 361 -8.57 -32.45 1.63
CA ASP B 361 -9.88 -32.78 2.17
C ASP B 361 -10.88 -31.79 1.58
N LEU B 362 -10.38 -30.62 1.21
CA LEU B 362 -11.22 -29.54 0.67
C LEU B 362 -11.14 -29.31 -0.83
N VAL B 363 -10.34 -30.12 -1.54
CA VAL B 363 -10.23 -29.94 -2.98
C VAL B 363 -10.73 -31.14 -3.78
N SER B 364 -10.42 -32.35 -3.32
CA SER B 364 -10.82 -33.58 -4.00
C SER B 364 -12.32 -33.74 -4.06
N PHE B 365 -12.81 -34.51 -5.03
CA PHE B 365 -14.25 -34.71 -5.15
C PHE B 365 -14.66 -36.13 -4.74
N GLY B 370 -15.07 -28.18 4.19
CA GLY B 370 -15.56 -27.34 5.33
C GLY B 370 -16.86 -26.65 4.99
N TYR B 371 -17.46 -27.04 3.88
CA TYR B 371 -18.74 -26.45 3.47
C TYR B 371 -19.31 -27.22 2.29
N ASP B 372 -20.39 -26.71 1.74
CA ASP B 372 -20.98 -27.35 0.60
C ASP B 372 -21.30 -26.28 -0.42
N GLN B 373 -21.22 -26.68 -1.69
CA GLN B 373 -21.47 -25.77 -2.81
C GLN B 373 -22.54 -24.73 -2.50
N LYS B 374 -23.56 -25.07 -1.72
CA LYS B 374 -24.61 -24.10 -1.44
C LYS B 374 -24.07 -22.85 -0.71
N ASP B 375 -23.09 -23.04 0.17
CA ASP B 375 -22.50 -21.90 0.86
C ASP B 375 -21.91 -20.99 -0.20
N ALA B 376 -21.30 -21.61 -1.20
CA ALA B 376 -20.70 -20.87 -2.29
C ALA B 376 -21.67 -19.90 -2.94
N GLU B 377 -22.93 -20.32 -3.10
CA GLU B 377 -23.91 -19.44 -3.72
C GLU B 377 -24.13 -18.15 -2.92
N GLY B 378 -24.31 -18.28 -1.61
CA GLY B 378 -24.53 -17.10 -0.78
C GLY B 378 -23.32 -16.18 -0.85
N PHE B 379 -22.13 -16.76 -0.81
CA PHE B 379 -20.88 -16.02 -0.88
C PHE B 379 -20.90 -15.12 -2.12
N ILE B 380 -21.19 -15.73 -3.27
CA ILE B 380 -21.24 -15.00 -4.53
C ILE B 380 -22.26 -13.87 -4.53
N LYS B 381 -23.47 -14.18 -4.07
CA LYS B 381 -24.54 -13.19 -4.02
C LYS B 381 -24.12 -11.94 -3.22
N ILE B 382 -23.59 -12.17 -2.02
CA ILE B 382 -23.16 -11.07 -1.17
C ILE B 382 -22.06 -10.30 -1.89
N GLN B 383 -21.06 -11.01 -2.37
CA GLN B 383 -19.94 -10.39 -3.07
C GLN B 383 -20.42 -9.57 -4.26
N ALA B 384 -21.48 -10.03 -4.91
CA ALA B 384 -22.00 -9.36 -6.10
C ALA B 384 -22.98 -8.20 -5.81
N LEU B 385 -23.52 -8.14 -4.60
CA LEU B 385 -24.48 -7.10 -4.28
C LEU B 385 -24.07 -5.68 -4.73
N ARG B 386 -22.93 -5.19 -4.26
CA ARG B 386 -22.52 -3.84 -4.66
C ARG B 386 -22.35 -3.69 -6.16
N LEU B 387 -21.88 -4.73 -6.84
CA LEU B 387 -21.71 -4.64 -8.28
C LEU B 387 -23.09 -4.54 -8.95
N ARG B 388 -24.06 -5.27 -8.43
CA ARG B 388 -25.41 -5.21 -9.00
C ARG B 388 -26.05 -3.83 -8.80
N VAL B 389 -25.88 -3.28 -7.60
CA VAL B 389 -26.43 -1.95 -7.29
C VAL B 389 -25.86 -0.93 -8.28
N ARG B 390 -24.56 -1.01 -8.53
CA ARG B 390 -23.89 -0.10 -9.46
C ARG B 390 -24.55 -0.20 -10.84
N ALA B 391 -24.75 -1.44 -11.31
CA ALA B 391 -25.37 -1.68 -12.62
C ALA B 391 -26.79 -1.13 -12.69
N LEU B 392 -27.59 -1.39 -11.67
CA LEU B 392 -28.95 -0.87 -11.67
C LEU B 392 -28.91 0.65 -11.73
N VAL B 393 -28.07 1.26 -10.89
CA VAL B 393 -27.95 2.71 -10.87
C VAL B 393 -27.52 3.22 -12.23
N GLU B 394 -26.52 2.58 -12.84
CA GLU B 394 -26.11 3.02 -14.17
C GLU B 394 -27.31 2.81 -15.10
N ARG B 395 -28.35 2.16 -14.57
CA ARG B 395 -29.57 1.88 -15.30
C ARG B 395 -29.34 0.92 -16.44
N MET C 1 24.01 38.82 -17.40
CA MET C 1 23.04 37.70 -17.43
C MET C 1 21.71 38.16 -16.82
N LYS C 2 20.59 37.78 -17.42
CA LYS C 2 19.29 38.16 -16.88
C LYS C 2 18.87 37.11 -15.88
N ILE C 3 18.14 37.53 -14.85
CA ILE C 3 17.68 36.61 -13.82
C ILE C 3 16.24 36.97 -13.48
N VAL C 4 15.36 35.96 -13.47
CA VAL C 4 13.95 36.19 -13.15
C VAL C 4 13.78 35.88 -11.66
N LEU C 5 13.33 36.86 -10.91
CA LEU C 5 13.16 36.72 -9.46
C LEU C 5 11.73 36.63 -8.97
N ALA C 6 11.44 35.58 -8.21
CA ALA C 6 10.12 35.42 -7.62
C ALA C 6 10.12 36.52 -6.57
N TYR C 7 9.54 37.66 -6.92
CA TYR C 7 9.50 38.83 -6.05
C TYR C 7 8.20 39.00 -5.27
N SER C 8 8.29 38.87 -3.96
CA SER C 8 7.12 39.00 -3.09
C SER C 8 6.73 40.43 -2.72
N GLY C 9 7.66 41.37 -2.86
CA GLY C 9 7.37 42.76 -2.53
C GLY C 9 7.78 43.17 -1.13
N GLY C 10 8.37 42.25 -0.36
CA GLY C 10 8.78 42.58 0.99
C GLY C 10 10.26 42.89 1.16
N LEU C 11 10.70 42.91 2.42
CA LEU C 11 12.09 43.19 2.75
C LEU C 11 13.09 42.26 2.07
N ASP C 12 12.97 40.97 2.37
CA ASP C 12 13.87 39.97 1.83
C ASP C 12 14.03 39.92 0.32
N THR C 13 12.93 39.91 -0.42
CA THR C 13 13.08 39.85 -1.87
C THR C 13 13.59 41.18 -2.40
N SER C 14 13.39 42.24 -1.63
CA SER C 14 13.89 43.56 -2.04
C SER C 14 15.40 43.52 -1.85
N ILE C 15 15.83 43.04 -0.69
CA ILE C 15 17.25 42.90 -0.40
C ILE C 15 17.85 41.99 -1.46
N ILE C 16 17.15 40.88 -1.71
CA ILE C 16 17.59 39.93 -2.70
C ILE C 16 17.67 40.59 -4.08
N LEU C 17 16.71 41.46 -4.38
CA LEU C 17 16.70 42.12 -5.67
C LEU C 17 17.99 42.90 -5.90
N LYS C 18 18.47 43.61 -4.87
CA LYS C 18 19.71 44.37 -5.03
C LYS C 18 20.90 43.44 -4.91
N TRP C 19 20.83 42.49 -3.99
CA TRP C 19 21.90 41.53 -3.80
C TRP C 19 22.26 40.91 -5.16
N LEU C 20 21.22 40.60 -5.95
CA LEU C 20 21.41 40.00 -7.28
C LEU C 20 22.05 40.97 -8.25
N LYS C 21 21.65 42.23 -8.18
CA LYS C 21 22.24 43.23 -9.05
C LYS C 21 23.69 43.37 -8.64
N GLU C 22 23.91 43.65 -7.36
CA GLU C 22 25.26 43.81 -6.83
C GLU C 22 26.12 42.61 -7.20
N THR C 23 25.98 41.54 -6.43
CA THR C 23 26.73 40.31 -6.63
C THR C 23 26.92 39.86 -8.08
N TYR C 24 25.82 39.55 -8.78
CA TYR C 24 25.92 39.08 -10.17
C TYR C 24 25.89 40.21 -11.20
N ARG C 25 25.54 41.42 -10.78
CA ARG C 25 25.39 42.54 -11.72
C ARG C 25 24.74 41.91 -12.96
N ALA C 26 23.47 41.58 -12.76
CA ALA C 26 22.68 40.95 -13.78
C ALA C 26 21.42 41.79 -13.95
N GLU C 27 20.76 41.61 -15.09
CA GLU C 27 19.51 42.32 -15.39
C GLU C 27 18.44 41.53 -14.64
N VAL C 28 17.71 42.19 -13.75
CA VAL C 28 16.70 41.51 -12.95
C VAL C 28 15.24 41.70 -13.35
N ILE C 29 14.60 40.61 -13.79
CA ILE C 29 13.19 40.63 -14.16
C ILE C 29 12.40 40.16 -12.94
N ALA C 30 11.62 41.05 -12.35
CA ALA C 30 10.86 40.67 -11.17
C ALA C 30 9.48 40.08 -11.53
N PHE C 31 9.03 39.13 -10.73
CA PHE C 31 7.73 38.50 -10.94
C PHE C 31 6.94 38.37 -9.65
N THR C 32 5.77 38.99 -9.59
CA THR C 32 4.90 38.87 -8.43
C THR C 32 3.61 38.24 -8.91
N ALA C 33 3.14 37.25 -8.16
CA ALA C 33 1.92 36.56 -8.53
C ALA C 33 0.86 36.77 -7.47
N ASP C 34 -0.36 37.08 -7.91
CA ASP C 34 -1.45 37.22 -6.94
C ASP C 34 -2.12 35.87 -6.83
N ILE C 35 -1.95 35.24 -5.68
CA ILE C 35 -2.55 33.94 -5.41
C ILE C 35 -3.41 34.09 -4.17
N GLY C 36 -3.86 35.32 -3.93
CA GLY C 36 -4.70 35.60 -2.79
C GLY C 36 -3.97 35.83 -1.49
N GLN C 37 -2.78 36.43 -1.54
CA GLN C 37 -2.03 36.70 -0.32
C GLN C 37 -2.61 37.91 0.40
N GLY C 38 -3.40 38.70 -0.31
CA GLY C 38 -3.98 39.88 0.29
C GLY C 38 -2.97 41.01 0.22
N GLU C 39 -2.35 41.17 -0.95
CA GLU C 39 -1.38 42.23 -1.17
C GLU C 39 -1.60 42.82 -2.56
N GLU C 40 -1.59 44.14 -2.63
CA GLU C 40 -1.78 44.86 -3.88
C GLU C 40 -0.59 44.60 -4.81
N VAL C 41 -0.53 43.37 -5.31
CA VAL C 41 0.53 42.93 -6.21
C VAL C 41 1.07 43.98 -7.17
N GLU C 42 0.25 44.98 -7.53
CA GLU C 42 0.75 45.99 -8.46
C GLU C 42 1.72 46.92 -7.72
N GLU C 43 1.56 47.04 -6.42
CA GLU C 43 2.46 47.88 -5.64
C GLU C 43 3.80 47.19 -5.71
N ALA C 44 3.76 45.90 -5.41
CA ALA C 44 4.92 45.04 -5.44
C ALA C 44 5.65 45.36 -6.73
N ARG C 45 4.93 45.31 -7.84
CA ARG C 45 5.50 45.57 -9.17
C ARG C 45 6.20 46.92 -9.27
N GLU C 46 5.60 47.93 -8.64
CA GLU C 46 6.16 49.28 -8.65
C GLU C 46 7.48 49.25 -7.87
N LYS C 47 7.39 48.81 -6.61
CA LYS C 47 8.55 48.72 -5.74
C LYS C 47 9.72 47.94 -6.36
N ALA C 48 9.42 47.07 -7.31
CA ALA C 48 10.46 46.26 -7.97
C ALA C 48 11.25 47.05 -9.02
N LEU C 49 10.57 47.92 -9.75
CA LEU C 49 11.24 48.74 -10.76
C LEU C 49 12.03 49.78 -9.98
N ARG C 50 11.50 50.05 -8.79
CA ARG C 50 12.05 51.01 -7.85
C ARG C 50 13.29 50.48 -7.14
N THR C 51 13.41 49.15 -7.06
CA THR C 51 14.55 48.53 -6.41
C THR C 51 15.63 48.25 -7.44
N GLY C 52 15.32 48.51 -8.70
CA GLY C 52 16.31 48.28 -9.75
C GLY C 52 16.02 47.19 -10.75
N ALA C 53 14.78 46.68 -10.78
CA ALA C 53 14.45 45.64 -11.74
C ALA C 53 14.40 46.25 -13.13
N SER C 54 14.97 45.55 -14.12
CA SER C 54 14.97 46.04 -15.49
C SER C 54 13.59 45.82 -16.09
N LYS C 55 12.72 45.15 -15.34
CA LYS C 55 11.36 44.86 -15.77
C LYS C 55 10.67 44.16 -14.62
N ALA C 56 9.38 44.47 -14.41
CA ALA C 56 8.62 43.86 -13.33
C ALA C 56 7.29 43.38 -13.88
N ILE C 57 6.92 42.15 -13.53
CA ILE C 57 5.66 41.55 -13.98
C ILE C 57 4.80 41.07 -12.83
N ALA C 58 3.50 41.34 -12.92
CA ALA C 58 2.58 40.90 -11.90
C ALA C 58 1.43 40.21 -12.62
N LEU C 59 0.92 39.12 -12.08
CA LEU C 59 -0.18 38.41 -12.73
C LEU C 59 -1.19 37.92 -11.72
N ASP C 60 -2.46 38.03 -12.07
CA ASP C 60 -3.54 37.55 -11.21
C ASP C 60 -3.66 36.07 -11.52
N LEU C 61 -3.10 35.22 -10.66
CA LEU C 61 -3.14 33.79 -10.91
C LEU C 61 -4.14 33.01 -10.05
N LYS C 62 -5.05 33.72 -9.39
CA LYS C 62 -6.01 33.03 -8.54
C LYS C 62 -6.78 31.86 -9.17
N GLU C 63 -7.36 32.08 -10.35
CA GLU C 63 -8.13 31.03 -11.00
C GLU C 63 -7.26 29.82 -11.37
N GLU C 64 -6.12 30.07 -12.01
CA GLU C 64 -5.22 28.99 -12.38
C GLU C 64 -4.79 28.22 -11.15
N PHE C 65 -4.55 28.93 -10.06
CA PHE C 65 -4.13 28.30 -8.81
C PHE C 65 -5.15 27.26 -8.35
N VAL C 66 -6.40 27.68 -8.16
CA VAL C 66 -7.45 26.79 -7.69
C VAL C 66 -7.84 25.75 -8.73
N ARG C 67 -7.95 26.16 -9.99
CA ARG C 67 -8.31 25.24 -11.05
C ARG C 67 -7.25 24.17 -11.38
N ASP C 68 -6.02 24.59 -11.62
CA ASP C 68 -4.96 23.66 -11.99
C ASP C 68 -4.10 23.08 -10.85
N PHE C 69 -4.32 23.50 -9.62
CA PHE C 69 -3.51 22.97 -8.53
C PHE C 69 -4.29 22.52 -7.31
N VAL C 70 -5.07 23.42 -6.70
CA VAL C 70 -5.85 23.06 -5.53
C VAL C 70 -6.89 21.98 -5.82
N PHE C 71 -7.67 22.16 -6.87
CA PHE C 71 -8.72 21.19 -7.24
C PHE C 71 -8.18 19.78 -7.51
N PRO C 72 -7.16 19.65 -8.39
CA PRO C 72 -6.61 18.31 -8.65
C PRO C 72 -6.14 17.65 -7.35
N MET C 73 -5.58 18.46 -6.45
CA MET C 73 -5.09 17.92 -5.18
C MET C 73 -6.23 17.50 -4.26
N MET C 74 -7.28 18.29 -4.21
CA MET C 74 -8.43 17.97 -3.37
C MET C 74 -9.10 16.72 -3.92
N ARG C 75 -9.09 16.59 -5.24
CA ARG C 75 -9.68 15.43 -5.89
C ARG C 75 -9.05 14.16 -5.32
N ALA C 76 -7.77 14.25 -4.97
CA ALA C 76 -7.03 13.13 -4.42
C ALA C 76 -7.19 12.96 -2.91
N GLY C 77 -7.90 13.86 -2.25
CA GLY C 77 -8.09 13.75 -0.82
C GLY C 77 -6.79 13.85 -0.05
N ALA C 78 -5.86 14.61 -0.60
CA ALA C 78 -4.54 14.78 -0.01
C ALA C 78 -4.51 15.45 1.37
N VAL C 79 -3.95 14.75 2.35
CA VAL C 79 -3.80 15.25 3.71
C VAL C 79 -2.43 14.80 4.18
N TYR C 80 -1.57 15.76 4.50
CA TYR C 80 -0.22 15.42 4.96
C TYR C 80 -0.18 15.13 6.45
N GLU C 81 0.32 13.95 6.80
CA GLU C 81 0.44 13.50 8.16
C GLU C 81 -0.82 13.74 9.02
N GLY C 82 -1.97 13.43 8.43
CA GLY C 82 -3.23 13.55 9.13
C GLY C 82 -3.97 14.87 9.26
N TYR C 83 -3.33 16.01 9.02
CA TYR C 83 -4.04 17.28 9.20
C TYR C 83 -3.75 18.39 8.20
N TYR C 84 -2.51 18.46 7.75
CA TYR C 84 -2.12 19.51 6.82
C TYR C 84 -2.74 19.37 5.43
N LEU C 85 -3.52 20.38 5.05
CA LEU C 85 -4.18 20.40 3.77
C LEU C 85 -3.31 20.99 2.65
N LEU C 86 -2.02 21.10 2.90
CA LEU C 86 -1.06 21.55 1.90
C LEU C 86 -1.23 22.95 1.30
N GLY C 87 -1.74 23.89 2.08
CA GLY C 87 -1.94 25.25 1.58
C GLY C 87 -0.74 25.88 0.88
N THR C 88 0.42 25.85 1.53
CA THR C 88 1.63 26.42 0.95
C THR C 88 2.23 25.51 -0.11
N SER C 89 2.31 24.23 0.21
CA SER C 89 2.88 23.23 -0.69
C SER C 89 2.39 23.32 -2.13
N ILE C 90 1.07 23.36 -2.34
CA ILE C 90 0.52 23.42 -3.69
C ILE C 90 0.68 24.71 -4.46
N ALA C 91 0.95 25.81 -3.76
CA ALA C 91 1.11 27.09 -4.45
C ALA C 91 2.48 27.27 -5.10
N ARG C 92 3.51 26.71 -4.49
CA ARG C 92 4.87 26.87 -5.00
C ARG C 92 5.12 26.42 -6.43
N PRO C 93 4.57 25.26 -6.82
CA PRO C 93 4.78 24.80 -8.20
C PRO C 93 4.26 25.81 -9.22
N LEU C 94 3.15 26.45 -8.89
CA LEU C 94 2.55 27.44 -9.78
C LEU C 94 3.50 28.62 -10.01
N ILE C 95 4.13 29.07 -8.93
CA ILE C 95 5.06 30.19 -9.02
C ILE C 95 6.27 29.85 -9.87
N ALA C 96 6.91 28.73 -9.57
CA ALA C 96 8.08 28.30 -10.32
C ALA C 96 7.73 28.11 -11.78
N LYS C 97 6.53 27.60 -12.04
CA LYS C 97 6.06 27.38 -13.41
C LYS C 97 6.19 28.68 -14.20
N HIS C 98 5.60 29.75 -13.69
CA HIS C 98 5.67 31.04 -14.36
C HIS C 98 7.08 31.62 -14.43
N LEU C 99 7.87 31.41 -13.37
CA LEU C 99 9.24 31.90 -13.35
C LEU C 99 9.97 31.37 -14.59
N VAL C 100 9.94 30.06 -14.74
CA VAL C 100 10.59 29.42 -15.88
C VAL C 100 10.02 29.88 -17.22
N ARG C 101 8.70 30.03 -17.28
CA ARG C 101 8.04 30.48 -18.50
C ARG C 101 8.57 31.88 -18.87
N ILE C 102 8.57 32.78 -17.89
CA ILE C 102 9.04 34.14 -18.09
C ILE C 102 10.51 34.14 -18.50
N ALA C 103 11.32 33.35 -17.81
CA ALA C 103 12.73 33.26 -18.14
C ALA C 103 12.91 32.89 -19.62
N GLU C 104 12.06 31.99 -20.10
CA GLU C 104 12.18 31.57 -21.49
C GLU C 104 11.73 32.68 -22.44
N GLU C 105 10.84 33.55 -21.97
CA GLU C 105 10.35 34.66 -22.78
C GLU C 105 11.32 35.83 -22.78
N GLU C 106 12.03 36.03 -21.67
CA GLU C 106 12.98 37.13 -21.54
C GLU C 106 14.39 36.72 -21.93
N GLY C 107 14.55 35.46 -22.32
CA GLY C 107 15.87 34.99 -22.70
C GLY C 107 16.78 35.02 -21.49
N ALA C 108 16.18 34.80 -20.32
CA ALA C 108 16.91 34.80 -19.05
C ALA C 108 17.51 33.44 -18.74
N GLU C 109 18.77 33.50 -18.32
CA GLU C 109 19.56 32.32 -17.98
C GLU C 109 19.19 31.72 -16.63
N ALA C 110 18.76 32.55 -15.68
CA ALA C 110 18.44 32.02 -14.35
C ALA C 110 17.17 32.55 -13.72
N ILE C 111 16.83 31.95 -12.59
CA ILE C 111 15.65 32.35 -11.82
C ILE C 111 16.09 32.35 -10.37
N ALA C 112 15.38 33.11 -9.53
CA ALA C 112 15.73 33.17 -8.12
C ALA C 112 14.51 33.25 -7.25
N HIS C 113 14.65 32.78 -6.02
CA HIS C 113 13.58 32.81 -5.04
C HIS C 113 14.26 33.03 -3.69
N GLY C 114 13.50 33.47 -2.71
CA GLY C 114 14.05 33.71 -1.39
C GLY C 114 13.66 32.69 -0.34
N ALA C 115 13.37 31.46 -0.76
CA ALA C 115 13.04 30.41 0.19
C ALA C 115 14.36 30.15 0.89
N THR C 116 14.34 29.88 2.19
CA THR C 116 15.59 29.65 2.91
C THR C 116 16.12 28.23 2.74
N GLY C 117 17.37 28.03 3.15
CA GLY C 117 17.98 26.72 3.03
C GLY C 117 17.52 25.73 4.07
N LYS C 118 16.63 26.15 4.96
CA LYS C 118 16.13 25.28 6.02
C LYS C 118 14.77 24.65 5.76
N GLY C 119 14.05 25.16 4.77
CA GLY C 119 12.72 24.65 4.53
C GLY C 119 12.41 23.78 3.32
N ASN C 120 11.11 23.57 3.11
CA ASN C 120 10.60 22.77 2.02
C ASN C 120 10.44 23.58 0.73
N ASP C 121 10.14 24.86 0.86
CA ASP C 121 9.90 25.67 -0.35
C ASP C 121 11.02 25.68 -1.36
N GLN C 122 12.27 25.69 -0.89
CA GLN C 122 13.39 25.65 -1.83
C GLN C 122 13.29 24.41 -2.72
N VAL C 123 12.94 23.28 -2.13
CA VAL C 123 12.83 22.05 -2.91
C VAL C 123 11.70 22.19 -3.94
N ARG C 124 10.51 22.60 -3.46
CA ARG C 124 9.34 22.77 -4.33
C ARG C 124 9.65 23.68 -5.52
N PHE C 125 10.26 24.81 -5.26
CA PHE C 125 10.61 25.75 -6.32
C PHE C 125 11.59 25.13 -7.31
N GLU C 126 12.68 24.57 -6.80
CA GLU C 126 13.71 24.01 -7.66
C GLU C 126 13.38 22.70 -8.37
N LEU C 127 12.64 21.81 -7.74
CA LEU C 127 12.25 20.56 -8.39
C LEU C 127 11.36 20.96 -9.55
N THR C 128 10.47 21.93 -9.31
CA THR C 128 9.58 22.41 -10.35
C THR C 128 10.39 22.99 -11.50
N ALA C 129 11.30 23.91 -11.18
CA ALA C 129 12.12 24.56 -12.21
C ALA C 129 12.93 23.57 -13.05
N TYR C 130 13.62 22.65 -12.38
CA TYR C 130 14.44 21.65 -13.07
C TYR C 130 13.60 20.69 -13.89
N ALA C 131 12.42 20.34 -13.37
CA ALA C 131 11.53 19.43 -14.08
C ALA C 131 11.00 20.07 -15.37
N LEU C 132 10.73 21.38 -15.33
CA LEU C 132 10.21 22.09 -16.50
C LEU C 132 11.29 22.53 -17.48
N LYS C 133 12.44 22.97 -16.96
CA LYS C 133 13.55 23.40 -17.81
C LYS C 133 14.81 22.87 -17.16
N PRO C 134 15.25 21.66 -17.53
CA PRO C 134 16.45 21.03 -16.97
C PRO C 134 17.73 21.87 -17.03
N ASP C 135 17.80 22.81 -17.97
CA ASP C 135 19.00 23.63 -18.10
C ASP C 135 18.90 24.94 -17.34
N ILE C 136 17.81 25.15 -16.62
CA ILE C 136 17.67 26.40 -15.90
C ILE C 136 18.69 26.56 -14.77
N LYS C 137 19.20 27.77 -14.66
CA LYS C 137 20.17 28.09 -13.62
C LYS C 137 19.35 28.63 -12.45
N VAL C 138 19.58 28.07 -11.26
CA VAL C 138 18.86 28.51 -10.07
C VAL C 138 19.76 29.22 -9.07
N ILE C 139 19.27 30.32 -8.52
CA ILE C 139 19.99 31.10 -7.53
C ILE C 139 19.14 31.24 -6.29
N ALA C 140 19.65 30.69 -5.19
CA ALA C 140 18.97 30.76 -3.91
C ALA C 140 19.87 31.60 -3.01
N PRO C 141 19.67 32.94 -3.02
CA PRO C 141 20.48 33.84 -2.20
C PRO C 141 20.69 33.41 -0.75
N TRP C 142 19.63 32.95 -0.09
CA TRP C 142 19.76 32.54 1.30
C TRP C 142 20.80 31.46 1.53
N ARG C 143 21.14 30.70 0.49
CA ARG C 143 22.13 29.65 0.61
C ARG C 143 23.47 30.17 0.11
N GLU C 144 23.47 31.31 -0.56
CA GLU C 144 24.68 31.87 -1.13
C GLU C 144 25.25 33.12 -0.47
N TRP C 145 24.44 33.90 0.23
CA TRP C 145 24.94 35.13 0.86
C TRP C 145 25.56 34.96 2.25
N SER C 146 26.29 36.00 2.68
CA SER C 146 26.99 35.98 3.96
C SER C 146 26.20 36.50 5.16
N PHE C 147 25.07 37.15 4.91
CA PHE C 147 24.25 37.69 6.00
C PHE C 147 24.04 36.70 7.12
N GLN C 148 24.18 37.17 8.35
CA GLN C 148 23.97 36.33 9.53
C GLN C 148 23.08 37.10 10.49
N GLY C 149 21.77 36.99 10.33
CA GLY C 149 20.85 37.70 11.21
C GLY C 149 20.06 38.73 10.45
N ARG C 150 19.03 39.29 11.08
CA ARG C 150 18.23 40.31 10.39
C ARG C 150 18.84 41.68 10.64
N LYS C 151 19.56 41.82 11.75
CA LYS C 151 20.20 43.10 12.06
C LYS C 151 21.07 43.41 10.84
N GLU C 152 21.88 42.43 10.44
CA GLU C 152 22.75 42.57 9.30
C GLU C 152 21.97 42.83 8.01
N MET C 153 20.82 42.17 7.87
CA MET C 153 20.02 42.36 6.68
C MET C 153 19.35 43.73 6.72
N ILE C 154 18.82 44.11 7.88
CA ILE C 154 18.17 45.42 8.01
C ILE C 154 19.22 46.46 7.63
N ALA C 155 20.41 46.28 8.21
CA ALA C 155 21.54 47.16 7.97
C ALA C 155 21.77 47.33 6.48
N TYR C 156 22.11 46.21 5.83
CA TYR C 156 22.39 46.17 4.40
C TYR C 156 21.28 46.87 3.62
N ALA C 157 20.04 46.69 4.06
CA ALA C 157 18.91 47.32 3.39
C ALA C 157 18.96 48.83 3.61
N GLU C 158 18.94 49.25 4.88
CA GLU C 158 19.00 50.68 5.19
C GLU C 158 20.08 51.27 4.31
N ALA C 159 21.14 50.50 4.10
CA ALA C 159 22.24 50.94 3.25
C ALA C 159 21.62 51.26 1.90
N HIS C 160 21.80 50.38 0.92
CA HIS C 160 21.27 50.55 -0.43
C HIS C 160 20.05 51.43 -0.61
N GLY C 161 19.22 51.54 0.42
CA GLY C 161 18.05 52.38 0.30
C GLY C 161 16.81 51.56 -0.02
N ILE C 162 16.47 50.68 0.91
CA ILE C 162 15.29 49.85 0.78
C ILE C 162 14.52 50.07 2.07
N PRO C 163 13.26 50.51 1.99
CA PRO C 163 12.51 50.72 3.23
C PRO C 163 12.60 49.50 4.12
N VAL C 164 12.69 49.71 5.44
CA VAL C 164 12.77 48.58 6.35
C VAL C 164 11.55 48.59 7.26
N PRO C 165 11.44 47.61 8.17
CA PRO C 165 10.28 47.59 9.07
C PRO C 165 10.30 48.79 10.01
N PRO C 171 7.34 37.76 15.46
CA PRO C 171 6.92 36.82 16.52
C PRO C 171 6.64 35.44 15.91
N TYR C 172 6.51 35.40 14.59
CA TYR C 172 6.26 34.15 13.88
C TYR C 172 6.23 34.42 12.38
N SER C 173 6.53 33.38 11.60
CA SER C 173 6.54 33.49 10.14
C SER C 173 5.14 33.18 9.61
N MET C 174 4.80 33.78 8.47
CA MET C 174 3.50 33.58 7.87
C MET C 174 3.52 33.46 6.36
N ASP C 175 2.65 32.59 5.84
CA ASP C 175 2.51 32.44 4.40
C ASP C 175 1.00 32.37 4.17
N ALA C 176 0.49 33.22 3.30
CA ALA C 176 -0.94 33.27 3.03
C ALA C 176 -1.31 33.24 1.54
N ASN C 177 -2.39 32.54 1.23
CA ASN C 177 -2.92 32.46 -0.14
C ASN C 177 -4.40 32.11 -0.07
N LEU C 178 -5.06 31.97 -1.22
CA LEU C 178 -6.49 31.67 -1.26
C LEU C 178 -6.87 30.42 -0.49
N LEU C 179 -5.97 29.45 -0.42
CA LEU C 179 -6.27 28.21 0.28
C LEU C 179 -6.11 28.30 1.79
N HIS C 180 -5.08 28.99 2.27
CA HIS C 180 -4.90 29.09 3.71
C HIS C 180 -3.93 30.18 4.16
N ILE C 181 -3.77 30.25 5.47
CA ILE C 181 -2.81 31.16 6.07
C ILE C 181 -2.08 30.26 7.03
N SER C 182 -0.76 30.33 6.95
CA SER C 182 0.13 29.51 7.74
C SER C 182 0.98 30.29 8.75
N TYR C 183 1.20 29.67 9.91
CA TYR C 183 2.00 30.28 10.97
C TYR C 183 2.99 29.29 11.54
N GLU C 184 4.26 29.71 11.65
CA GLU C 184 5.28 28.85 12.22
C GLU C 184 6.52 29.67 12.61
N GLY C 185 7.31 29.12 13.52
CA GLY C 185 8.51 29.81 13.97
C GLY C 185 8.23 30.74 15.15
N GLY C 186 9.26 31.46 15.60
CA GLY C 186 9.11 32.38 16.71
C GLY C 186 8.54 31.74 17.95
N VAL C 187 7.52 32.37 18.53
CA VAL C 187 6.89 31.86 19.73
C VAL C 187 6.22 30.51 19.49
N LEU C 188 6.02 30.16 18.22
CA LEU C 188 5.38 28.90 17.85
C LEU C 188 6.34 27.70 17.96
N GLU C 189 7.64 27.98 17.98
CA GLU C 189 8.67 26.94 18.04
C GLU C 189 8.66 26.04 19.26
N ASP C 190 7.94 26.41 20.30
CA ASP C 190 7.85 25.56 21.47
C ASP C 190 6.57 24.72 21.33
N PRO C 191 6.73 23.41 21.06
CA PRO C 191 5.60 22.48 20.90
C PRO C 191 4.59 22.43 22.02
N TRP C 192 5.00 22.84 23.22
CA TRP C 192 4.12 22.81 24.37
C TRP C 192 3.39 24.13 24.60
N ALA C 193 3.74 25.13 23.79
CA ALA C 193 3.14 26.46 23.90
C ALA C 193 1.94 26.66 22.98
N GLU C 194 0.78 26.96 23.56
CA GLU C 194 -0.42 27.19 22.77
C GLU C 194 -0.17 28.42 21.91
N PRO C 195 -0.76 28.46 20.70
CA PRO C 195 -0.55 29.63 19.84
C PRO C 195 -1.06 30.88 20.57
N PRO C 196 -0.49 32.05 20.27
CA PRO C 196 -0.93 33.28 20.93
C PRO C 196 -2.28 33.81 20.46
N LYS C 197 -3.09 34.29 21.40
CA LYS C 197 -4.40 34.85 21.10
C LYS C 197 -4.23 35.93 20.03
N GLY C 198 -5.18 36.04 19.13
CA GLY C 198 -5.09 37.07 18.10
C GLY C 198 -4.20 36.81 16.88
N MET C 199 -3.53 35.66 16.85
CA MET C 199 -2.67 35.33 15.71
C MET C 199 -3.44 35.08 14.41
N PHE C 200 -4.50 34.26 14.50
CA PHE C 200 -5.31 33.92 13.34
C PHE C 200 -5.87 35.11 12.63
N ARG C 201 -5.76 35.12 11.31
CA ARG C 201 -6.23 36.22 10.49
C ARG C 201 -7.42 35.89 9.60
N MET C 202 -7.39 34.71 8.98
CA MET C 202 -8.46 34.30 8.08
C MET C 202 -9.70 33.77 8.77
N THR C 203 -9.54 33.21 9.96
CA THR C 203 -10.69 32.68 10.65
C THR C 203 -11.05 33.43 11.92
N GLN C 204 -12.35 33.64 12.11
CA GLN C 204 -12.84 34.29 13.31
C GLN C 204 -12.55 33.32 14.43
N ASP C 205 -12.39 33.83 15.65
CA ASP C 205 -12.11 32.96 16.77
C ASP C 205 -13.35 32.18 17.17
N PRO C 206 -13.23 30.85 17.28
CA PRO C 206 -14.38 30.03 17.67
C PRO C 206 -15.25 30.71 18.71
N GLU C 207 -14.64 31.12 19.82
CA GLU C 207 -15.38 31.76 20.90
C GLU C 207 -16.09 33.02 20.47
N GLU C 208 -15.62 33.64 19.39
CA GLU C 208 -16.28 34.84 18.89
C GLU C 208 -17.16 34.49 17.69
N ALA C 209 -17.33 33.19 17.44
CA ALA C 209 -18.14 32.73 16.32
C ALA C 209 -19.63 32.87 16.65
N PRO C 210 -20.47 33.06 15.63
CA PRO C 210 -21.92 33.20 15.84
C PRO C 210 -22.47 32.20 16.85
N ASP C 211 -23.56 32.59 17.52
CA ASP C 211 -24.19 31.70 18.51
C ASP C 211 -25.20 30.78 17.82
N ALA C 212 -25.56 31.13 16.58
CA ALA C 212 -26.50 30.33 15.81
C ALA C 212 -25.73 29.58 14.73
N PRO C 213 -25.95 28.26 14.62
CA PRO C 213 -25.23 27.50 13.59
C PRO C 213 -25.67 27.94 12.20
N GLU C 214 -24.81 27.72 11.20
CA GLU C 214 -25.11 28.11 9.83
C GLU C 214 -24.97 26.91 8.90
N TYR C 215 -25.95 26.71 8.04
CA TYR C 215 -25.94 25.60 7.09
C TYR C 215 -25.44 26.09 5.75
N VAL C 216 -24.68 25.24 5.06
CA VAL C 216 -24.15 25.56 3.74
C VAL C 216 -24.23 24.31 2.86
N GLU C 217 -24.44 24.50 1.57
CA GLU C 217 -24.49 23.37 0.65
C GLU C 217 -23.46 23.56 -0.44
N VAL C 218 -22.75 22.49 -0.77
CA VAL C 218 -21.76 22.55 -1.82
C VAL C 218 -22.06 21.50 -2.88
N GLU C 219 -22.10 21.92 -4.13
CA GLU C 219 -22.36 21.02 -5.25
C GLU C 219 -21.06 20.65 -5.93
N PHE C 220 -20.90 19.35 -6.17
CA PHE C 220 -19.73 18.83 -6.87
C PHE C 220 -20.17 18.28 -8.22
N PHE C 221 -19.34 18.48 -9.23
CA PHE C 221 -19.64 17.95 -10.54
C PHE C 221 -18.40 17.27 -11.08
N GLU C 222 -18.48 15.94 -11.14
CA GLU C 222 -17.37 15.14 -11.64
C GLU C 222 -16.07 15.39 -10.89
N GLY C 223 -16.17 15.45 -9.56
CA GLY C 223 -14.99 15.65 -8.74
C GLY C 223 -14.63 17.05 -8.27
N ASP C 224 -15.16 18.10 -8.89
CA ASP C 224 -14.85 19.48 -8.48
C ASP C 224 -16.05 20.27 -8.00
N PRO C 225 -15.84 21.18 -7.03
CA PRO C 225 -16.93 22.01 -6.50
C PRO C 225 -17.33 23.00 -7.58
N VAL C 226 -18.63 23.20 -7.80
CA VAL C 226 -19.04 24.13 -8.84
C VAL C 226 -20.06 25.15 -8.37
N ALA C 227 -20.55 25.00 -7.15
CA ALA C 227 -21.53 25.93 -6.64
C ALA C 227 -21.69 25.85 -5.14
N VAL C 228 -22.12 26.96 -4.55
CA VAL C 228 -22.33 27.03 -3.11
C VAL C 228 -23.71 27.62 -2.86
N ASN C 229 -24.51 26.91 -2.08
CA ASN C 229 -25.86 27.34 -1.78
C ASN C 229 -26.63 27.63 -3.06
N GLY C 230 -26.37 26.83 -4.09
CA GLY C 230 -27.08 26.98 -5.35
C GLY C 230 -26.51 28.00 -6.30
N GLU C 231 -25.47 28.71 -5.91
CA GLU C 231 -24.88 29.72 -6.78
C GLU C 231 -23.61 29.18 -7.44
N ARG C 232 -23.63 29.07 -8.77
CA ARG C 232 -22.47 28.58 -9.52
C ARG C 232 -21.34 29.58 -9.30
N LEU C 233 -20.13 29.09 -9.04
CA LEU C 233 -19.00 29.97 -8.81
C LEU C 233 -17.73 29.38 -9.40
N SER C 234 -16.95 30.21 -10.08
CA SER C 234 -15.68 29.76 -10.66
C SER C 234 -14.82 29.22 -9.52
N PRO C 235 -13.79 28.44 -9.86
CA PRO C 235 -12.90 27.87 -8.84
C PRO C 235 -12.45 28.85 -7.75
N ALA C 236 -11.82 29.95 -8.14
CA ALA C 236 -11.34 30.93 -7.16
C ALA C 236 -12.48 31.61 -6.37
N ALA C 237 -13.53 32.02 -7.07
CA ALA C 237 -14.64 32.67 -6.40
C ALA C 237 -15.32 31.73 -5.41
N LEU C 238 -15.26 30.44 -5.68
CA LEU C 238 -15.89 29.46 -4.78
C LEU C 238 -15.06 29.24 -3.51
N LEU C 239 -13.73 29.15 -3.67
CA LEU C 239 -12.87 28.96 -2.50
C LEU C 239 -13.00 30.22 -1.64
N GLN C 240 -13.03 31.37 -2.31
CA GLN C 240 -13.19 32.67 -1.64
C GLN C 240 -14.48 32.64 -0.84
N ARG C 241 -15.59 32.36 -1.50
CA ARG C 241 -16.88 32.30 -0.82
C ARG C 241 -16.84 31.41 0.40
N LEU C 242 -16.34 30.19 0.24
CA LEU C 242 -16.28 29.27 1.37
C LEU C 242 -15.33 29.71 2.47
N ASN C 243 -14.32 30.51 2.10
CA ASN C 243 -13.40 31.02 3.13
C ASN C 243 -14.20 32.00 3.99
N GLU C 244 -14.96 32.87 3.32
CA GLU C 244 -15.79 33.85 4.03
C GLU C 244 -16.79 33.15 4.95
N ILE C 245 -17.60 32.25 4.39
CA ILE C 245 -18.58 31.53 5.18
C ILE C 245 -17.94 30.75 6.32
N GLY C 246 -16.92 29.94 6.00
CA GLY C 246 -16.26 29.17 7.03
C GLY C 246 -15.45 30.02 7.99
N GLY C 247 -14.81 31.06 7.47
CA GLY C 247 -14.01 31.93 8.34
C GLY C 247 -14.80 32.52 9.50
N ARG C 248 -15.97 33.07 9.21
CA ARG C 248 -16.82 33.67 10.24
C ARG C 248 -17.11 32.71 11.39
N HIS C 249 -17.04 31.40 11.11
CA HIS C 249 -17.33 30.41 12.14
C HIS C 249 -16.11 29.78 12.81
N GLY C 250 -14.91 30.26 12.46
CA GLY C 250 -13.70 29.72 13.07
C GLY C 250 -13.29 28.32 12.61
N VAL C 251 -13.84 27.90 11.47
CA VAL C 251 -13.57 26.58 10.89
C VAL C 251 -12.19 26.40 10.25
N GLY C 252 -11.68 25.18 10.33
CA GLY C 252 -10.40 24.85 9.70
C GLY C 252 -9.07 25.15 10.37
N ARG C 253 -9.04 25.12 11.70
CA ARG C 253 -7.79 25.38 12.40
C ARG C 253 -7.10 24.09 12.80
N VAL C 254 -5.82 24.00 12.47
CA VAL C 254 -5.02 22.83 12.78
C VAL C 254 -3.68 23.27 13.37
N ASP C 255 -3.23 22.52 14.37
CA ASP C 255 -1.98 22.78 15.08
C ASP C 255 -1.14 21.49 15.12
N ILE C 256 -0.08 21.41 14.33
CA ILE C 256 0.73 20.19 14.28
C ILE C 256 2.25 20.38 14.26
N VAL C 257 2.95 19.32 14.63
CA VAL C 257 4.40 19.30 14.55
C VAL C 257 4.62 18.33 13.39
N GLU C 258 4.98 18.88 12.24
CA GLU C 258 5.18 18.14 11.00
C GLU C 258 6.64 17.78 10.70
N ASN C 259 6.83 16.80 9.81
CA ASN C 259 8.16 16.37 9.41
C ASN C 259 8.47 17.04 8.08
N ARG C 260 9.52 17.87 8.06
CA ARG C 260 9.91 18.54 6.84
C ARG C 260 10.69 17.56 5.96
N PHE C 261 10.65 17.79 4.66
CA PHE C 261 11.33 16.93 3.71
C PHE C 261 12.84 16.95 3.96
N VAL C 262 13.38 18.13 4.26
CA VAL C 262 14.82 18.23 4.51
C VAL C 262 15.30 17.58 5.82
N GLY C 263 14.40 16.91 6.55
CA GLY C 263 14.84 16.21 7.74
C GLY C 263 14.46 16.56 9.17
N MET C 264 14.03 17.78 9.45
CA MET C 264 13.69 18.09 10.84
C MET C 264 12.21 18.32 11.09
N LYS C 265 11.81 18.19 12.34
CA LYS C 265 10.43 18.42 12.72
C LYS C 265 10.22 19.93 12.87
N SER C 266 9.00 20.37 12.59
CA SER C 266 8.64 21.78 12.65
C SER C 266 7.20 21.96 13.16
N ARG C 267 7.00 22.95 14.03
CA ARG C 267 5.67 23.21 14.59
C ARG C 267 4.93 24.24 13.74
N GLY C 268 3.83 23.81 13.13
CA GLY C 268 3.05 24.69 12.29
C GLY C 268 1.59 24.77 12.68
N VAL C 269 1.00 25.92 12.41
CA VAL C 269 -0.40 26.19 12.71
C VAL C 269 -1.04 26.63 11.41
N TYR C 270 -2.16 26.00 11.06
CA TYR C 270 -2.82 26.30 9.80
C TYR C 270 -4.32 26.55 9.88
N GLU C 271 -4.79 27.54 9.14
CA GLU C 271 -6.21 27.83 9.09
C GLU C 271 -6.62 27.72 7.62
N THR C 272 -7.53 26.79 7.36
CA THR C 272 -8.00 26.52 6.00
C THR C 272 -9.53 26.36 6.02
N PRO C 273 -10.26 27.46 6.29
CA PRO C 273 -11.74 27.45 6.35
C PRO C 273 -12.44 26.86 5.11
N GLY C 274 -12.20 27.45 3.94
CA GLY C 274 -12.82 26.95 2.73
C GLY C 274 -12.45 25.49 2.46
N GLY C 275 -11.15 25.22 2.39
CA GLY C 275 -10.67 23.88 2.13
C GLY C 275 -11.18 22.81 3.09
N THR C 276 -11.32 23.17 4.36
CA THR C 276 -11.80 22.22 5.36
C THR C 276 -13.28 21.89 5.09
N ILE C 277 -14.05 22.88 4.67
CA ILE C 277 -15.45 22.63 4.37
C ILE C 277 -15.47 21.73 3.13
N LEU C 278 -14.63 22.06 2.16
CA LEU C 278 -14.52 21.32 0.91
C LEU C 278 -14.11 19.87 1.10
N TYR C 279 -13.26 19.62 2.09
CA TYR C 279 -12.78 18.27 2.37
C TYR C 279 -13.91 17.36 2.87
N HIS C 280 -14.67 17.85 3.84
CA HIS C 280 -15.78 17.08 4.40
C HIS C 280 -16.97 16.99 3.46
N ALA C 281 -17.18 18.03 2.68
CA ALA C 281 -18.27 18.04 1.72
C ALA C 281 -18.00 16.96 0.67
N ARG C 282 -16.77 16.95 0.16
CA ARG C 282 -16.36 15.98 -0.85
C ARG C 282 -16.55 14.54 -0.39
N ARG C 283 -16.11 14.23 0.82
CA ARG C 283 -16.24 12.88 1.34
C ARG C 283 -17.72 12.54 1.55
N ALA C 284 -18.54 13.57 1.72
CA ALA C 284 -19.97 13.39 1.93
C ALA C 284 -20.58 12.91 0.62
N VAL C 285 -20.24 13.59 -0.47
CA VAL C 285 -20.73 13.22 -1.78
C VAL C 285 -20.13 11.87 -2.21
N GLU C 286 -18.85 11.64 -1.89
CA GLU C 286 -18.20 10.39 -2.22
C GLU C 286 -18.87 9.22 -1.50
N SER C 287 -19.43 9.47 -0.32
CA SER C 287 -20.06 8.42 0.46
C SER C 287 -21.27 7.81 -0.23
N LEU C 288 -21.78 8.47 -1.27
CA LEU C 288 -22.93 7.95 -2.00
C LEU C 288 -22.54 7.57 -3.44
N THR C 289 -21.52 8.22 -3.97
CA THR C 289 -21.12 7.98 -5.34
C THR C 289 -19.91 7.10 -5.60
N LEU C 290 -19.18 6.72 -4.56
CA LEU C 290 -18.02 5.88 -4.78
C LEU C 290 -18.21 4.48 -4.25
N ASP C 291 -17.69 3.49 -4.98
CA ASP C 291 -17.81 2.10 -4.58
C ASP C 291 -16.91 1.82 -3.38
N ARG C 292 -17.35 0.92 -2.52
CA ARG C 292 -16.61 0.55 -1.33
C ARG C 292 -15.13 0.24 -1.58
N GLU C 293 -14.87 -0.78 -2.37
CA GLU C 293 -13.51 -1.18 -2.66
C GLU C 293 -12.68 -0.09 -3.33
N VAL C 294 -13.32 0.77 -4.11
CA VAL C 294 -12.60 1.87 -4.76
C VAL C 294 -12.19 2.89 -3.69
N LEU C 295 -13.12 3.21 -2.79
CA LEU C 295 -12.85 4.15 -1.72
C LEU C 295 -11.70 3.68 -0.83
N HIS C 296 -11.76 2.43 -0.39
CA HIS C 296 -10.71 1.89 0.48
C HIS C 296 -9.32 1.92 -0.17
N GLN C 297 -9.26 1.72 -1.49
CA GLN C 297 -7.98 1.75 -2.18
C GLN C 297 -7.49 3.19 -2.29
N ARG C 298 -8.38 4.07 -2.73
CA ARG C 298 -8.07 5.48 -2.87
C ARG C 298 -7.48 6.06 -1.57
N ASP C 299 -8.14 5.78 -0.46
CA ASP C 299 -7.69 6.31 0.83
C ASP C 299 -6.31 5.85 1.25
N MET C 300 -5.90 4.65 0.84
CA MET C 300 -4.59 4.18 1.22
C MET C 300 -3.50 4.77 0.32
N LEU C 301 -3.92 5.46 -0.74
CA LEU C 301 -2.98 6.07 -1.65
C LEU C 301 -2.88 7.58 -1.41
N SER C 302 -3.95 8.16 -0.89
CA SER C 302 -4.00 9.59 -0.61
C SER C 302 -2.76 10.09 0.14
N PRO C 303 -2.37 9.41 1.24
CA PRO C 303 -1.20 9.84 2.02
C PRO C 303 0.08 9.92 1.20
N LYS C 304 0.26 9.01 0.24
CA LYS C 304 1.46 9.04 -0.58
C LYS C 304 1.43 10.26 -1.49
N TYR C 305 0.27 10.51 -2.08
CA TYR C 305 0.10 11.66 -2.94
C TYR C 305 0.39 12.93 -2.10
N ALA C 306 -0.11 12.94 -0.88
CA ALA C 306 0.09 14.09 0.01
C ALA C 306 1.57 14.41 0.22
N GLU C 307 2.38 13.39 0.53
CA GLU C 307 3.80 13.65 0.73
C GLU C 307 4.46 14.09 -0.57
N LEU C 308 3.95 13.62 -1.70
CA LEU C 308 4.54 14.03 -2.97
C LEU C 308 4.35 15.54 -3.10
N VAL C 309 3.17 16.01 -2.77
CA VAL C 309 2.86 17.44 -2.84
C VAL C 309 3.74 18.20 -1.84
N TYR C 310 3.76 17.73 -0.60
CA TYR C 310 4.54 18.35 0.47
C TYR C 310 6.03 18.46 0.10
N TYR C 311 6.60 17.37 -0.39
CA TYR C 311 8.00 17.33 -0.79
C TYR C 311 8.37 18.19 -2.00
N GLY C 312 7.40 18.48 -2.86
CA GLY C 312 7.70 19.29 -4.03
C GLY C 312 7.60 18.58 -5.37
N PHE C 313 7.21 17.31 -5.34
CA PHE C 313 7.07 16.54 -6.56
C PHE C 313 5.68 16.70 -7.19
N TRP C 314 5.45 17.86 -7.78
CA TRP C 314 4.17 18.14 -8.41
C TRP C 314 4.28 17.79 -9.89
N TYR C 315 5.25 18.40 -10.57
CA TYR C 315 5.47 18.10 -11.97
C TYR C 315 6.48 16.95 -11.99
N ALA C 316 6.05 15.82 -11.45
CA ALA C 316 6.85 14.63 -11.38
C ALA C 316 5.96 13.46 -11.86
N PRO C 317 6.56 12.46 -12.52
CA PRO C 317 5.81 11.31 -13.04
C PRO C 317 5.01 10.49 -12.01
N GLU C 318 5.54 10.29 -10.82
CA GLU C 318 4.84 9.53 -9.78
C GLU C 318 3.55 10.22 -9.40
N ARG C 319 3.60 11.54 -9.34
CA ARG C 319 2.41 12.28 -8.96
C ARG C 319 1.42 12.36 -10.10
N GLU C 320 1.89 12.49 -11.33
CA GLU C 320 0.96 12.55 -12.44
C GLU C 320 0.31 11.19 -12.67
N ALA C 321 1.01 10.13 -12.32
CA ALA C 321 0.48 8.78 -12.47
C ALA C 321 -0.66 8.59 -11.47
N LEU C 322 -0.40 8.94 -10.21
CA LEU C 322 -1.44 8.81 -9.20
C LEU C 322 -2.64 9.69 -9.58
N GLN C 323 -2.37 10.84 -10.18
CA GLN C 323 -3.42 11.78 -10.58
C GLN C 323 -4.41 11.09 -11.51
N ALA C 324 -3.89 10.22 -12.38
CA ALA C 324 -4.71 9.48 -13.32
C ALA C 324 -5.70 8.62 -12.54
N TYR C 325 -5.24 7.98 -11.47
CA TYR C 325 -6.10 7.14 -10.63
C TYR C 325 -7.14 7.99 -9.92
N PHE C 326 -6.67 9.02 -9.22
CA PHE C 326 -7.57 9.89 -8.48
C PHE C 326 -8.59 10.60 -9.36
N ASP C 327 -8.18 11.04 -10.55
CA ASP C 327 -9.12 11.72 -11.45
C ASP C 327 -10.18 10.75 -11.96
N HIS C 328 -9.76 9.52 -12.26
CA HIS C 328 -10.68 8.48 -12.73
C HIS C 328 -11.77 8.32 -11.67
N VAL C 329 -11.35 8.07 -10.43
CA VAL C 329 -12.27 7.90 -9.32
C VAL C 329 -13.13 9.14 -9.09
N ALA C 330 -12.50 10.31 -9.10
CA ALA C 330 -13.21 11.56 -8.84
C ALA C 330 -14.32 11.88 -9.83
N ARG C 331 -14.19 11.41 -11.07
CA ARG C 331 -15.18 11.70 -12.08
C ARG C 331 -16.61 11.31 -11.69
N SER C 332 -16.74 10.36 -10.76
CA SER C 332 -18.05 9.89 -10.30
C SER C 332 -18.60 10.74 -9.15
N VAL C 333 -17.77 11.60 -8.57
CA VAL C 333 -18.21 12.42 -7.45
C VAL C 333 -19.05 13.59 -7.92
N THR C 334 -20.36 13.36 -7.95
CA THR C 334 -21.32 14.37 -8.37
C THR C 334 -22.52 14.34 -7.43
N GLY C 335 -22.83 15.50 -6.84
CA GLY C 335 -23.92 15.58 -5.90
C GLY C 335 -23.81 16.81 -5.02
N VAL C 336 -24.57 16.82 -3.93
CA VAL C 336 -24.57 17.96 -3.03
C VAL C 336 -24.41 17.56 -1.58
N ALA C 337 -23.51 18.26 -0.90
CA ALA C 337 -23.29 18.00 0.51
C ALA C 337 -23.92 19.18 1.26
N ARG C 338 -24.48 18.90 2.42
CA ARG C 338 -25.09 19.92 3.25
C ARG C 338 -24.37 19.84 4.58
N LEU C 339 -23.70 20.92 4.96
CA LEU C 339 -22.96 20.95 6.21
C LEU C 339 -23.44 22.02 7.20
N LYS C 340 -23.24 21.73 8.48
CA LYS C 340 -23.63 22.63 9.55
C LYS C 340 -22.36 23.21 10.17
N LEU C 341 -22.25 24.54 10.14
CA LEU C 341 -21.09 25.22 10.69
C LEU C 341 -21.42 25.76 12.08
N TYR C 342 -20.57 25.49 13.04
CA TYR C 342 -20.81 25.99 14.39
C TYR C 342 -19.56 26.04 15.26
N LYS C 343 -19.19 27.27 15.62
CA LYS C 343 -18.04 27.54 16.47
C LYS C 343 -16.83 26.63 16.25
N GLY C 344 -16.21 26.79 15.08
CA GLY C 344 -15.04 26.00 14.75
C GLY C 344 -15.23 24.63 14.12
N ASN C 345 -16.41 24.06 14.26
CA ASN C 345 -16.67 22.73 13.71
C ASN C 345 -17.43 22.70 12.39
N VAL C 346 -17.22 21.64 11.62
CA VAL C 346 -17.91 21.44 10.35
C VAL C 346 -18.59 20.09 10.48
N TYR C 347 -19.91 20.10 10.50
CA TYR C 347 -20.66 18.86 10.62
C TYR C 347 -21.44 18.52 9.36
N VAL C 348 -21.21 17.33 8.83
CA VAL C 348 -21.94 16.90 7.66
C VAL C 348 -23.32 16.52 8.20
N VAL C 349 -24.38 17.06 7.63
CA VAL C 349 -25.73 16.70 8.11
C VAL C 349 -26.60 16.13 7.00
N GLY C 350 -26.12 16.20 5.76
CA GLY C 350 -26.87 15.68 4.63
C GLY C 350 -26.07 15.61 3.35
N ARG C 351 -26.49 14.73 2.45
CA ARG C 351 -25.83 14.57 1.16
C ARG C 351 -26.80 13.86 0.22
N LYS C 352 -26.69 14.18 -1.06
CA LYS C 352 -27.53 13.56 -2.07
C LYS C 352 -26.78 13.51 -3.38
N ALA C 353 -27.16 12.58 -4.24
CA ALA C 353 -26.50 12.43 -5.52
C ALA C 353 -27.47 11.86 -6.53
N PRO C 354 -27.45 12.39 -7.76
CA PRO C 354 -28.34 11.92 -8.82
C PRO C 354 -28.04 10.44 -9.08
N LYS C 355 -26.76 10.06 -8.99
CA LYS C 355 -26.37 8.67 -9.19
C LYS C 355 -25.92 8.01 -7.89
N SER C 356 -26.65 8.26 -6.82
CA SER C 356 -26.33 7.67 -5.53
C SER C 356 -26.42 6.15 -5.56
N LEU C 357 -25.48 5.48 -4.89
CA LEU C 357 -25.44 4.03 -4.84
C LEU C 357 -26.14 3.53 -3.58
N TYR C 358 -26.75 4.46 -2.84
CA TYR C 358 -27.44 4.11 -1.62
C TYR C 358 -28.88 3.71 -1.93
N ARG C 359 -29.35 2.64 -1.31
CA ARG C 359 -30.72 2.17 -1.52
C ARG C 359 -31.30 1.86 -0.14
N GLN C 360 -32.25 2.65 0.33
CA GLN C 360 -32.83 2.42 1.64
C GLN C 360 -33.50 1.04 1.70
N ASP C 361 -34.03 0.59 0.57
CA ASP C 361 -34.70 -0.70 0.49
C ASP C 361 -33.74 -1.82 0.84
N LEU C 362 -32.45 -1.54 0.76
CA LEU C 362 -31.46 -2.57 1.10
C LEU C 362 -31.16 -2.59 2.59
N VAL C 363 -31.59 -1.56 3.32
CA VAL C 363 -31.33 -1.51 4.75
C VAL C 363 -32.56 -1.63 5.65
N SER C 364 -33.65 -0.99 5.25
CA SER C 364 -34.89 -1.02 6.02
C SER C 364 -35.34 -2.44 6.33
N PHE C 365 -36.04 -2.61 7.45
CA PHE C 365 -36.54 -3.92 7.83
C PHE C 365 -38.01 -4.05 7.48
N GLY C 370 -32.43 -7.59 -4.03
CA GLY C 370 -31.17 -8.28 -4.42
C GLY C 370 -30.53 -8.88 -3.18
N TYR C 371 -31.24 -8.74 -2.06
CA TYR C 371 -30.74 -9.23 -0.79
C TYR C 371 -31.57 -10.31 -0.10
N ASP C 372 -30.91 -11.41 0.24
CA ASP C 372 -31.59 -12.49 0.92
C ASP C 372 -30.79 -12.98 2.14
N GLN C 373 -31.34 -12.75 3.32
CA GLN C 373 -30.69 -13.12 4.58
C GLN C 373 -29.89 -14.42 4.59
N LYS C 374 -30.45 -15.51 4.08
CA LYS C 374 -29.68 -16.74 4.11
C LYS C 374 -28.41 -16.73 3.27
N ASP C 375 -28.31 -15.78 2.35
CA ASP C 375 -27.09 -15.68 1.56
C ASP C 375 -25.95 -15.31 2.48
N ALA C 376 -26.26 -14.57 3.54
CA ALA C 376 -25.26 -14.13 4.51
C ALA C 376 -24.56 -15.31 5.14
N GLU C 377 -25.32 -16.36 5.44
CA GLU C 377 -24.72 -17.54 6.06
C GLU C 377 -23.65 -18.15 5.15
N GLY C 378 -23.95 -18.23 3.86
CA GLY C 378 -23.00 -18.78 2.92
C GLY C 378 -21.77 -17.90 2.85
N PHE C 379 -22.02 -16.59 2.83
CA PHE C 379 -20.95 -15.59 2.78
C PHE C 379 -20.03 -15.88 3.97
N ILE C 380 -20.60 -15.89 5.16
CA ILE C 380 -19.88 -16.12 6.40
C ILE C 380 -19.08 -17.42 6.44
N LYS C 381 -19.72 -18.52 6.07
CA LYS C 381 -19.06 -19.81 6.07
C LYS C 381 -17.80 -19.82 5.21
N ILE C 382 -17.91 -19.33 3.98
CA ILE C 382 -16.76 -19.30 3.07
C ILE C 382 -15.65 -18.40 3.61
N GLN C 383 -16.03 -17.23 4.12
CA GLN C 383 -15.06 -16.29 4.69
C GLN C 383 -14.34 -16.95 5.86
N ALA C 384 -15.08 -17.76 6.61
CA ALA C 384 -14.52 -18.41 7.78
C ALA C 384 -13.65 -19.63 7.52
N LEU C 385 -13.79 -20.24 6.35
CA LEU C 385 -13.04 -21.45 6.05
C LEU C 385 -11.55 -21.43 6.38
N ARG C 386 -10.81 -20.45 5.88
CA ARG C 386 -9.39 -20.42 6.16
C ARG C 386 -9.11 -20.27 7.66
N LEU C 387 -9.96 -19.51 8.35
CA LEU C 387 -9.78 -19.33 9.79
C LEU C 387 -10.03 -20.65 10.53
N ARG C 388 -11.06 -21.38 10.10
CA ARG C 388 -11.37 -22.65 10.73
C ARG C 388 -10.24 -23.65 10.52
N VAL C 389 -9.68 -23.68 9.31
CA VAL C 389 -8.58 -24.57 8.99
C VAL C 389 -7.39 -24.25 9.88
N ARG C 390 -7.10 -22.97 10.03
CA ARG C 390 -5.98 -22.54 10.87
C ARG C 390 -6.13 -23.09 12.28
N ALA C 391 -7.30 -22.85 12.89
CA ALA C 391 -7.55 -23.32 14.25
C ALA C 391 -7.38 -24.83 14.36
N LEU C 392 -7.97 -25.56 13.43
CA LEU C 392 -7.86 -27.01 13.46
C LEU C 392 -6.40 -27.45 13.43
N VAL C 393 -5.57 -26.79 12.61
CA VAL C 393 -4.17 -27.16 12.56
C VAL C 393 -3.51 -26.89 13.91
N GLU C 394 -3.88 -25.80 14.55
CA GLU C 394 -3.33 -25.51 15.86
C GLU C 394 -3.84 -26.64 16.75
N ARG C 395 -4.81 -27.37 16.18
CA ARG C 395 -5.47 -28.48 16.85
C ARG C 395 -6.23 -27.93 18.01
N MET D 1 -29.09 -30.98 24.38
CA MET D 1 -28.43 -29.87 23.64
C MET D 1 -28.46 -28.58 24.45
N LYS D 2 -27.34 -27.85 24.44
CA LYS D 2 -27.26 -26.59 25.16
C LYS D 2 -26.92 -25.47 24.19
N ILE D 3 -27.47 -24.29 24.44
CA ILE D 3 -27.19 -23.15 23.58
C ILE D 3 -26.83 -21.93 24.43
N VAL D 4 -25.65 -21.35 24.19
CA VAL D 4 -25.23 -20.15 24.91
C VAL D 4 -25.61 -18.96 24.07
N LEU D 5 -26.55 -18.18 24.58
CA LEU D 5 -27.06 -17.01 23.88
C LEU D 5 -26.46 -15.71 24.36
N ALA D 6 -26.02 -14.88 23.42
CA ALA D 6 -25.49 -13.57 23.77
C ALA D 6 -26.77 -12.77 24.04
N TYR D 7 -27.14 -12.71 25.32
CA TYR D 7 -28.34 -12.03 25.78
C TYR D 7 -28.06 -10.60 26.23
N SER D 8 -28.69 -9.62 25.58
CA SER D 8 -28.46 -8.23 25.96
C SER D 8 -29.46 -7.85 27.05
N GLY D 9 -30.62 -8.49 27.04
CA GLY D 9 -31.62 -8.22 28.06
C GLY D 9 -32.90 -7.54 27.61
N GLY D 10 -32.98 -7.16 26.34
CA GLY D 10 -34.18 -6.50 25.85
C GLY D 10 -35.23 -7.43 25.26
N LEU D 11 -36.14 -6.83 24.49
CA LEU D 11 -37.25 -7.54 23.84
C LEU D 11 -36.77 -8.64 22.89
N ASP D 12 -36.01 -8.22 21.87
CA ASP D 12 -35.48 -9.15 20.87
C ASP D 12 -34.72 -10.33 21.45
N THR D 13 -33.75 -10.07 22.31
CA THR D 13 -32.97 -11.15 22.89
C THR D 13 -33.82 -12.01 23.81
N SER D 14 -34.94 -11.47 24.26
CA SER D 14 -35.85 -12.22 25.13
C SER D 14 -36.71 -13.11 24.23
N ILE D 15 -37.22 -12.52 23.15
CA ILE D 15 -38.02 -13.24 22.16
C ILE D 15 -37.15 -14.37 21.61
N ILE D 16 -35.87 -14.07 21.41
CA ILE D 16 -34.95 -15.06 20.88
C ILE D 16 -34.68 -16.16 21.89
N LEU D 17 -34.65 -15.81 23.18
CA LEU D 17 -34.40 -16.84 24.19
C LEU D 17 -35.54 -17.85 24.17
N LYS D 18 -36.78 -17.35 24.05
CA LYS D 18 -37.96 -18.22 23.98
C LYS D 18 -37.91 -19.04 22.69
N TRP D 19 -37.69 -18.32 21.58
CA TRP D 19 -37.61 -18.94 20.27
C TRP D 19 -36.68 -20.16 20.28
N LEU D 20 -35.48 -19.98 20.82
CA LEU D 20 -34.52 -21.08 20.87
C LEU D 20 -35.01 -22.29 21.63
N LYS D 21 -35.81 -22.06 22.67
CA LYS D 21 -36.31 -23.17 23.47
C LYS D 21 -37.38 -23.95 22.72
N GLU D 22 -38.28 -23.23 22.05
CA GLU D 22 -39.36 -23.88 21.30
C GLU D 22 -38.84 -24.54 20.04
N THR D 23 -37.88 -23.89 19.37
CA THR D 23 -37.33 -24.40 18.12
C THR D 23 -36.36 -25.56 18.27
N TYR D 24 -35.45 -25.46 19.22
CA TYR D 24 -34.46 -26.52 19.39
C TYR D 24 -34.70 -27.38 20.61
N ARG D 25 -35.57 -26.92 21.49
CA ARG D 25 -35.86 -27.67 22.70
C ARG D 25 -34.56 -27.98 23.43
N ALA D 26 -33.68 -26.98 23.53
CA ALA D 26 -32.40 -27.16 24.21
C ALA D 26 -32.32 -26.24 25.43
N GLU D 27 -31.36 -26.51 26.31
CA GLU D 27 -31.13 -25.67 27.49
C GLU D 27 -30.49 -24.40 26.94
N VAL D 28 -30.98 -23.23 27.33
CA VAL D 28 -30.41 -21.98 26.86
C VAL D 28 -29.66 -21.19 27.93
N ILE D 29 -28.33 -21.20 27.86
CA ILE D 29 -27.50 -20.49 28.82
C ILE D 29 -27.34 -19.05 28.32
N ALA D 30 -27.93 -18.09 29.04
CA ALA D 30 -27.82 -16.70 28.64
C ALA D 30 -26.53 -16.05 29.18
N PHE D 31 -25.90 -15.21 28.37
CA PHE D 31 -24.68 -14.50 28.75
C PHE D 31 -24.85 -13.04 28.41
N THR D 32 -24.72 -12.20 29.43
CA THR D 32 -24.82 -10.76 29.24
C THR D 32 -23.49 -10.15 29.65
N ALA D 33 -22.96 -9.28 28.79
CA ALA D 33 -21.69 -8.64 29.08
C ALA D 33 -21.85 -7.16 29.37
N ASP D 34 -21.16 -6.69 30.41
CA ASP D 34 -21.19 -5.27 30.76
C ASP D 34 -19.99 -4.69 30.05
N ILE D 35 -20.23 -3.81 29.08
CA ILE D 35 -19.16 -3.16 28.33
C ILE D 35 -19.45 -1.67 28.27
N GLY D 36 -20.29 -1.21 29.18
CA GLY D 36 -20.61 0.20 29.23
C GLY D 36 -21.87 0.66 28.56
N GLN D 37 -22.83 -0.25 28.35
CA GLN D 37 -24.08 0.10 27.70
C GLN D 37 -24.89 1.02 28.61
N GLY D 38 -24.68 0.89 29.91
CA GLY D 38 -25.43 1.72 30.84
C GLY D 38 -26.69 1.00 31.26
N GLU D 39 -26.64 -0.33 31.26
CA GLU D 39 -27.75 -1.17 31.67
C GLU D 39 -27.20 -1.92 32.86
N GLU D 40 -28.06 -2.30 33.79
CA GLU D 40 -27.54 -3.08 34.91
C GLU D 40 -27.64 -4.53 34.49
N VAL D 41 -26.55 -5.05 33.96
CA VAL D 41 -26.50 -6.43 33.49
C VAL D 41 -27.17 -7.42 34.43
N GLU D 42 -26.90 -7.28 35.73
CA GLU D 42 -27.47 -8.19 36.71
C GLU D 42 -28.98 -8.26 36.58
N GLU D 43 -29.58 -7.19 36.09
CA GLU D 43 -31.02 -7.18 35.91
C GLU D 43 -31.36 -8.02 34.68
N ALA D 44 -30.60 -7.85 33.61
CA ALA D 44 -30.83 -8.62 32.39
C ALA D 44 -30.68 -10.10 32.72
N ARG D 45 -29.70 -10.40 33.56
CA ARG D 45 -29.41 -11.77 33.98
C ARG D 45 -30.58 -12.46 34.69
N GLU D 46 -31.25 -11.72 35.58
CA GLU D 46 -32.37 -12.28 36.33
C GLU D 46 -33.57 -12.39 35.38
N LYS D 47 -33.70 -11.41 34.49
CA LYS D 47 -34.77 -11.43 33.51
C LYS D 47 -34.57 -12.64 32.60
N ALA D 48 -33.32 -13.02 32.38
CA ALA D 48 -33.00 -14.17 31.52
C ALA D 48 -33.54 -15.46 32.13
N LEU D 49 -33.42 -15.56 33.45
CA LEU D 49 -33.89 -16.73 34.18
C LEU D 49 -35.41 -16.71 34.16
N ARG D 50 -35.98 -15.52 34.23
CA ARG D 50 -37.44 -15.34 34.20
C ARG D 50 -37.96 -15.72 32.83
N THR D 51 -37.22 -15.33 31.81
CA THR D 51 -37.61 -15.61 30.43
C THR D 51 -37.47 -17.08 30.08
N GLY D 52 -36.76 -17.84 30.89
CA GLY D 52 -36.61 -19.25 30.60
C GLY D 52 -35.22 -19.82 30.61
N ALA D 53 -34.20 -18.95 30.67
CA ALA D 53 -32.82 -19.43 30.67
C ALA D 53 -32.64 -20.46 31.76
N SER D 54 -31.80 -21.45 31.50
CA SER D 54 -31.53 -22.50 32.47
C SER D 54 -30.36 -22.05 33.34
N LYS D 55 -29.64 -21.05 32.83
CA LYS D 55 -28.51 -20.46 33.51
C LYS D 55 -28.19 -19.11 32.88
N ALA D 56 -27.98 -18.11 33.73
CA ALA D 56 -27.66 -16.79 33.23
C ALA D 56 -26.34 -16.35 33.83
N ILE D 57 -25.47 -15.81 32.98
CA ILE D 57 -24.17 -15.36 33.42
C ILE D 57 -24.02 -13.90 33.06
N ALA D 58 -23.47 -13.13 34.00
CA ALA D 58 -23.23 -11.72 33.76
C ALA D 58 -21.80 -11.48 34.18
N LEU D 59 -21.04 -10.76 33.34
CA LEU D 59 -19.65 -10.48 33.64
C LEU D 59 -19.33 -9.03 33.32
N ASP D 60 -18.52 -8.42 34.18
CA ASP D 60 -18.09 -7.03 33.99
C ASP D 60 -16.84 -7.11 33.11
N LEU D 61 -16.96 -6.67 31.85
CA LEU D 61 -15.82 -6.74 30.94
C LEU D 61 -15.29 -5.42 30.44
N LYS D 62 -15.67 -4.31 31.08
CA LYS D 62 -15.19 -3.02 30.62
C LYS D 62 -13.67 -2.94 30.59
N GLU D 63 -13.00 -3.48 31.61
CA GLU D 63 -11.55 -3.42 31.64
C GLU D 63 -10.93 -4.26 30.52
N GLU D 64 -11.42 -5.48 30.33
CA GLU D 64 -10.90 -6.35 29.26
C GLU D 64 -11.17 -5.67 27.92
N PHE D 65 -12.38 -5.13 27.77
CA PHE D 65 -12.76 -4.44 26.54
C PHE D 65 -11.80 -3.34 26.15
N VAL D 66 -11.55 -2.39 27.06
CA VAL D 66 -10.64 -1.29 26.75
C VAL D 66 -9.19 -1.72 26.61
N ARG D 67 -8.75 -2.56 27.55
CA ARG D 67 -7.37 -3.03 27.56
C ARG D 67 -6.97 -3.94 26.39
N ASP D 68 -7.74 -5.02 26.18
CA ASP D 68 -7.42 -5.98 25.14
C ASP D 68 -8.06 -5.79 23.77
N PHE D 69 -8.89 -4.77 23.60
CA PHE D 69 -9.52 -4.56 22.30
C PHE D 69 -9.45 -3.12 21.83
N VAL D 70 -9.99 -2.20 22.61
CA VAL D 70 -9.95 -0.80 22.22
C VAL D 70 -8.52 -0.26 22.08
N PHE D 71 -7.67 -0.50 23.08
CA PHE D 71 -6.28 -0.02 23.06
C PHE D 71 -5.46 -0.56 21.88
N PRO D 72 -5.40 -1.89 21.72
CA PRO D 72 -4.62 -2.43 20.60
C PRO D 72 -5.07 -1.80 19.29
N MET D 73 -6.39 -1.61 19.13
CA MET D 73 -6.93 -1.01 17.92
C MET D 73 -6.51 0.45 17.79
N MET D 74 -6.49 1.17 18.91
CA MET D 74 -6.11 2.58 18.92
C MET D 74 -4.64 2.75 18.57
N ARG D 75 -3.79 1.82 19.00
CA ARG D 75 -2.36 1.90 18.68
C ARG D 75 -2.15 1.92 17.17
N ALA D 76 -3.08 1.30 16.44
CA ALA D 76 -3.00 1.23 14.99
C ALA D 76 -3.54 2.47 14.31
N GLY D 77 -4.18 3.34 15.09
CA GLY D 77 -4.76 4.56 14.55
C GLY D 77 -5.88 4.19 13.60
N ALA D 78 -6.62 3.16 13.98
CA ALA D 78 -7.72 2.63 13.17
C ALA D 78 -8.91 3.57 12.99
N VAL D 79 -9.19 3.90 11.73
CA VAL D 79 -10.32 4.76 11.40
C VAL D 79 -10.94 4.28 10.09
N TYR D 80 -12.21 3.84 10.16
CA TYR D 80 -12.89 3.32 8.97
C TYR D 80 -13.55 4.38 8.10
N GLU D 81 -13.20 4.36 6.82
CA GLU D 81 -13.74 5.28 5.83
C GLU D 81 -13.77 6.75 6.25
N GLY D 82 -12.63 7.24 6.73
CA GLY D 82 -12.54 8.64 7.10
C GLY D 82 -12.98 9.10 8.47
N TYR D 83 -14.07 8.54 9.00
CA TYR D 83 -14.54 9.00 10.30
C TYR D 83 -14.95 7.98 11.37
N TYR D 84 -15.32 6.77 10.99
CA TYR D 84 -15.76 5.81 11.99
C TYR D 84 -14.66 5.21 12.88
N LEU D 85 -14.76 5.49 14.18
CA LEU D 85 -13.78 5.01 15.14
C LEU D 85 -14.02 3.57 15.62
N LEU D 86 -14.93 2.89 14.93
CA LEU D 86 -15.22 1.48 15.20
C LEU D 86 -15.70 1.06 16.59
N GLY D 87 -16.51 1.90 17.23
CA GLY D 87 -17.00 1.60 18.56
C GLY D 87 -17.73 0.26 18.70
N THR D 88 -18.65 -0.04 17.78
CA THR D 88 -19.38 -1.30 17.86
C THR D 88 -18.49 -2.46 17.41
N SER D 89 -17.74 -2.23 16.33
CA SER D 89 -16.85 -3.24 15.75
C SER D 89 -15.91 -3.97 16.71
N ILE D 90 -15.15 -3.25 17.54
CA ILE D 90 -14.22 -3.90 18.47
C ILE D 90 -14.87 -4.56 19.67
N ALA D 91 -16.15 -4.31 19.90
CA ALA D 91 -16.84 -4.92 21.04
C ALA D 91 -17.30 -6.36 20.75
N ARG D 92 -17.84 -6.56 19.56
CA ARG D 92 -18.34 -7.87 19.17
C ARG D 92 -17.40 -9.05 19.40
N PRO D 93 -16.12 -8.91 19.01
CA PRO D 93 -15.14 -9.99 19.20
C PRO D 93 -15.02 -10.42 20.67
N LEU D 94 -15.11 -9.44 21.56
CA LEU D 94 -15.03 -9.69 23.00
C LEU D 94 -16.18 -10.60 23.41
N ILE D 95 -17.40 -10.22 23.04
CA ILE D 95 -18.60 -10.99 23.36
C ILE D 95 -18.52 -12.42 22.83
N ALA D 96 -18.24 -12.55 21.54
CA ALA D 96 -18.13 -13.86 20.91
C ALA D 96 -17.09 -14.71 21.63
N LYS D 97 -15.97 -14.08 21.98
CA LYS D 97 -14.87 -14.75 22.68
C LYS D 97 -15.41 -15.42 23.94
N HIS D 98 -16.32 -14.75 24.64
CA HIS D 98 -16.88 -15.33 25.86
C HIS D 98 -17.96 -16.37 25.59
N LEU D 99 -18.78 -16.14 24.57
CA LEU D 99 -19.84 -17.12 24.24
C LEU D 99 -19.20 -18.48 24.05
N VAL D 100 -18.13 -18.49 23.26
CA VAL D 100 -17.42 -19.72 22.98
C VAL D 100 -16.75 -20.29 24.24
N ARG D 101 -16.21 -19.42 25.09
CA ARG D 101 -15.56 -19.88 26.31
C ARG D 101 -16.59 -20.61 27.18
N ILE D 102 -17.71 -19.93 27.40
CA ILE D 102 -18.80 -20.48 28.21
C ILE D 102 -19.31 -21.79 27.63
N ALA D 103 -19.61 -21.78 26.33
CA ALA D 103 -20.09 -22.99 25.65
C ALA D 103 -19.14 -24.14 25.95
N GLU D 104 -17.85 -23.87 25.85
CA GLU D 104 -16.84 -24.89 26.09
C GLU D 104 -16.89 -25.35 27.54
N GLU D 105 -17.23 -24.43 28.44
CA GLU D 105 -17.31 -24.77 29.85
C GLU D 105 -18.60 -25.52 30.18
N GLU D 106 -19.71 -25.10 29.57
CA GLU D 106 -21.01 -25.71 29.82
C GLU D 106 -21.26 -26.98 29.01
N GLY D 107 -20.36 -27.28 28.09
CA GLY D 107 -20.55 -28.46 27.26
C GLY D 107 -21.70 -28.19 26.30
N ALA D 108 -21.68 -27.00 25.69
CA ALA D 108 -22.71 -26.59 24.76
C ALA D 108 -22.18 -26.67 23.34
N GLU D 109 -22.92 -27.32 22.46
CA GLU D 109 -22.49 -27.47 21.09
C GLU D 109 -22.72 -26.22 20.28
N ALA D 110 -23.65 -25.37 20.72
CA ALA D 110 -23.93 -24.16 19.96
C ALA D 110 -24.03 -22.85 20.74
N ILE D 111 -23.86 -21.75 20.00
CA ILE D 111 -23.97 -20.41 20.55
C ILE D 111 -24.98 -19.72 19.65
N ALA D 112 -25.60 -18.66 20.14
CA ALA D 112 -26.58 -17.92 19.36
C ALA D 112 -26.47 -16.42 19.65
N HIS D 113 -26.86 -15.62 18.66
CA HIS D 113 -26.82 -14.17 18.80
C HIS D 113 -28.01 -13.58 18.05
N GLY D 114 -28.34 -12.34 18.35
CA GLY D 114 -29.47 -11.72 17.70
C GLY D 114 -29.15 -10.68 16.65
N ALA D 115 -27.98 -10.75 16.04
CA ALA D 115 -27.64 -9.79 15.00
C ALA D 115 -28.48 -10.19 13.79
N THR D 116 -28.84 -9.22 12.96
CA THR D 116 -29.65 -9.51 11.78
C THR D 116 -28.83 -9.98 10.59
N GLY D 117 -29.53 -10.47 9.56
CA GLY D 117 -28.85 -10.94 8.37
C GLY D 117 -28.43 -9.83 7.43
N LYS D 118 -28.88 -8.61 7.71
CA LYS D 118 -28.54 -7.45 6.89
C LYS D 118 -27.29 -6.69 7.36
N GLY D 119 -26.74 -7.04 8.52
CA GLY D 119 -25.61 -6.29 9.03
C GLY D 119 -24.24 -6.90 9.12
N ASN D 120 -23.34 -6.16 9.77
CA ASN D 120 -21.95 -6.56 9.96
C ASN D 120 -21.75 -7.40 11.22
N ASP D 121 -22.56 -7.15 12.25
CA ASP D 121 -22.38 -7.86 13.51
C ASP D 121 -22.45 -9.38 13.40
N GLN D 122 -23.34 -9.89 12.56
CA GLN D 122 -23.45 -11.34 12.38
C GLN D 122 -22.09 -11.89 11.98
N VAL D 123 -21.42 -11.21 11.05
CA VAL D 123 -20.11 -11.63 10.57
C VAL D 123 -19.06 -11.56 11.67
N ARG D 124 -19.11 -10.50 12.46
CA ARG D 124 -18.16 -10.32 13.56
C ARG D 124 -18.31 -11.45 14.57
N PHE D 125 -19.52 -11.68 15.06
CA PHE D 125 -19.73 -12.76 16.02
C PHE D 125 -19.29 -14.12 15.45
N GLU D 126 -19.71 -14.40 14.23
CA GLU D 126 -19.41 -15.69 13.63
C GLU D 126 -17.96 -15.94 13.20
N LEU D 127 -17.30 -14.94 12.61
CA LEU D 127 -15.91 -15.15 12.22
C LEU D 127 -15.08 -15.37 13.49
N THR D 128 -15.38 -14.65 14.56
CA THR D 128 -14.61 -14.88 15.79
C THR D 128 -15.01 -16.22 16.40
N ALA D 129 -16.29 -16.56 16.30
CA ALA D 129 -16.75 -17.83 16.84
C ALA D 129 -16.03 -19.00 16.16
N TYR D 130 -16.04 -19.02 14.83
CA TYR D 130 -15.39 -20.10 14.08
C TYR D 130 -13.86 -20.07 14.20
N ALA D 131 -13.30 -18.87 14.28
CA ALA D 131 -11.85 -18.73 14.40
C ALA D 131 -11.34 -19.31 15.72
N LEU D 132 -12.15 -19.17 16.77
CA LEU D 132 -11.77 -19.66 18.09
C LEU D 132 -12.13 -21.12 18.34
N LYS D 133 -13.23 -21.59 17.75
CA LYS D 133 -13.67 -22.97 17.92
C LYS D 133 -14.33 -23.36 16.59
N PRO D 134 -13.54 -23.95 15.67
CA PRO D 134 -14.01 -24.36 14.34
C PRO D 134 -15.23 -25.29 14.28
N ASP D 135 -15.38 -26.16 15.27
CA ASP D 135 -16.51 -27.09 15.29
C ASP D 135 -17.76 -26.56 15.98
N ILE D 136 -17.72 -25.31 16.43
CA ILE D 136 -18.88 -24.73 17.09
C ILE D 136 -20.02 -24.51 16.09
N LYS D 137 -21.25 -24.63 16.56
CA LYS D 137 -22.40 -24.40 15.71
C LYS D 137 -23.00 -23.07 16.09
N VAL D 138 -23.41 -22.31 15.08
CA VAL D 138 -23.98 -21.01 15.34
C VAL D 138 -25.42 -20.91 14.86
N ILE D 139 -26.26 -20.36 15.72
CA ILE D 139 -27.67 -20.19 15.41
C ILE D 139 -27.94 -18.69 15.41
N ALA D 140 -28.49 -18.18 14.32
CA ALA D 140 -28.82 -16.77 14.21
C ALA D 140 -30.30 -16.68 13.88
N PRO D 141 -31.16 -16.71 14.91
CA PRO D 141 -32.60 -16.64 14.72
C PRO D 141 -33.09 -15.67 13.65
N TRP D 142 -32.46 -14.50 13.52
CA TRP D 142 -32.92 -13.56 12.51
C TRP D 142 -32.85 -14.11 11.09
N ARG D 143 -31.90 -15.01 10.84
CA ARG D 143 -31.77 -15.59 9.52
C ARG D 143 -32.61 -16.87 9.36
N GLU D 144 -33.15 -17.39 10.47
CA GLU D 144 -33.93 -18.63 10.43
C GLU D 144 -35.44 -18.55 10.65
N TRP D 145 -35.91 -17.56 11.43
CA TRP D 145 -37.34 -17.47 11.73
C TRP D 145 -38.27 -16.88 10.69
N SER D 146 -39.56 -16.93 11.00
CA SER D 146 -40.63 -16.47 10.11
C SER D 146 -41.24 -15.09 10.36
N PHE D 147 -40.99 -14.51 11.53
CA PHE D 147 -41.55 -13.20 11.81
C PHE D 147 -41.38 -12.30 10.61
N GLN D 148 -42.50 -11.74 10.12
CA GLN D 148 -42.42 -10.86 8.97
C GLN D 148 -42.49 -9.41 9.42
N GLY D 149 -42.96 -9.19 10.63
CA GLY D 149 -43.06 -7.82 11.11
C GLY D 149 -42.82 -7.62 12.59
N ARG D 150 -42.69 -6.35 12.97
CA ARG D 150 -42.47 -5.96 14.35
C ARG D 150 -43.65 -6.46 15.18
N LYS D 151 -44.84 -6.17 14.67
CA LYS D 151 -46.08 -6.54 15.32
C LYS D 151 -46.10 -8.04 15.57
N GLU D 152 -45.82 -8.82 14.54
CA GLU D 152 -45.80 -10.27 14.70
C GLU D 152 -44.90 -10.63 15.87
N MET D 153 -43.80 -9.90 16.01
CA MET D 153 -42.86 -10.16 17.10
C MET D 153 -43.42 -9.76 18.46
N ILE D 154 -44.09 -8.61 18.53
CA ILE D 154 -44.65 -8.17 19.80
C ILE D 154 -45.69 -9.20 20.28
N ALA D 155 -46.44 -9.75 19.34
CA ALA D 155 -47.48 -10.73 19.67
C ALA D 155 -46.89 -12.01 20.23
N TYR D 156 -45.80 -12.46 19.62
CA TYR D 156 -45.11 -13.67 20.03
C TYR D 156 -44.62 -13.55 21.47
N ALA D 157 -44.25 -12.32 21.86
CA ALA D 157 -43.77 -12.05 23.20
C ALA D 157 -44.90 -12.28 24.18
N GLU D 158 -46.06 -11.72 23.85
CA GLU D 158 -47.24 -11.87 24.69
C GLU D 158 -47.66 -13.33 24.77
N ALA D 159 -47.78 -14.00 23.64
CA ALA D 159 -48.16 -15.40 23.65
C ALA D 159 -47.35 -16.12 24.72
N HIS D 160 -46.10 -15.69 24.90
CA HIS D 160 -45.20 -16.29 25.88
C HIS D 160 -45.00 -15.39 27.09
N GLY D 161 -45.77 -14.30 27.13
CA GLY D 161 -45.72 -13.37 28.25
C GLY D 161 -44.37 -12.74 28.52
N ILE D 162 -43.94 -11.86 27.61
CA ILE D 162 -42.67 -11.16 27.77
C ILE D 162 -42.94 -9.66 27.77
N PRO D 163 -42.49 -8.95 28.81
CA PRO D 163 -42.70 -7.50 28.88
C PRO D 163 -42.49 -6.85 27.53
N VAL D 164 -43.30 -5.84 27.21
CA VAL D 164 -43.16 -5.16 25.93
C VAL D 164 -43.21 -3.65 26.13
N PRO D 165 -42.57 -2.88 25.23
CA PRO D 165 -42.52 -1.42 25.26
C PRO D 165 -43.85 -0.76 25.61
N PRO D 171 -37.49 5.07 16.73
CA PRO D 171 -37.41 5.94 15.52
C PRO D 171 -36.06 5.73 14.82
N TYR D 172 -35.18 4.99 15.50
CA TYR D 172 -33.87 4.67 14.97
C TYR D 172 -33.28 3.61 15.89
N SER D 173 -32.23 2.93 15.40
CA SER D 173 -31.58 1.88 16.16
C SER D 173 -30.31 2.44 16.78
N MET D 174 -29.88 1.87 17.90
CA MET D 174 -28.66 2.34 18.51
C MET D 174 -27.93 1.27 19.28
N ASP D 175 -26.61 1.44 19.40
CA ASP D 175 -25.77 0.51 20.12
C ASP D 175 -24.86 1.37 20.99
N ALA D 176 -24.83 1.10 22.29
CA ALA D 176 -24.01 1.89 23.19
C ALA D 176 -23.10 1.07 24.07
N ASN D 177 -21.83 1.48 24.15
CA ASN D 177 -20.84 0.83 24.99
C ASN D 177 -19.85 1.90 25.47
N LEU D 178 -18.83 1.49 26.23
CA LEU D 178 -17.85 2.44 26.78
C LEU D 178 -17.17 3.32 25.73
N LEU D 179 -17.07 2.82 24.50
CA LEU D 179 -16.41 3.56 23.42
C LEU D 179 -17.29 4.57 22.69
N HIS D 180 -18.56 4.26 22.53
CA HIS D 180 -19.44 5.18 21.83
C HIS D 180 -20.90 4.78 21.91
N ILE D 181 -21.72 5.56 21.23
CA ILE D 181 -23.12 5.28 21.10
C ILE D 181 -23.38 5.58 19.63
N SER D 182 -23.97 4.61 18.94
CA SER D 182 -24.24 4.73 17.51
C SER D 182 -25.73 4.73 17.24
N TYR D 183 -26.11 5.42 16.17
CA TYR D 183 -27.49 5.52 15.76
C TYR D 183 -27.59 5.30 14.26
N GLU D 184 -28.58 4.52 13.83
CA GLU D 184 -28.80 4.27 12.41
C GLU D 184 -30.18 3.65 12.21
N GLY D 185 -30.70 3.79 10.99
CA GLY D 185 -32.00 3.23 10.68
C GLY D 185 -33.10 4.24 10.94
N GLY D 186 -34.35 3.79 10.86
CA GLY D 186 -35.46 4.68 11.11
C GLY D 186 -35.36 5.96 10.30
N VAL D 187 -35.55 7.08 10.97
CA VAL D 187 -35.50 8.39 10.33
C VAL D 187 -34.12 8.69 9.75
N LEU D 188 -33.10 8.00 10.24
CA LEU D 188 -31.73 8.22 9.77
C LEU D 188 -31.46 7.63 8.38
N GLU D 189 -32.34 6.76 7.90
CA GLU D 189 -32.17 6.12 6.61
C GLU D 189 -32.17 7.09 5.44
N ASP D 190 -32.65 8.30 5.66
CA ASP D 190 -32.64 9.31 4.61
C ASP D 190 -31.36 10.15 4.81
N PRO D 191 -30.30 9.85 4.04
CA PRO D 191 -29.02 10.55 4.13
C PRO D 191 -29.07 12.07 3.94
N TRP D 192 -30.20 12.60 3.50
CA TRP D 192 -30.33 14.03 3.30
C TRP D 192 -30.99 14.66 4.51
N ALA D 193 -31.50 13.79 5.38
CA ALA D 193 -32.17 14.25 6.60
C ALA D 193 -31.19 14.33 7.75
N GLU D 194 -31.04 15.52 8.31
CA GLU D 194 -30.15 15.71 9.45
C GLU D 194 -30.77 14.96 10.63
N PRO D 195 -29.93 14.39 11.51
CA PRO D 195 -30.44 13.64 12.66
C PRO D 195 -31.38 14.50 13.50
N PRO D 196 -32.34 13.88 14.20
CA PRO D 196 -33.30 14.62 15.04
C PRO D 196 -32.70 15.24 16.31
N LYS D 197 -33.17 16.43 16.65
CA LYS D 197 -32.69 17.12 17.84
C LYS D 197 -32.93 16.26 19.07
N GLY D 198 -31.98 16.28 19.99
CA GLY D 198 -32.12 15.51 21.20
C GLY D 198 -31.87 14.03 21.04
N MET D 199 -31.29 13.64 19.91
CA MET D 199 -31.01 12.23 19.67
C MET D 199 -29.81 11.77 20.49
N PHE D 200 -28.73 12.52 20.40
CA PHE D 200 -27.50 12.17 21.12
C PHE D 200 -27.74 11.98 22.61
N ARG D 201 -27.00 11.03 23.18
CA ARG D 201 -27.15 10.69 24.58
C ARG D 201 -25.87 10.77 25.40
N MET D 202 -24.74 10.42 24.79
CA MET D 202 -23.47 10.42 25.50
C MET D 202 -22.76 11.77 25.55
N THR D 203 -23.03 12.61 24.57
CA THR D 203 -22.40 13.92 24.50
C THR D 203 -23.41 15.03 24.62
N GLN D 204 -23.12 16.02 25.45
CA GLN D 204 -24.03 17.12 25.59
C GLN D 204 -24.01 17.82 24.25
N ASP D 205 -25.10 18.50 23.92
CA ASP D 205 -25.20 19.22 22.68
C ASP D 205 -24.32 20.48 22.71
N PRO D 206 -23.45 20.63 21.70
CA PRO D 206 -22.55 21.79 21.61
C PRO D 206 -23.17 23.15 21.93
N GLU D 207 -24.30 23.47 21.29
CA GLU D 207 -24.97 24.75 21.51
C GLU D 207 -25.29 24.95 22.98
N GLU D 208 -25.13 23.90 23.76
CA GLU D 208 -25.44 23.92 25.17
C GLU D 208 -24.24 23.57 26.03
N ALA D 209 -23.06 23.52 25.40
CA ALA D 209 -21.82 23.18 26.12
C ALA D 209 -21.22 24.44 26.74
N PRO D 210 -20.39 24.26 27.78
CA PRO D 210 -19.75 25.38 28.48
C PRO D 210 -19.24 26.48 27.56
N ASP D 211 -19.32 27.73 28.03
CA ASP D 211 -18.88 28.88 27.26
C ASP D 211 -17.39 29.09 27.35
N ALA D 212 -16.76 28.44 28.31
CA ALA D 212 -15.33 28.56 28.47
C ALA D 212 -14.68 27.23 28.08
N PRO D 213 -13.63 27.31 27.25
CA PRO D 213 -12.93 26.10 26.83
C PRO D 213 -12.37 25.41 28.07
N GLU D 214 -12.15 24.11 27.97
CA GLU D 214 -11.57 23.35 29.07
C GLU D 214 -10.33 22.69 28.51
N TYR D 215 -9.28 22.62 29.33
CA TYR D 215 -8.05 22.00 28.88
C TYR D 215 -7.90 20.65 29.54
N VAL D 216 -7.39 19.68 28.78
CA VAL D 216 -7.17 18.36 29.31
C VAL D 216 -5.83 17.86 28.78
N GLU D 217 -5.13 17.09 29.60
CA GLU D 217 -3.83 16.55 29.21
C GLU D 217 -3.88 15.05 29.36
N VAL D 218 -3.35 14.36 28.34
CA VAL D 218 -3.33 12.91 28.38
C VAL D 218 -1.90 12.40 28.24
N GLU D 219 -1.52 11.53 29.16
CA GLU D 219 -0.19 10.95 29.13
C GLU D 219 -0.26 9.57 28.49
N PHE D 220 0.68 9.30 27.59
CA PHE D 220 0.76 7.99 26.94
C PHE D 220 2.06 7.37 27.39
N PHE D 221 2.05 6.09 27.74
CA PHE D 221 3.31 5.48 28.11
C PHE D 221 3.90 4.78 26.90
N GLU D 222 3.68 3.49 26.73
CA GLU D 222 4.27 2.86 25.54
C GLU D 222 3.24 2.56 24.47
N GLY D 223 2.52 3.60 24.05
CA GLY D 223 1.48 3.43 23.04
C GLY D 223 0.08 3.49 23.60
N ASP D 224 -0.05 3.35 24.91
CA ASP D 224 -1.36 3.40 25.56
C ASP D 224 -1.51 4.58 26.53
N PRO D 225 -2.72 5.17 26.61
CA PRO D 225 -2.96 6.29 27.52
C PRO D 225 -3.01 5.78 28.97
N VAL D 226 -2.18 6.35 29.84
CA VAL D 226 -2.14 5.91 31.24
C VAL D 226 -2.59 6.93 32.28
N ALA D 227 -2.82 8.17 31.90
CA ALA D 227 -3.23 9.16 32.87
C ALA D 227 -3.93 10.34 32.22
N VAL D 228 -4.81 10.97 33.01
CA VAL D 228 -5.57 12.13 32.56
C VAL D 228 -5.34 13.23 33.59
N ASN D 229 -4.91 14.41 33.12
CA ASN D 229 -4.64 15.53 34.01
C ASN D 229 -3.80 15.11 35.22
N GLY D 230 -2.78 14.30 34.98
CA GLY D 230 -1.91 13.86 36.07
C GLY D 230 -2.38 12.69 36.90
N GLU D 231 -3.63 12.28 36.74
CA GLU D 231 -4.15 11.15 37.50
C GLU D 231 -4.07 9.84 36.72
N ARG D 232 -3.34 8.88 37.28
CA ARG D 232 -3.20 7.58 36.62
C ARG D 232 -4.54 6.86 36.68
N LEU D 233 -4.99 6.32 35.56
CA LEU D 233 -6.27 5.61 35.51
C LEU D 233 -6.18 4.29 34.74
N SER D 234 -6.98 3.31 35.16
CA SER D 234 -6.98 2.02 34.48
C SER D 234 -7.63 2.28 33.12
N PRO D 235 -7.39 1.39 32.15
CA PRO D 235 -7.97 1.56 30.81
C PRO D 235 -9.44 1.96 30.77
N ALA D 236 -10.30 1.17 31.42
CA ALA D 236 -11.74 1.49 31.43
C ALA D 236 -12.03 2.79 32.15
N ALA D 237 -11.36 2.98 33.30
CA ALA D 237 -11.54 4.17 34.10
C ALA D 237 -11.09 5.39 33.30
N LEU D 238 -10.00 5.24 32.57
CA LEU D 238 -9.48 6.33 31.77
C LEU D 238 -10.43 6.70 30.64
N LEU D 239 -10.96 5.70 29.92
CA LEU D 239 -11.88 6.00 28.82
C LEU D 239 -13.12 6.66 29.41
N GLN D 240 -13.54 6.19 30.58
CA GLN D 240 -14.71 6.76 31.23
C GLN D 240 -14.47 8.24 31.49
N ARG D 241 -13.37 8.56 32.16
CA ARG D 241 -13.03 9.95 32.47
C ARG D 241 -13.10 10.83 31.22
N LEU D 242 -12.44 10.39 30.16
CA LEU D 242 -12.43 11.16 28.92
C LEU D 242 -13.80 11.28 28.27
N ASN D 243 -14.69 10.32 28.54
CA ASN D 243 -16.04 10.41 27.99
C ASN D 243 -16.77 11.53 28.72
N GLU D 244 -16.60 11.57 30.04
CA GLU D 244 -17.22 12.60 30.88
C GLU D 244 -16.77 13.98 30.44
N ILE D 245 -15.46 14.18 30.41
CA ILE D 245 -14.90 15.46 30.01
C ILE D 245 -15.33 15.83 28.60
N GLY D 246 -15.09 14.94 27.65
CA GLY D 246 -15.45 15.23 26.27
C GLY D 246 -16.94 15.39 26.06
N GLY D 247 -17.73 14.51 26.65
CA GLY D 247 -19.17 14.58 26.50
C GLY D 247 -19.68 15.94 26.91
N ARG D 248 -19.27 16.38 28.11
CA ARG D 248 -19.69 17.68 28.65
C ARG D 248 -19.53 18.74 27.58
N HIS D 249 -18.52 18.60 26.73
CA HIS D 249 -18.30 19.56 25.66
C HIS D 249 -18.89 19.19 24.31
N GLY D 250 -19.60 18.07 24.25
CA GLY D 250 -20.21 17.63 23.00
C GLY D 250 -19.24 17.22 21.91
N VAL D 251 -18.09 16.70 22.33
CA VAL D 251 -17.04 16.28 21.39
C VAL D 251 -17.25 14.89 20.76
N GLY D 252 -16.68 14.71 19.58
CA GLY D 252 -16.74 13.42 18.90
C GLY D 252 -18.01 12.98 18.20
N ARG D 253 -18.64 13.89 17.47
CA ARG D 253 -19.85 13.58 16.74
C ARG D 253 -19.58 13.52 15.24
N VAL D 254 -19.99 12.41 14.61
CA VAL D 254 -19.80 12.23 13.17
C VAL D 254 -21.04 11.65 12.50
N ASP D 255 -21.25 12.00 11.24
CA ASP D 255 -22.41 11.56 10.48
C ASP D 255 -21.98 11.08 9.09
N ILE D 256 -22.00 9.77 8.87
CA ILE D 256 -21.55 9.21 7.60
C ILE D 256 -22.41 8.12 6.97
N VAL D 257 -22.25 7.95 5.66
CA VAL D 257 -22.93 6.89 4.92
C VAL D 257 -21.79 5.91 4.67
N GLU D 258 -21.79 4.81 5.41
CA GLU D 258 -20.74 3.79 5.31
C GLU D 258 -21.10 2.61 4.41
N ASN D 259 -20.08 1.82 4.06
CA ASN D 259 -20.26 0.63 3.24
C ASN D 259 -20.17 -0.58 4.16
N ARG D 260 -21.27 -1.32 4.32
CA ARG D 260 -21.23 -2.52 5.15
C ARG D 260 -20.45 -3.60 4.41
N PHE D 261 -19.94 -4.57 5.16
CA PHE D 261 -19.17 -5.67 4.59
C PHE D 261 -20.07 -6.53 3.72
N VAL D 262 -21.34 -6.55 4.08
CA VAL D 262 -22.34 -7.35 3.40
C VAL D 262 -22.79 -6.78 2.04
N GLY D 263 -22.26 -5.62 1.66
CA GLY D 263 -22.61 -5.10 0.34
C GLY D 263 -23.36 -3.79 0.13
N MET D 264 -24.10 -3.31 1.12
CA MET D 264 -24.84 -2.06 0.91
C MET D 264 -24.43 -0.91 1.81
N LYS D 265 -24.75 0.29 1.36
CA LYS D 265 -24.44 1.51 2.10
C LYS D 265 -25.46 1.72 3.21
N SER D 266 -25.02 2.34 4.29
CA SER D 266 -25.87 2.60 5.45
C SER D 266 -25.53 3.95 6.08
N ARG D 267 -26.56 4.71 6.46
CA ARG D 267 -26.34 6.02 7.06
C ARG D 267 -26.15 5.85 8.56
N GLY D 268 -24.96 6.19 9.05
CA GLY D 268 -24.66 6.06 10.46
C GLY D 268 -24.27 7.38 11.12
N VAL D 269 -24.65 7.50 12.39
CA VAL D 269 -24.33 8.69 13.19
C VAL D 269 -23.64 8.14 14.44
N TYR D 270 -22.52 8.75 14.82
CA TYR D 270 -21.77 8.28 15.97
C TYR D 270 -21.21 9.36 16.90
N GLU D 271 -21.19 9.07 18.20
CA GLU D 271 -20.64 10.00 19.17
C GLU D 271 -19.61 9.22 19.97
N THR D 272 -18.36 9.65 19.84
CA THR D 272 -17.22 9.00 20.48
C THR D 272 -16.36 10.04 21.22
N PRO D 273 -16.90 10.66 22.29
CA PRO D 273 -16.19 11.69 23.07
C PRO D 273 -14.77 11.32 23.50
N GLY D 274 -14.65 10.36 24.41
CA GLY D 274 -13.33 9.96 24.88
C GLY D 274 -12.40 9.47 23.77
N GLY D 275 -12.94 8.66 22.88
CA GLY D 275 -12.15 8.12 21.80
C GLY D 275 -11.63 9.18 20.86
N THR D 276 -12.40 10.23 20.63
CA THR D 276 -11.97 11.28 19.73
C THR D 276 -10.86 12.13 20.34
N ILE D 277 -10.89 12.27 21.66
CA ILE D 277 -9.88 13.03 22.35
C ILE D 277 -8.58 12.21 22.28
N LEU D 278 -8.73 10.91 22.50
CA LEU D 278 -7.58 10.01 22.46
C LEU D 278 -6.97 9.92 21.06
N TYR D 279 -7.81 9.97 20.04
CA TYR D 279 -7.31 9.90 18.68
C TYR D 279 -6.32 11.03 18.42
N HIS D 280 -6.75 12.25 18.71
CA HIS D 280 -5.93 13.44 18.51
C HIS D 280 -4.77 13.57 19.49
N ALA D 281 -4.97 13.12 20.73
CA ALA D 281 -3.93 13.18 21.76
C ALA D 281 -2.80 12.25 21.34
N ARG D 282 -3.17 11.07 20.86
CA ARG D 282 -2.21 10.07 20.41
C ARG D 282 -1.37 10.63 19.26
N ARG D 283 -2.02 11.25 18.27
CA ARG D 283 -1.28 11.79 17.15
C ARG D 283 -0.38 12.93 17.58
N ALA D 284 -0.84 13.73 18.54
CA ALA D 284 -0.05 14.85 19.04
C ALA D 284 1.25 14.29 19.62
N VAL D 285 1.14 13.26 20.43
CA VAL D 285 2.33 12.65 21.01
C VAL D 285 3.17 11.94 19.93
N GLU D 286 2.50 11.37 18.93
CA GLU D 286 3.23 10.69 17.86
C GLU D 286 4.05 11.71 17.07
N SER D 287 3.54 12.94 16.99
CA SER D 287 4.22 13.98 16.23
C SER D 287 5.62 14.31 16.75
N LEU D 288 5.92 13.94 17.99
CA LEU D 288 7.25 14.21 18.53
C LEU D 288 8.05 12.92 18.69
N THR D 289 7.35 11.80 18.86
CA THR D 289 8.02 10.53 19.08
C THR D 289 8.23 9.57 17.90
N LEU D 290 7.51 9.77 16.80
CA LEU D 290 7.66 8.88 15.65
C LEU D 290 8.46 9.48 14.50
N ASP D 291 9.29 8.64 13.89
CA ASP D 291 10.09 9.05 12.76
C ASP D 291 9.19 9.31 11.55
N ARG D 292 9.59 10.25 10.71
CA ARG D 292 8.83 10.63 9.52
C ARG D 292 8.39 9.43 8.66
N GLU D 293 9.36 8.65 8.20
CA GLU D 293 9.06 7.51 7.35
C GLU D 293 8.23 6.45 8.07
N VAL D 294 8.53 6.21 9.34
CA VAL D 294 7.75 5.23 10.10
C VAL D 294 6.30 5.69 10.08
N LEU D 295 6.08 6.98 10.35
CA LEU D 295 4.74 7.53 10.36
C LEU D 295 4.02 7.38 9.02
N HIS D 296 4.67 7.79 7.95
CA HIS D 296 4.06 7.71 6.63
C HIS D 296 3.63 6.29 6.25
N GLN D 297 4.43 5.29 6.63
CA GLN D 297 4.11 3.90 6.33
C GLN D 297 2.93 3.44 7.19
N ARG D 298 2.97 3.79 8.46
CA ARG D 298 1.91 3.41 9.40
C ARG D 298 0.55 3.94 8.97
N ASP D 299 0.51 5.19 8.51
CA ASP D 299 -0.74 5.79 8.08
C ASP D 299 -1.36 5.14 6.83
N MET D 300 -0.52 4.59 5.97
CA MET D 300 -1.04 3.93 4.76
C MET D 300 -1.54 2.53 5.07
N LEU D 301 -1.19 2.01 6.24
CA LEU D 301 -1.63 0.69 6.66
C LEU D 301 -2.84 0.79 7.59
N SER D 302 -2.97 1.93 8.28
CA SER D 302 -4.08 2.12 9.19
C SER D 302 -5.45 1.77 8.61
N PRO D 303 -5.75 2.27 7.39
CA PRO D 303 -7.05 1.97 6.76
C PRO D 303 -7.35 0.48 6.55
N LYS D 304 -6.34 -0.29 6.20
CA LYS D 304 -6.50 -1.73 5.98
C LYS D 304 -6.86 -2.41 7.29
N TYR D 305 -6.12 -2.08 8.34
CA TYR D 305 -6.38 -2.63 9.65
C TYR D 305 -7.81 -2.31 10.07
N ALA D 306 -8.22 -1.08 9.75
CA ALA D 306 -9.56 -0.61 10.09
C ALA D 306 -10.64 -1.46 9.44
N GLU D 307 -10.50 -1.69 8.13
CA GLU D 307 -11.48 -2.49 7.42
C GLU D 307 -11.52 -3.90 8.00
N LEU D 308 -10.37 -4.39 8.46
CA LEU D 308 -10.31 -5.72 9.06
C LEU D 308 -11.19 -5.76 10.31
N VAL D 309 -11.06 -4.75 11.15
CA VAL D 309 -11.84 -4.66 12.38
C VAL D 309 -13.32 -4.49 12.08
N TYR D 310 -13.61 -3.66 11.09
CA TYR D 310 -14.99 -3.40 10.70
C TYR D 310 -15.66 -4.68 10.17
N TYR D 311 -14.97 -5.39 9.29
CA TYR D 311 -15.51 -6.62 8.69
C TYR D 311 -15.69 -7.74 9.70
N GLY D 312 -14.86 -7.75 10.73
CA GLY D 312 -14.96 -8.78 11.75
C GLY D 312 -13.74 -9.68 11.84
N PHE D 313 -12.69 -9.35 11.10
CA PHE D 313 -11.49 -10.16 11.14
C PHE D 313 -10.56 -9.77 12.30
N TRP D 314 -11.04 -9.88 13.53
CA TRP D 314 -10.22 -9.54 14.69
C TRP D 314 -9.30 -10.70 15.00
N TYR D 315 -9.86 -11.88 15.26
CA TYR D 315 -9.06 -13.04 15.52
C TYR D 315 -8.74 -13.70 14.17
N ALA D 316 -7.99 -12.97 13.35
CA ALA D 316 -7.58 -13.41 12.02
C ALA D 316 -6.09 -13.14 11.93
N PRO D 317 -5.34 -14.02 11.25
CA PRO D 317 -3.90 -13.83 11.11
C PRO D 317 -3.42 -12.53 10.46
N GLU D 318 -4.22 -11.94 9.59
CA GLU D 318 -3.84 -10.69 8.92
C GLU D 318 -3.81 -9.54 9.90
N ARG D 319 -4.82 -9.50 10.76
CA ARG D 319 -4.93 -8.44 11.74
C ARG D 319 -3.84 -8.59 12.78
N GLU D 320 -3.64 -9.81 13.26
CA GLU D 320 -2.60 -10.08 14.26
C GLU D 320 -1.21 -9.75 13.71
N ALA D 321 -1.02 -9.93 12.39
CA ALA D 321 0.26 -9.63 11.76
C ALA D 321 0.47 -8.12 11.74
N LEU D 322 -0.52 -7.40 11.24
CA LEU D 322 -0.43 -5.96 11.19
C LEU D 322 -0.25 -5.41 12.62
N GLN D 323 -0.92 -6.05 13.58
CA GLN D 323 -0.84 -5.61 14.97
C GLN D 323 0.60 -5.62 15.45
N ALA D 324 1.40 -6.57 14.96
CA ALA D 324 2.81 -6.67 15.34
C ALA D 324 3.57 -5.43 14.87
N TYR D 325 3.20 -4.91 13.70
CA TYR D 325 3.83 -3.71 13.16
C TYR D 325 3.38 -2.48 13.97
N PHE D 326 2.08 -2.34 14.17
CA PHE D 326 1.54 -1.22 14.92
C PHE D 326 2.02 -1.16 16.36
N ASP D 327 2.12 -2.32 17.01
CA ASP D 327 2.60 -2.34 18.38
C ASP D 327 4.07 -1.91 18.39
N HIS D 328 4.85 -2.39 17.42
CA HIS D 328 6.27 -2.04 17.35
C HIS D 328 6.45 -0.52 17.25
N VAL D 329 5.61 0.12 16.44
CA VAL D 329 5.66 1.56 16.25
C VAL D 329 5.16 2.33 17.49
N ALA D 330 4.01 1.91 18.01
CA ALA D 330 3.38 2.54 19.17
C ALA D 330 4.23 2.51 20.44
N ARG D 331 5.14 1.55 20.50
CA ARG D 331 6.02 1.37 21.64
C ARG D 331 6.78 2.65 21.99
N SER D 332 7.03 3.50 20.98
CA SER D 332 7.75 4.74 21.20
C SER D 332 6.85 5.91 21.57
N VAL D 333 5.54 5.70 21.51
CA VAL D 333 4.61 6.80 21.80
C VAL D 333 4.47 7.05 23.30
N THR D 334 5.43 7.80 23.83
CA THR D 334 5.48 8.16 25.25
C THR D 334 5.57 9.69 25.39
N GLY D 335 4.62 10.29 26.09
CA GLY D 335 4.63 11.72 26.25
C GLY D 335 3.29 12.25 26.71
N VAL D 336 3.06 13.53 26.51
CA VAL D 336 1.82 14.16 26.93
C VAL D 336 1.26 15.09 25.87
N ALA D 337 -0.05 15.03 25.70
CA ALA D 337 -0.74 15.89 24.76
C ALA D 337 -1.62 16.83 25.56
N ARG D 338 -1.70 18.08 25.13
CA ARG D 338 -2.56 19.06 25.80
C ARG D 338 -3.57 19.48 24.74
N LEU D 339 -4.84 19.31 25.06
CA LEU D 339 -5.90 19.64 24.13
C LEU D 339 -6.94 20.58 24.72
N LYS D 340 -7.50 21.44 23.88
CA LYS D 340 -8.53 22.37 24.31
C LYS D 340 -9.89 21.96 23.77
N LEU D 341 -10.84 21.79 24.69
CA LEU D 341 -12.20 21.39 24.36
C LEU D 341 -13.16 22.56 24.36
N TYR D 342 -13.86 22.77 23.25
CA TYR D 342 -14.81 23.87 23.15
C TYR D 342 -15.95 23.64 22.15
N LYS D 343 -17.17 23.49 22.68
CA LYS D 343 -18.37 23.28 21.89
C LYS D 343 -18.22 22.34 20.68
N GLY D 344 -18.15 21.04 20.97
CA GLY D 344 -18.03 20.02 19.94
C GLY D 344 -16.66 19.78 19.32
N ASN D 345 -15.74 20.73 19.51
CA ASN D 345 -14.42 20.61 18.94
C ASN D 345 -13.30 20.24 19.91
N VAL D 346 -12.26 19.58 19.40
CA VAL D 346 -11.09 19.20 20.19
C VAL D 346 -9.86 19.76 19.50
N TYR D 347 -9.14 20.65 20.17
CA TYR D 347 -7.96 21.26 19.57
C TYR D 347 -6.68 20.92 20.31
N VAL D 348 -5.69 20.45 19.56
CA VAL D 348 -4.40 20.16 20.15
C VAL D 348 -3.73 21.51 20.31
N VAL D 349 -3.25 21.83 21.51
CA VAL D 349 -2.58 23.12 21.73
C VAL D 349 -1.15 22.95 22.20
N GLY D 350 -0.79 21.72 22.57
CA GLY D 350 0.57 21.47 23.01
C GLY D 350 0.86 19.99 23.20
N ARG D 351 2.14 19.63 23.13
CA ARG D 351 2.58 18.26 23.33
C ARG D 351 4.03 18.22 23.77
N LYS D 352 4.38 17.20 24.55
CA LYS D 352 5.75 17.04 25.02
C LYS D 352 6.08 15.57 25.19
N ALA D 353 7.36 15.22 25.12
CA ALA D 353 7.78 13.84 25.25
C ALA D 353 9.21 13.71 25.73
N PRO D 354 9.46 12.77 26.65
CA PRO D 354 10.80 12.53 27.20
C PRO D 354 11.83 12.33 26.10
N LYS D 355 11.45 11.62 25.05
CA LYS D 355 12.35 11.37 23.94
C LYS D 355 11.87 12.04 22.66
N SER D 356 11.39 13.27 22.78
CA SER D 356 10.93 13.99 21.60
C SER D 356 12.07 14.08 20.59
N LEU D 357 11.73 13.97 19.31
CA LEU D 357 12.71 14.04 18.24
C LEU D 357 12.77 15.46 17.69
N TYR D 358 11.98 16.35 18.27
CA TYR D 358 11.95 17.74 17.84
C TYR D 358 13.13 18.50 18.45
N ARG D 359 13.76 19.37 17.67
CA ARG D 359 14.89 20.18 18.16
C ARG D 359 14.73 21.58 17.56
N GLN D 360 14.48 22.56 18.41
CA GLN D 360 14.31 23.93 17.94
C GLN D 360 15.54 24.45 17.22
N ASP D 361 16.71 23.96 17.61
CA ASP D 361 17.96 24.40 17.00
C ASP D 361 18.02 24.10 15.49
N LEU D 362 17.19 23.17 15.03
CA LEU D 362 17.17 22.81 13.61
C LEU D 362 16.26 23.73 12.80
N VAL D 363 15.43 24.50 13.49
CA VAL D 363 14.51 25.42 12.83
C VAL D 363 14.78 26.89 13.18
N SER D 364 15.39 27.14 14.32
CA SER D 364 15.69 28.51 14.74
C SER D 364 16.61 29.17 13.74
N PHE D 365 16.33 30.43 13.41
CA PHE D 365 17.19 31.17 12.48
C PHE D 365 18.22 31.97 13.26
N GLY D 370 21.76 21.34 11.58
CA GLY D 370 22.14 19.89 11.40
C GLY D 370 22.87 19.68 10.09
N TYR D 371 22.98 20.75 9.34
CA TYR D 371 23.66 20.72 8.06
C TYR D 371 23.80 22.17 7.64
N ASP D 372 24.52 22.41 6.54
CA ASP D 372 24.66 23.77 6.08
C ASP D 372 23.98 23.99 4.75
N GLN D 373 24.01 25.23 4.31
CA GLN D 373 23.36 25.63 3.08
C GLN D 373 23.66 24.77 1.87
N LYS D 374 24.94 24.53 1.61
CA LYS D 374 25.28 23.73 0.46
C LYS D 374 24.69 22.32 0.52
N ASP D 375 24.48 21.79 1.72
CA ASP D 375 23.92 20.44 1.84
C ASP D 375 22.57 20.37 1.14
N ALA D 376 21.72 21.35 1.41
CA ALA D 376 20.40 21.39 0.80
C ALA D 376 20.52 21.42 -0.73
N GLU D 377 21.49 22.17 -1.25
CA GLU D 377 21.66 22.26 -2.69
C GLU D 377 21.95 20.89 -3.32
N GLY D 378 22.87 20.14 -2.70
CA GLY D 378 23.22 18.83 -3.21
C GLY D 378 22.05 17.85 -3.14
N PHE D 379 21.30 17.93 -2.05
CA PHE D 379 20.13 17.10 -1.83
C PHE D 379 19.18 17.35 -2.99
N ILE D 380 18.94 18.63 -3.27
CA ILE D 380 18.07 19.04 -4.35
C ILE D 380 18.54 18.59 -5.72
N LYS D 381 19.83 18.76 -6.00
CA LYS D 381 20.38 18.35 -7.29
C LYS D 381 20.16 16.86 -7.51
N ILE D 382 20.48 16.05 -6.50
CA ILE D 382 20.32 14.60 -6.57
C ILE D 382 18.86 14.20 -6.78
N GLN D 383 17.96 14.83 -6.03
CA GLN D 383 16.53 14.52 -6.12
C GLN D 383 15.94 14.89 -7.46
N ALA D 384 16.52 15.89 -8.11
CA ALA D 384 16.01 16.39 -9.40
C ALA D 384 16.60 15.69 -10.62
N LEU D 385 17.72 15.01 -10.42
CA LEU D 385 18.41 14.35 -11.51
C LEU D 385 17.50 13.59 -12.47
N ARG D 386 16.64 12.72 -11.95
CA ARG D 386 15.77 11.94 -12.82
C ARG D 386 14.71 12.78 -13.52
N LEU D 387 14.29 13.87 -12.87
CA LEU D 387 13.30 14.75 -13.47
C LEU D 387 13.94 15.51 -14.64
N ARG D 388 15.22 15.86 -14.50
CA ARG D 388 15.92 16.57 -15.55
C ARG D 388 16.19 15.65 -16.75
N VAL D 389 16.55 14.40 -16.48
CA VAL D 389 16.78 13.44 -17.55
C VAL D 389 15.46 13.28 -18.30
N ARG D 390 14.38 13.14 -17.54
CA ARG D 390 13.04 12.99 -18.11
C ARG D 390 12.78 14.14 -19.08
N ALA D 391 12.93 15.36 -18.60
CA ALA D 391 12.70 16.55 -19.42
C ALA D 391 13.62 16.65 -20.62
N LEU D 392 14.88 16.29 -20.45
CA LEU D 392 15.81 16.34 -21.57
C LEU D 392 15.40 15.34 -22.65
N VAL D 393 15.00 14.15 -22.23
CA VAL D 393 14.59 13.12 -23.17
C VAL D 393 13.36 13.59 -23.94
N GLU D 394 12.43 14.22 -23.23
CA GLU D 394 11.22 14.70 -23.87
C GLU D 394 11.64 15.77 -24.88
N ARG D 395 12.91 16.18 -24.81
CA ARG D 395 13.51 17.21 -25.68
C ARG D 395 12.49 18.01 -26.45
#